data_6TR0
#
_entry.id   6TR0
#
_entity_poly.entity_id   1
_entity_poly.type   'polypeptide(L)'
_entity_poly.pdbx_seq_one_letter_code
;AMVGSQMTRQARRLYVGNIPFGITEEAMMDFFNAQMRLGGLTQAPGNPVLAVQINQDKNFAFLEFRSVDETTQAMAFDGI
IFQGQSLKIRRPHDYQPLPGMSENPSVYVPGVVSTVVPDSAHKLFIGGLPNYLNDDQVKELLTSFGPLKAFNLVKDSATG
LSKGYAFCEYVDINVTDQAIAGLNGMQLGDKKLLVQRASVGAKNA
;
_entity_poly.pdbx_strand_id   A
#
# COMPACT_ATOMS: atom_id res chain seq x y z
N ALA A 1 -0.74 31.36 -43.30
CA ALA A 1 -1.79 30.36 -43.56
C ALA A 1 -3.11 31.05 -43.88
N MET A 2 -4.04 30.31 -44.46
CA MET A 2 -5.34 30.85 -44.80
C MET A 2 -6.43 29.83 -44.51
N VAL A 3 -7.23 30.12 -43.48
CA VAL A 3 -8.25 29.20 -43.01
C VAL A 3 -7.59 27.91 -42.53
N GLY A 4 -6.55 28.07 -41.73
CA GLY A 4 -5.83 26.94 -41.18
C GLY A 4 -5.41 27.18 -39.75
N SER A 5 -5.01 26.11 -39.07
CA SER A 5 -4.53 26.21 -37.69
C SER A 5 -5.66 26.65 -36.75
N GLN A 6 -6.90 26.34 -37.14
CA GLN A 6 -8.08 26.77 -36.40
C GLN A 6 -8.15 26.11 -35.02
N MET A 7 -7.84 24.82 -34.96
CA MET A 7 -7.97 24.06 -33.73
C MET A 7 -7.10 24.64 -32.64
N THR A 8 -5.81 24.77 -32.92
CA THR A 8 -4.86 25.23 -31.93
C THR A 8 -5.00 26.73 -31.69
N ARG A 9 -5.61 27.43 -32.64
CA ARG A 9 -5.89 28.84 -32.50
C ARG A 9 -6.78 29.09 -31.28
N GLN A 10 -7.91 28.39 -31.25
CA GLN A 10 -8.87 28.56 -30.17
C GLN A 10 -8.56 27.64 -29.00
N ALA A 11 -7.65 26.68 -29.20
CA ALA A 11 -7.29 25.75 -28.14
C ALA A 11 -6.23 26.34 -27.22
N ARG A 12 -5.36 27.16 -27.80
CA ARG A 12 -4.34 27.86 -27.02
C ARG A 12 -4.81 29.23 -26.60
N ARG A 13 -6.06 29.55 -26.90
CA ARG A 13 -6.58 30.87 -26.61
C ARG A 13 -7.85 30.80 -25.79
N LEU A 14 -7.88 31.56 -24.70
CA LEU A 14 -9.00 31.55 -23.80
C LEU A 14 -9.72 32.90 -23.81
N TYR A 15 -11.00 32.85 -23.50
CA TYR A 15 -11.85 34.04 -23.49
C TYR A 15 -11.73 34.77 -22.16
N VAL A 16 -11.28 36.01 -22.21
CA VAL A 16 -11.11 36.82 -21.01
C VAL A 16 -12.24 37.84 -20.88
N GLY A 17 -12.93 37.80 -19.76
CA GLY A 17 -14.00 38.73 -19.50
C GLY A 17 -13.80 39.47 -18.19
N ASN A 18 -14.72 40.39 -17.91
CA ASN A 18 -14.66 41.22 -16.69
C ASN A 18 -13.46 42.16 -16.76
N ILE A 19 -13.10 42.54 -17.98
CA ILE A 19 -11.99 43.44 -18.20
C ILE A 19 -12.51 44.85 -18.46
N PRO A 20 -11.69 45.86 -18.17
CA PRO A 20 -12.02 47.24 -18.46
C PRO A 20 -11.88 47.55 -19.94
N PHE A 21 -12.90 48.18 -20.51
CA PHE A 21 -12.89 48.51 -21.93
C PHE A 21 -11.82 49.55 -22.21
N GLY A 22 -10.76 49.11 -22.88
CA GLY A 22 -9.63 49.98 -23.14
C GLY A 22 -8.34 49.38 -22.63
N ILE A 23 -8.44 48.17 -22.10
CA ILE A 23 -7.27 47.46 -21.59
C ILE A 23 -6.32 47.11 -22.74
N THR A 24 -5.03 47.13 -22.46
CA THR A 24 -4.03 46.95 -23.49
C THR A 24 -3.40 45.56 -23.41
N GLU A 25 -2.89 45.08 -24.56
CA GLU A 25 -2.25 43.77 -24.64
C GLU A 25 -1.24 43.56 -23.52
N GLU A 26 -0.25 44.45 -23.46
CA GLU A 26 0.83 44.34 -22.48
C GLU A 26 0.30 44.29 -21.05
N ALA A 27 -0.77 45.02 -20.79
CA ALA A 27 -1.35 45.11 -19.46
C ALA A 27 -1.83 43.74 -18.98
N MET A 28 -2.70 43.14 -19.77
CA MET A 28 -3.28 41.85 -19.45
C MET A 28 -2.22 40.76 -19.50
N MET A 29 -1.31 40.91 -20.46
CA MET A 29 -0.24 39.95 -20.67
C MET A 29 0.63 39.81 -19.42
N ASP A 30 1.18 40.93 -18.97
CA ASP A 30 2.11 40.94 -17.84
C ASP A 30 1.45 40.40 -16.57
N PHE A 31 0.17 40.73 -16.39
CA PHE A 31 -0.56 40.28 -15.22
C PHE A 31 -0.62 38.76 -15.15
N PHE A 32 -1.05 38.14 -16.23
CA PHE A 32 -1.15 36.68 -16.30
C PHE A 32 0.22 36.02 -16.22
N ASN A 33 1.20 36.62 -16.90
CA ASN A 33 2.57 36.11 -16.88
C ASN A 33 3.08 36.01 -15.45
N ALA A 34 2.78 37.04 -14.66
CA ALA A 34 3.20 37.09 -13.27
C ALA A 34 2.50 36.01 -12.45
N GLN A 35 1.19 35.88 -12.63
CA GLN A 35 0.39 34.93 -11.85
C GLN A 35 0.90 33.50 -12.05
N MET A 36 1.24 33.14 -13.28
CA MET A 36 1.80 31.83 -13.57
C MET A 36 3.05 31.57 -12.74
N ARG A 37 3.90 32.59 -12.63
CA ARG A 37 5.11 32.49 -11.84
C ARG A 37 4.79 32.34 -10.36
N LEU A 38 3.80 33.10 -9.90
CA LEU A 38 3.42 33.11 -8.49
C LEU A 38 2.86 31.75 -8.07
N GLY A 39 1.92 31.24 -8.84
CA GLY A 39 1.26 29.99 -8.49
C GLY A 39 2.07 28.77 -8.86
N GLY A 40 3.25 29.01 -9.44
CA GLY A 40 4.10 27.91 -9.87
C GLY A 40 3.48 27.13 -11.00
N LEU A 41 2.83 27.85 -11.91
CA LEU A 41 2.14 27.23 -13.02
C LEU A 41 3.04 27.16 -14.24
N THR A 42 3.94 28.14 -14.37
CA THR A 42 4.86 28.20 -15.50
C THR A 42 5.75 26.97 -15.55
N GLN A 43 5.50 26.11 -16.52
CA GLN A 43 6.29 24.90 -16.70
C GLN A 43 7.54 25.19 -17.52
N ALA A 44 7.42 26.18 -18.39
CA ALA A 44 8.55 26.67 -19.16
C ALA A 44 8.96 28.05 -18.65
N PRO A 45 10.25 28.40 -18.73
CA PRO A 45 10.73 29.73 -18.33
C PRO A 45 10.19 30.82 -19.25
N GLY A 46 10.15 32.05 -18.74
CA GLY A 46 9.75 33.17 -19.55
C GLY A 46 8.27 33.49 -19.40
N ASN A 47 7.67 33.97 -20.47
CA ASN A 47 6.27 34.38 -20.44
C ASN A 47 5.37 33.32 -21.09
N PRO A 48 4.43 32.76 -20.31
CA PRO A 48 3.50 31.73 -20.79
C PRO A 48 2.53 32.27 -21.84
N VAL A 49 2.17 33.54 -21.70
CA VAL A 49 1.30 34.18 -22.67
C VAL A 49 2.09 34.49 -23.94
N LEU A 50 1.54 34.08 -25.07
CA LEU A 50 2.22 34.24 -26.34
C LEU A 50 1.74 35.50 -27.05
N ALA A 51 0.42 35.70 -27.06
CA ALA A 51 -0.17 36.85 -27.73
C ALA A 51 -1.50 37.22 -27.11
N VAL A 52 -1.79 38.51 -27.03
CA VAL A 52 -3.06 38.97 -26.50
C VAL A 52 -3.89 39.61 -27.60
N GLN A 53 -5.14 39.21 -27.69
CA GLN A 53 -6.02 39.69 -28.75
C GLN A 53 -7.21 40.43 -28.17
N ILE A 54 -7.33 41.69 -28.49
CA ILE A 54 -8.46 42.49 -28.05
C ILE A 54 -9.31 42.87 -29.26
N ASN A 55 -10.56 42.44 -29.26
CA ASN A 55 -11.48 42.77 -30.34
C ASN A 55 -11.99 44.20 -30.15
N GLN A 56 -11.93 44.97 -31.23
CA GLN A 56 -12.29 46.38 -31.17
C GLN A 56 -13.76 46.57 -30.83
N ASP A 57 -14.01 47.52 -29.94
CA ASP A 57 -15.38 47.87 -29.50
C ASP A 57 -16.06 46.71 -28.79
N LYS A 58 -15.25 45.83 -28.22
CA LYS A 58 -15.77 44.70 -27.46
C LYS A 58 -15.27 44.78 -26.02
N ASN A 59 -16.10 44.38 -25.07
CA ASN A 59 -15.73 44.43 -23.67
C ASN A 59 -15.10 43.12 -23.22
N PHE A 60 -14.37 42.49 -24.13
CA PHE A 60 -13.73 41.21 -23.84
C PHE A 60 -12.46 41.05 -24.68
N ALA A 61 -11.62 40.11 -24.26
CA ALA A 61 -10.37 39.87 -24.94
C ALA A 61 -10.05 38.39 -24.99
N PHE A 62 -9.03 38.03 -25.75
CA PHE A 62 -8.60 36.66 -25.86
C PHE A 62 -7.10 36.55 -25.58
N LEU A 63 -6.72 35.57 -24.78
CA LEU A 63 -5.32 35.36 -24.45
C LEU A 63 -4.82 34.06 -25.04
N GLU A 64 -3.78 34.16 -25.86
CA GLU A 64 -3.19 32.99 -26.49
C GLU A 64 -1.91 32.59 -25.77
N PHE A 65 -1.81 31.32 -25.46
CA PHE A 65 -0.67 30.78 -24.74
C PHE A 65 0.17 29.89 -25.65
N ARG A 66 1.43 29.74 -25.28
CA ARG A 66 2.39 28.94 -26.04
C ARG A 66 2.12 27.45 -25.84
N SER A 67 1.41 27.11 -24.77
CA SER A 67 1.13 25.72 -24.43
C SER A 67 -0.30 25.61 -23.88
N VAL A 68 -1.04 24.61 -24.33
CA VAL A 68 -2.44 24.43 -23.92
C VAL A 68 -2.53 24.10 -22.44
N ASP A 69 -1.53 23.42 -21.91
CA ASP A 69 -1.50 23.08 -20.49
C ASP A 69 -1.27 24.33 -19.64
N GLU A 70 -0.52 25.28 -20.21
CA GLU A 70 -0.33 26.58 -19.56
C GLU A 70 -1.57 27.46 -19.80
N THR A 71 -2.35 27.11 -20.80
CA THR A 71 -3.58 27.82 -21.11
C THR A 71 -4.69 27.45 -20.12
N THR A 72 -4.87 26.15 -19.90
CA THR A 72 -5.97 25.66 -19.08
C THR A 72 -5.85 26.12 -17.63
N GLN A 73 -4.63 26.29 -17.16
CA GLN A 73 -4.38 26.72 -15.78
C GLN A 73 -4.69 28.21 -15.60
N ALA A 74 -4.75 28.94 -16.69
CA ALA A 74 -5.15 30.35 -16.63
C ALA A 74 -6.65 30.45 -16.41
N MET A 75 -7.34 29.37 -16.79
CA MET A 75 -8.78 29.29 -16.62
C MET A 75 -9.14 29.13 -15.15
N ALA A 76 -8.16 28.74 -14.35
CA ALA A 76 -8.35 28.60 -12.91
C ALA A 76 -8.57 29.95 -12.26
N PHE A 77 -8.17 31.01 -12.96
CA PHE A 77 -8.33 32.37 -12.45
C PHE A 77 -9.74 32.89 -12.69
N ASP A 78 -10.63 32.05 -13.22
CA ASP A 78 -12.01 32.46 -13.46
C ASP A 78 -12.73 32.70 -12.15
N GLY A 79 -12.97 33.96 -11.84
CA GLY A 79 -13.69 34.32 -10.64
C GLY A 79 -12.76 34.72 -9.50
N ILE A 80 -11.47 34.79 -9.78
CA ILE A 80 -10.49 35.11 -8.76
C ILE A 80 -10.14 36.60 -8.77
N ILE A 81 -9.72 37.11 -7.62
CA ILE A 81 -9.35 38.51 -7.50
C ILE A 81 -7.83 38.64 -7.36
N PHE A 82 -7.17 38.98 -8.45
CA PHE A 82 -5.74 39.21 -8.41
C PHE A 82 -5.43 40.69 -8.39
N GLN A 83 -4.96 41.17 -7.25
CA GLN A 83 -4.53 42.55 -7.10
C GLN A 83 -5.68 43.51 -7.38
N GLY A 84 -6.89 43.12 -6.97
CA GLY A 84 -8.03 43.99 -7.09
C GLY A 84 -8.84 43.79 -8.34
N GLN A 85 -8.30 43.06 -9.31
CA GLN A 85 -9.04 42.83 -10.54
C GLN A 85 -9.68 41.45 -10.52
N SER A 86 -10.91 41.37 -11.01
CA SER A 86 -11.60 40.10 -11.12
C SER A 86 -11.43 39.56 -12.54
N LEU A 87 -10.95 38.34 -12.65
CA LEU A 87 -10.72 37.73 -13.95
C LEU A 87 -11.79 36.70 -14.25
N LYS A 88 -12.35 36.77 -15.45
CA LYS A 88 -13.32 35.79 -15.90
C LYS A 88 -12.81 35.10 -17.16
N ILE A 89 -12.76 33.78 -17.12
CA ILE A 89 -12.27 33.01 -18.26
C ILE A 89 -13.27 31.93 -18.63
N ARG A 90 -13.66 31.91 -19.89
CA ARG A 90 -14.64 30.94 -20.37
C ARG A 90 -13.93 29.78 -21.05
N ARG A 91 -14.50 28.60 -20.90
CA ARG A 91 -13.94 27.38 -21.48
C ARG A 91 -14.51 27.16 -22.88
N PRO A 92 -13.68 27.31 -23.92
CA PRO A 92 -14.10 27.04 -25.29
C PRO A 92 -14.27 25.55 -25.52
N HIS A 93 -15.45 25.14 -25.93
CA HIS A 93 -15.75 23.72 -26.11
C HIS A 93 -15.52 23.29 -27.55
N ASP A 94 -14.62 24.00 -28.23
CA ASP A 94 -14.27 23.69 -29.60
C ASP A 94 -13.05 22.79 -29.64
N TYR A 95 -12.52 22.48 -28.47
CA TYR A 95 -11.37 21.60 -28.34
C TYR A 95 -11.45 20.87 -27.01
N GLN A 96 -10.55 19.93 -26.80
CA GLN A 96 -10.51 19.18 -25.55
C GLN A 96 -9.11 19.19 -24.94
N PRO A 97 -8.95 19.80 -23.75
CA PRO A 97 -7.69 19.77 -23.01
C PRO A 97 -7.42 18.40 -22.41
N LEU A 98 -6.18 17.96 -22.48
CA LEU A 98 -5.78 16.68 -21.91
C LEU A 98 -5.13 16.91 -20.56
N PRO A 99 -5.64 16.24 -19.52
CA PRO A 99 -5.15 16.41 -18.15
C PRO A 99 -3.68 16.04 -18.01
N GLY A 100 -2.94 16.86 -17.27
CA GLY A 100 -1.51 16.63 -17.12
C GLY A 100 -1.21 15.59 -16.06
N MET A 101 -1.78 14.41 -16.23
CA MET A 101 -1.58 13.31 -15.29
C MET A 101 -0.70 12.26 -15.92
N SER A 102 0.38 11.91 -15.25
CA SER A 102 1.28 10.89 -15.77
C SER A 102 0.83 9.51 -15.34
N GLU A 103 0.53 8.66 -16.32
CA GLU A 103 0.04 7.31 -16.05
C GLU A 103 1.06 6.50 -15.27
N ASN A 104 0.58 5.82 -14.26
CA ASN A 104 1.43 4.99 -13.42
C ASN A 104 1.62 3.61 -14.05
N PRO A 105 2.87 3.14 -14.14
CA PRO A 105 3.16 1.77 -14.53
C PRO A 105 2.81 0.81 -13.40
N SER A 106 2.96 -0.48 -13.66
CA SER A 106 2.67 -1.51 -12.66
C SER A 106 3.81 -1.61 -11.65
N VAL A 107 4.07 -0.52 -10.94
CA VAL A 107 5.17 -0.45 -10.00
C VAL A 107 4.69 -0.83 -8.59
N TYR A 108 3.63 -1.61 -8.55
CA TYR A 108 3.09 -2.09 -7.31
C TYR A 108 2.83 -3.58 -7.38
N VAL A 109 2.71 -4.20 -6.22
CA VAL A 109 2.41 -5.62 -6.14
C VAL A 109 1.02 -5.82 -5.54
N PRO A 110 0.09 -6.40 -6.31
CA PRO A 110 -1.26 -6.68 -5.82
C PRO A 110 -1.24 -7.69 -4.68
N GLY A 111 -1.85 -7.33 -3.56
CA GLY A 111 -1.87 -8.18 -2.41
C GLY A 111 -1.09 -7.56 -1.27
N VAL A 112 -0.58 -6.37 -1.51
CA VAL A 112 0.17 -5.63 -0.51
C VAL A 112 -0.17 -4.14 -0.66
N VAL A 113 0.52 -3.27 0.07
CA VAL A 113 0.29 -1.84 -0.04
C VAL A 113 0.64 -1.36 -1.45
N SER A 114 -0.31 -0.67 -2.08
CA SER A 114 -0.12 -0.19 -3.44
C SER A 114 0.67 1.12 -3.46
N THR A 115 1.43 1.34 -4.51
CA THR A 115 2.22 2.56 -4.64
C THR A 115 1.47 3.64 -5.40
N VAL A 116 0.14 3.50 -5.45
CA VAL A 116 -0.70 4.47 -6.11
C VAL A 116 -1.81 4.93 -5.18
N VAL A 117 -1.74 6.19 -4.81
CA VAL A 117 -2.70 6.75 -3.88
C VAL A 117 -3.66 7.69 -4.61
N PRO A 118 -4.92 7.27 -4.79
CA PRO A 118 -5.94 8.09 -5.43
C PRO A 118 -6.28 9.32 -4.60
N ASP A 119 -6.74 10.37 -5.26
CA ASP A 119 -7.13 11.59 -4.57
C ASP A 119 -8.55 11.45 -4.08
N SER A 120 -8.68 10.76 -2.97
CA SER A 120 -9.96 10.53 -2.35
C SER A 120 -10.29 11.68 -1.40
N ALA A 121 -11.42 11.57 -0.70
CA ALA A 121 -11.78 12.54 0.31
C ALA A 121 -11.05 12.24 1.62
N HIS A 122 -10.23 11.19 1.59
CA HIS A 122 -9.45 10.80 2.74
C HIS A 122 -7.97 10.77 2.37
N LYS A 123 -7.61 11.64 1.43
CA LYS A 123 -6.25 11.73 0.92
C LYS A 123 -5.33 12.32 1.99
N LEU A 124 -4.18 11.70 2.19
CA LEU A 124 -3.29 12.09 3.27
C LEU A 124 -1.91 12.46 2.73
N PHE A 125 -1.31 13.48 3.34
CA PHE A 125 0.02 13.91 2.98
C PHE A 125 0.95 13.78 4.17
N ILE A 126 2.10 13.16 3.95
CA ILE A 126 3.12 13.02 4.98
C ILE A 126 4.39 13.73 4.54
N GLY A 127 4.88 14.62 5.38
CA GLY A 127 6.10 15.35 5.09
C GLY A 127 7.08 15.30 6.24
N GLY A 128 8.30 15.72 6.02
CA GLY A 128 9.29 15.73 7.09
C GLY A 128 10.15 14.49 7.09
N LEU A 129 9.96 13.66 6.07
CA LEU A 129 10.58 12.35 6.02
C LEU A 129 12.08 12.44 5.78
N PRO A 130 12.87 11.70 6.57
CA PRO A 130 14.32 11.60 6.39
C PRO A 130 14.68 11.04 5.02
N ASN A 131 15.64 11.68 4.37
CA ASN A 131 16.04 11.36 3.00
C ASN A 131 16.55 9.93 2.87
N TYR A 132 17.00 9.34 3.96
CA TYR A 132 17.55 7.99 3.93
C TYR A 132 16.47 6.94 4.17
N LEU A 133 15.22 7.36 4.28
CA LEU A 133 14.10 6.43 4.45
C LEU A 133 13.20 6.48 3.22
N ASN A 134 12.73 5.32 2.78
CA ASN A 134 11.80 5.25 1.66
C ASN A 134 10.41 4.95 2.17
N ASP A 135 9.46 4.81 1.25
CA ASP A 135 8.08 4.51 1.59
C ASP A 135 7.98 3.31 2.54
N ASP A 136 8.77 2.27 2.28
CA ASP A 136 8.72 1.05 3.09
C ASP A 136 9.12 1.34 4.53
N GLN A 137 10.23 2.04 4.70
CA GLN A 137 10.72 2.38 6.04
C GLN A 137 9.74 3.33 6.74
N VAL A 138 9.22 4.28 5.97
CA VAL A 138 8.29 5.27 6.51
C VAL A 138 6.94 4.64 6.89
N LYS A 139 6.55 3.57 6.20
CA LYS A 139 5.31 2.86 6.53
C LYS A 139 5.27 2.47 7.99
N GLU A 140 6.42 2.03 8.51
CA GLU A 140 6.52 1.61 9.90
C GLU A 140 6.00 2.69 10.87
N LEU A 141 6.19 3.95 10.52
CA LEU A 141 5.73 5.04 11.36
C LEU A 141 4.21 5.20 11.25
N LEU A 142 3.70 5.06 10.04
CA LEU A 142 2.27 5.25 9.78
C LEU A 142 1.46 4.03 10.25
N THR A 143 2.03 2.84 10.04
CA THR A 143 1.37 1.58 10.39
C THR A 143 1.18 1.43 11.90
N SER A 144 1.85 2.30 12.66
CA SER A 144 1.73 2.30 14.11
C SER A 144 0.26 2.38 14.55
N PHE A 145 -0.55 3.08 13.77
CA PHE A 145 -1.97 3.22 14.07
C PHE A 145 -2.79 2.27 13.19
N GLY A 146 -2.43 2.17 11.93
CA GLY A 146 -3.14 1.28 11.04
C GLY A 146 -2.39 1.04 9.75
N PRO A 147 -2.74 -0.02 9.02
CA PRO A 147 -2.10 -0.36 7.75
C PRO A 147 -2.60 0.54 6.61
N LEU A 148 -1.80 0.58 5.55
CA LEU A 148 -2.11 1.43 4.41
C LEU A 148 -2.49 0.58 3.20
N LYS A 149 -3.53 1.02 2.51
CA LYS A 149 -3.95 0.36 1.28
C LYS A 149 -3.06 0.82 0.13
N ALA A 150 -2.54 2.03 0.29
CA ALA A 150 -1.74 2.67 -0.73
C ALA A 150 -0.80 3.68 -0.10
N PHE A 151 0.48 3.52 -0.36
CA PHE A 151 1.48 4.45 0.12
C PHE A 151 2.51 4.71 -0.96
N ASN A 152 2.53 5.92 -1.46
CA ASN A 152 3.48 6.31 -2.49
C ASN A 152 4.36 7.44 -1.99
N LEU A 153 5.65 7.18 -1.87
CA LEU A 153 6.61 8.21 -1.49
C LEU A 153 7.23 8.79 -2.75
N VAL A 154 7.11 10.10 -2.90
CA VAL A 154 7.60 10.76 -4.10
C VAL A 154 9.10 11.02 -3.99
N LYS A 155 9.87 10.25 -4.73
CA LYS A 155 11.31 10.44 -4.79
C LYS A 155 11.66 11.29 -6.01
N ASP A 156 12.83 11.90 -5.99
CA ASP A 156 13.23 12.74 -7.11
C ASP A 156 14.09 11.94 -8.08
N SER A 157 13.78 12.06 -9.36
CA SER A 157 14.46 11.28 -10.39
C SER A 157 15.89 11.78 -10.60
N ALA A 158 16.18 12.99 -10.16
CA ALA A 158 17.50 13.57 -10.33
C ALA A 158 18.42 13.22 -9.18
N THR A 159 17.85 13.01 -8.01
CA THR A 159 18.64 12.68 -6.84
C THR A 159 18.64 11.18 -6.57
N GLY A 160 17.56 10.52 -6.98
CA GLY A 160 17.39 9.11 -6.70
C GLY A 160 17.02 8.88 -5.26
N LEU A 161 16.60 9.95 -4.60
CA LEU A 161 16.38 9.94 -3.16
C LEU A 161 14.99 10.45 -2.80
N SER A 162 14.52 10.06 -1.63
CA SER A 162 13.26 10.51 -1.09
C SER A 162 13.31 12.01 -0.82
N LYS A 163 12.39 12.75 -1.42
CA LYS A 163 12.36 14.21 -1.23
C LYS A 163 11.97 14.56 0.19
N GLY A 164 11.35 13.60 0.88
CA GLY A 164 10.96 13.80 2.25
C GLY A 164 9.47 13.99 2.42
N TYR A 165 8.69 13.43 1.50
CA TYR A 165 7.24 13.54 1.56
C TYR A 165 6.59 12.41 0.78
N ALA A 166 5.43 11.99 1.26
CA ALA A 166 4.71 10.88 0.66
C ALA A 166 3.21 11.05 0.82
N PHE A 167 2.45 10.20 0.14
CA PHE A 167 1.00 10.22 0.26
C PHE A 167 0.50 8.82 0.62
N CYS A 168 -0.43 8.75 1.55
CA CYS A 168 -0.96 7.46 1.98
C CYS A 168 -2.48 7.50 2.05
N GLU A 169 -3.08 6.33 2.17
CA GLU A 169 -4.49 6.20 2.43
C GLU A 169 -4.71 5.00 3.35
N TYR A 170 -5.28 5.24 4.53
CA TYR A 170 -5.50 4.17 5.50
C TYR A 170 -6.65 3.28 5.08
N VAL A 171 -6.53 2.00 5.42
CA VAL A 171 -7.51 0.98 5.04
C VAL A 171 -8.85 1.22 5.71
N ASP A 172 -8.82 1.80 6.91
CA ASP A 172 -10.05 2.12 7.61
C ASP A 172 -10.16 3.63 7.79
N ILE A 173 -11.38 4.12 7.87
CA ILE A 173 -11.64 5.55 7.89
C ILE A 173 -11.52 6.13 9.29
N ASN A 174 -11.64 5.28 10.31
CA ASN A 174 -11.54 5.77 11.69
C ASN A 174 -10.09 6.06 12.03
N VAL A 175 -9.21 5.18 11.57
CA VAL A 175 -7.79 5.32 11.87
C VAL A 175 -7.20 6.52 11.14
N THR A 176 -7.89 6.98 10.10
CA THR A 176 -7.47 8.13 9.33
C THR A 176 -7.20 9.34 10.23
N ASP A 177 -8.19 9.75 11.02
CA ASP A 177 -8.05 10.93 11.86
C ASP A 177 -7.32 10.59 13.15
N GLN A 178 -7.35 9.32 13.54
CA GLN A 178 -6.67 8.89 14.76
C GLN A 178 -5.17 8.84 14.58
N ALA A 179 -4.73 8.49 13.38
CA ALA A 179 -3.32 8.42 13.06
C ALA A 179 -2.74 9.81 12.90
N ILE A 180 -3.39 10.64 12.09
CA ILE A 180 -2.92 12.00 11.84
C ILE A 180 -2.91 12.80 13.14
N ALA A 181 -3.69 12.35 14.10
CA ALA A 181 -3.78 12.98 15.41
C ALA A 181 -2.45 12.89 16.14
N GLY A 182 -1.85 11.70 16.13
CA GLY A 182 -0.62 11.49 16.87
C GLY A 182 0.62 11.59 16.00
N LEU A 183 0.51 11.17 14.74
CA LEU A 183 1.66 11.15 13.84
C LEU A 183 2.11 12.55 13.46
N ASN A 184 1.17 13.46 13.32
CA ASN A 184 1.50 14.84 12.97
C ASN A 184 2.22 15.52 14.11
N GLY A 185 3.50 15.77 13.90
CA GLY A 185 4.31 16.42 14.92
C GLY A 185 5.33 15.47 15.52
N MET A 186 5.37 14.25 15.01
CA MET A 186 6.34 13.26 15.49
C MET A 186 7.76 13.75 15.25
N GLN A 187 8.49 13.98 16.34
CA GLN A 187 9.84 14.48 16.25
C GLN A 187 10.80 13.32 16.05
N LEU A 188 11.05 12.98 14.80
CA LEU A 188 11.93 11.89 14.47
C LEU A 188 13.24 12.42 13.91
N GLY A 189 14.33 12.10 14.58
CA GLY A 189 15.63 12.57 14.17
C GLY A 189 15.76 14.07 14.36
N ASP A 190 15.82 14.79 13.25
CA ASP A 190 15.97 16.24 13.30
C ASP A 190 14.66 16.94 12.93
N LYS A 191 13.73 16.19 12.38
CA LYS A 191 12.51 16.76 11.85
C LYS A 191 11.28 16.31 12.63
N LYS A 192 10.30 17.20 12.70
CA LYS A 192 8.96 16.82 13.11
C LYS A 192 8.15 16.50 11.87
N LEU A 193 7.65 15.27 11.80
CA LEU A 193 6.95 14.82 10.62
C LEU A 193 5.58 15.48 10.52
N LEU A 194 5.31 16.05 9.35
CA LEU A 194 4.00 16.63 9.08
C LEU A 194 3.09 15.56 8.52
N VAL A 195 1.95 15.38 9.15
CA VAL A 195 0.98 14.42 8.70
C VAL A 195 -0.38 15.09 8.64
N GLN A 196 -0.87 15.34 7.44
CA GLN A 196 -2.03 16.18 7.26
C GLN A 196 -2.91 15.66 6.13
N ARG A 197 -4.22 15.79 6.28
CA ARG A 197 -5.16 15.40 5.25
C ARG A 197 -5.07 16.35 4.06
N ALA A 198 -4.69 15.82 2.92
CA ALA A 198 -4.47 16.63 1.72
C ALA A 198 -5.79 17.02 1.09
N SER A 199 -6.88 16.46 1.60
CA SER A 199 -8.22 16.74 1.08
C SER A 199 -8.74 18.09 1.59
N VAL A 200 -7.88 18.86 2.24
CA VAL A 200 -8.24 20.19 2.71
C VAL A 200 -7.76 21.26 1.74
N GLY A 201 -7.09 20.83 0.68
CA GLY A 201 -6.49 21.76 -0.25
C GLY A 201 -4.99 21.77 -0.13
N ALA A 202 -4.34 20.78 -0.75
CA ALA A 202 -2.90 20.63 -0.66
C ALA A 202 -2.17 21.67 -1.50
N LYS A 203 -1.84 22.79 -0.86
CA LYS A 203 -1.08 23.88 -1.50
C LYS A 203 -1.84 24.48 -2.68
N ASN A 204 -3.15 24.32 -2.68
CA ASN A 204 -4.00 24.84 -3.75
C ASN A 204 -5.47 24.75 -3.37
N ALA A 205 -6.21 25.83 -3.59
CA ALA A 205 -7.62 25.87 -3.26
C ALA A 205 -8.43 26.18 -4.52
N ALA A 1 8.58 -30.80 -31.18
CA ALA A 1 8.06 -29.83 -30.19
C ALA A 1 7.14 -28.81 -30.86
N MET A 2 7.54 -28.34 -32.04
CA MET A 2 6.79 -27.31 -32.75
C MET A 2 5.57 -27.90 -33.44
N VAL A 3 5.81 -28.83 -34.37
CA VAL A 3 4.72 -29.46 -35.12
C VAL A 3 3.92 -28.40 -35.88
N GLY A 4 4.57 -27.74 -36.83
CA GLY A 4 3.93 -26.69 -37.58
C GLY A 4 3.78 -25.43 -36.75
N SER A 5 4.86 -25.01 -36.12
CA SER A 5 4.86 -23.80 -35.31
C SER A 5 6.16 -23.04 -35.49
N GLN A 6 6.82 -23.26 -36.62
CA GLN A 6 8.09 -22.61 -36.92
C GLN A 6 7.89 -21.12 -37.18
N MET A 7 6.65 -20.73 -37.38
CA MET A 7 6.34 -19.32 -37.58
C MET A 7 6.10 -18.62 -36.26
N THR A 8 5.18 -19.14 -35.47
CA THR A 8 4.73 -18.48 -34.25
C THR A 8 5.81 -18.47 -33.16
N ARG A 9 6.89 -19.21 -33.37
CA ARG A 9 7.98 -19.28 -32.39
C ARG A 9 8.60 -17.90 -32.17
N GLN A 10 8.46 -17.00 -33.13
CA GLN A 10 8.93 -15.62 -32.96
C GLN A 10 7.86 -14.76 -32.31
N ALA A 11 6.60 -15.02 -32.62
CA ALA A 11 5.49 -14.25 -32.07
C ALA A 11 5.29 -14.57 -30.59
N ARG A 12 5.58 -15.81 -30.22
CA ARG A 12 5.47 -16.23 -28.83
C ARG A 12 6.70 -15.80 -28.03
N ARG A 13 7.61 -15.09 -28.69
CA ARG A 13 8.87 -14.75 -28.06
C ARG A 13 9.10 -13.25 -28.01
N LEU A 14 9.46 -12.77 -26.82
CA LEU A 14 9.64 -11.35 -26.60
C LEU A 14 11.08 -11.04 -26.18
N TYR A 15 11.50 -9.81 -26.45
CA TYR A 15 12.85 -9.34 -26.15
C TYR A 15 12.96 -8.93 -24.68
N VAL A 16 13.90 -9.53 -23.97
CA VAL A 16 14.11 -9.22 -22.56
C VAL A 16 15.44 -8.50 -22.34
N GLY A 17 15.39 -7.41 -21.60
CA GLY A 17 16.60 -6.67 -21.30
C GLY A 17 16.78 -6.49 -19.81
N ASN A 18 17.89 -5.86 -19.43
CA ASN A 18 18.25 -5.61 -18.03
C ASN A 18 18.58 -6.93 -17.33
N ILE A 19 19.24 -7.81 -18.06
CA ILE A 19 19.61 -9.10 -17.52
C ILE A 19 21.11 -9.18 -17.31
N PRO A 20 21.54 -9.98 -16.33
CA PRO A 20 22.95 -10.22 -16.06
C PRO A 20 23.56 -11.21 -17.04
N PHE A 21 24.70 -10.85 -17.62
CA PHE A 21 25.38 -11.71 -18.56
C PHE A 21 25.85 -12.97 -17.84
N GLY A 22 25.36 -14.12 -18.28
CA GLY A 22 25.66 -15.36 -17.60
C GLY A 22 24.42 -15.98 -17.00
N ILE A 23 23.30 -15.27 -17.12
CA ILE A 23 22.03 -15.77 -16.63
C ILE A 23 21.61 -17.02 -17.41
N THR A 24 20.93 -17.92 -16.74
CA THR A 24 20.57 -19.20 -17.34
C THR A 24 19.08 -19.23 -17.70
N GLU A 25 18.71 -20.09 -18.64
CA GLU A 25 17.32 -20.26 -19.07
C GLU A 25 16.38 -20.40 -17.87
N GLU A 26 16.63 -21.43 -17.07
CA GLU A 26 15.75 -21.78 -15.97
C GLU A 26 15.71 -20.69 -14.89
N ALA A 27 16.74 -19.85 -14.86
CA ALA A 27 16.79 -18.76 -13.90
C ALA A 27 15.71 -17.73 -14.20
N MET A 28 15.70 -17.27 -15.44
CA MET A 28 14.73 -16.27 -15.88
C MET A 28 13.36 -16.91 -16.08
N MET A 29 13.39 -18.16 -16.53
CA MET A 29 12.18 -18.92 -16.80
C MET A 29 11.33 -19.06 -15.53
N ASP A 30 11.99 -19.40 -14.43
CA ASP A 30 11.33 -19.55 -13.15
C ASP A 30 10.64 -18.25 -12.74
N PHE A 31 11.35 -17.14 -12.93
CA PHE A 31 10.80 -15.83 -12.59
C PHE A 31 9.57 -15.50 -13.42
N PHE A 32 9.70 -15.55 -14.73
CA PHE A 32 8.59 -15.22 -15.62
C PHE A 32 7.39 -16.12 -15.36
N ASN A 33 7.63 -17.41 -15.17
CA ASN A 33 6.57 -18.37 -14.88
C ASN A 33 5.84 -18.01 -13.59
N ALA A 34 6.57 -17.45 -12.64
CA ALA A 34 6.00 -17.08 -11.35
C ALA A 34 5.23 -15.77 -11.45
N GLN A 35 5.72 -14.85 -12.27
CA GLN A 35 5.12 -13.53 -12.38
C GLN A 35 3.67 -13.62 -12.87
N MET A 36 3.43 -14.54 -13.79
CA MET A 36 2.08 -14.76 -14.31
C MET A 36 1.13 -15.18 -13.19
N ARG A 37 1.65 -15.94 -12.25
CA ARG A 37 0.86 -16.44 -11.13
C ARG A 37 0.67 -15.33 -10.09
N LEU A 38 1.59 -14.37 -10.07
CA LEU A 38 1.49 -13.24 -9.17
C LEU A 38 0.45 -12.24 -9.67
N GLY A 39 0.46 -12.01 -10.98
CA GLY A 39 -0.47 -11.07 -11.57
C GLY A 39 -1.79 -11.72 -11.96
N GLY A 40 -1.86 -13.03 -11.82
CA GLY A 40 -3.07 -13.75 -12.18
C GLY A 40 -3.30 -13.74 -13.68
N LEU A 41 -2.21 -13.81 -14.43
CA LEU A 41 -2.28 -13.72 -15.88
C LEU A 41 -2.36 -15.11 -16.50
N THR A 42 -1.90 -16.11 -15.75
CA THR A 42 -1.87 -17.48 -16.23
C THR A 42 -3.27 -17.98 -16.60
N GLN A 43 -3.51 -18.14 -17.89
CA GLN A 43 -4.81 -18.59 -18.37
C GLN A 43 -4.86 -20.12 -18.41
N ALA A 44 -3.71 -20.72 -18.70
CA ALA A 44 -3.61 -22.16 -18.73
C ALA A 44 -2.84 -22.66 -17.52
N PRO A 45 -3.13 -23.88 -17.05
CA PRO A 45 -2.45 -24.47 -15.90
C PRO A 45 -0.97 -24.74 -16.19
N GLY A 46 -0.15 -24.65 -15.15
CA GLY A 46 1.27 -24.94 -15.31
C GLY A 46 2.08 -23.69 -15.58
N ASN A 47 3.12 -23.85 -16.40
CA ASN A 47 4.03 -22.75 -16.70
C ASN A 47 3.73 -22.14 -18.07
N PRO A 48 3.50 -20.82 -18.11
CA PRO A 48 3.19 -20.10 -19.36
C PRO A 48 4.37 -20.07 -20.34
N VAL A 49 5.58 -20.08 -19.80
CA VAL A 49 6.78 -20.04 -20.64
C VAL A 49 7.06 -21.40 -21.26
N LEU A 50 7.37 -21.39 -22.55
CA LEU A 50 7.71 -22.59 -23.28
C LEU A 50 9.20 -22.83 -23.21
N ALA A 51 9.96 -21.79 -23.52
CA ALA A 51 11.42 -21.87 -23.54
C ALA A 51 12.01 -20.48 -23.43
N VAL A 52 13.32 -20.43 -23.27
CA VAL A 52 14.03 -19.16 -23.16
C VAL A 52 15.39 -19.26 -23.84
N GLN A 53 15.78 -18.22 -24.55
CA GLN A 53 17.04 -18.21 -25.29
C GLN A 53 17.92 -17.06 -24.83
N ILE A 54 19.17 -17.37 -24.47
CA ILE A 54 20.11 -16.35 -24.07
C ILE A 54 21.16 -16.16 -25.16
N ASN A 55 21.36 -14.93 -25.58
CA ASN A 55 22.30 -14.62 -26.64
C ASN A 55 23.70 -14.49 -26.06
N GLN A 56 24.55 -15.47 -26.34
CA GLN A 56 25.88 -15.54 -25.76
C GLN A 56 26.79 -14.44 -26.30
N ASP A 57 26.45 -13.93 -27.47
CA ASP A 57 27.24 -12.89 -28.12
C ASP A 57 26.63 -11.51 -27.85
N LYS A 58 25.61 -11.49 -27.02
CA LYS A 58 24.89 -10.25 -26.72
C LYS A 58 24.73 -10.09 -25.21
N ASN A 59 23.94 -9.11 -24.81
CA ASN A 59 23.66 -8.88 -23.40
C ASN A 59 22.16 -8.83 -23.15
N PHE A 60 21.42 -9.57 -23.97
CA PHE A 60 19.97 -9.65 -23.85
C PHE A 60 19.48 -11.04 -24.19
N ALA A 61 18.24 -11.33 -23.82
CA ALA A 61 17.67 -12.65 -24.01
C ALA A 61 16.29 -12.57 -24.65
N PHE A 62 15.78 -13.72 -25.04
CA PHE A 62 14.44 -13.82 -25.60
C PHE A 62 13.64 -14.87 -24.85
N LEU A 63 12.41 -14.52 -24.49
CA LEU A 63 11.55 -15.42 -23.74
C LEU A 63 10.42 -15.91 -24.62
N GLU A 64 10.22 -17.22 -24.65
CA GLU A 64 9.24 -17.82 -25.55
C GLU A 64 8.14 -18.49 -24.75
N PHE A 65 6.90 -18.18 -25.09
CA PHE A 65 5.75 -18.66 -24.37
C PHE A 65 4.99 -19.70 -25.19
N ARG A 66 4.10 -20.42 -24.52
CA ARG A 66 3.29 -21.46 -25.16
C ARG A 66 2.09 -20.82 -25.87
N SER A 67 1.79 -19.59 -25.49
CA SER A 67 0.66 -18.87 -26.02
C SER A 67 1.06 -17.43 -26.27
N VAL A 68 0.73 -16.91 -27.45
CA VAL A 68 1.04 -15.52 -27.78
C VAL A 68 0.29 -14.57 -26.86
N ASP A 69 -0.85 -15.02 -26.37
CA ASP A 69 -1.65 -14.25 -25.43
C ASP A 69 -0.94 -14.15 -24.08
N GLU A 70 -0.20 -15.19 -23.73
CA GLU A 70 0.59 -15.19 -22.50
C GLU A 70 1.92 -14.48 -22.73
N THR A 71 2.32 -14.38 -23.99
CA THR A 71 3.49 -13.63 -24.38
C THR A 71 3.23 -12.12 -24.25
N THR A 72 2.13 -11.66 -24.84
CA THR A 72 1.80 -10.23 -24.85
C THR A 72 1.64 -9.68 -23.44
N GLN A 73 1.06 -10.48 -22.55
CA GLN A 73 0.83 -10.05 -21.17
C GLN A 73 2.14 -9.98 -20.40
N ALA A 74 3.16 -10.67 -20.88
CA ALA A 74 4.49 -10.60 -20.27
C ALA A 74 5.18 -9.31 -20.64
N MET A 75 4.83 -8.79 -21.81
CA MET A 75 5.40 -7.54 -22.31
C MET A 75 4.85 -6.37 -21.52
N ALA A 76 3.79 -6.63 -20.76
CA ALA A 76 3.19 -5.62 -19.90
C ALA A 76 4.11 -5.28 -18.73
N PHE A 77 5.01 -6.20 -18.41
CA PHE A 77 5.96 -5.99 -17.31
C PHE A 77 7.11 -5.07 -17.72
N ASP A 78 7.06 -4.55 -18.94
CA ASP A 78 8.10 -3.64 -19.41
C ASP A 78 8.07 -2.34 -18.61
N GLY A 79 9.06 -2.17 -17.74
CA GLY A 79 9.15 -0.97 -16.94
C GLY A 79 8.59 -1.15 -15.55
N ILE A 80 8.38 -2.40 -15.14
CA ILE A 80 7.82 -2.68 -13.82
C ILE A 80 8.90 -3.26 -12.91
N ILE A 81 8.74 -3.07 -11.62
CA ILE A 81 9.69 -3.58 -10.63
C ILE A 81 9.10 -4.78 -9.90
N PHE A 82 9.52 -5.97 -10.29
CA PHE A 82 9.13 -7.19 -9.60
C PHE A 82 10.32 -7.83 -8.92
N GLN A 83 10.16 -8.16 -7.65
CA GLN A 83 11.21 -8.85 -6.88
C GLN A 83 12.49 -8.03 -6.81
N GLY A 84 12.37 -6.72 -7.01
CA GLY A 84 13.53 -5.86 -6.98
C GLY A 84 14.19 -5.68 -8.34
N GLN A 85 13.80 -6.50 -9.30
CA GLN A 85 14.40 -6.44 -10.63
C GLN A 85 13.52 -5.62 -11.57
N SER A 86 14.14 -4.82 -12.42
CA SER A 86 13.42 -4.03 -13.39
C SER A 86 13.34 -4.79 -14.71
N LEU A 87 12.13 -5.10 -15.14
CA LEU A 87 11.95 -5.89 -16.35
C LEU A 87 11.79 -4.97 -17.55
N LYS A 88 12.57 -5.23 -18.59
CA LYS A 88 12.49 -4.48 -19.83
C LYS A 88 12.16 -5.40 -20.99
N ILE A 89 11.07 -5.11 -21.69
CA ILE A 89 10.65 -5.93 -22.81
C ILE A 89 10.42 -5.04 -24.03
N ARG A 90 11.07 -5.39 -25.13
CA ARG A 90 10.91 -4.64 -26.37
C ARG A 90 9.94 -5.37 -27.28
N ARG A 91 9.20 -4.62 -28.08
CA ARG A 91 8.17 -5.19 -28.95
C ARG A 91 8.73 -5.48 -30.34
N PRO A 92 8.90 -6.77 -30.67
CA PRO A 92 9.31 -7.19 -32.00
C PRO A 92 8.16 -7.05 -32.98
N HIS A 93 8.40 -6.35 -34.09
CA HIS A 93 7.35 -6.08 -35.08
C HIS A 93 7.09 -7.29 -35.97
N ASP A 94 6.81 -8.42 -35.33
CA ASP A 94 6.37 -9.61 -36.02
C ASP A 94 4.85 -9.64 -35.97
N TYR A 95 4.31 -9.06 -34.91
CA TYR A 95 2.88 -8.93 -34.71
C TYR A 95 2.64 -7.71 -33.83
N GLN A 96 1.39 -7.36 -33.61
CA GLN A 96 1.08 -6.22 -32.75
C GLN A 96 0.48 -6.69 -31.43
N PRO A 97 1.28 -6.70 -30.35
CA PRO A 97 0.81 -7.11 -29.03
C PRO A 97 -0.23 -6.14 -28.46
N LEU A 98 -1.26 -6.72 -27.84
CA LEU A 98 -2.34 -5.93 -27.27
C LEU A 98 -2.69 -6.44 -25.87
N PRO A 99 -3.28 -5.59 -25.02
CA PRO A 99 -3.71 -5.97 -23.67
C PRO A 99 -4.94 -6.86 -23.69
N GLY A 100 -4.73 -8.13 -24.00
CA GLY A 100 -5.82 -9.07 -24.07
C GLY A 100 -6.36 -9.44 -22.70
N MET A 101 -7.51 -8.90 -22.36
CA MET A 101 -8.14 -9.19 -21.08
C MET A 101 -9.65 -9.11 -21.20
N SER A 102 -10.34 -9.85 -20.35
CA SER A 102 -11.79 -9.91 -20.40
C SER A 102 -12.41 -9.31 -19.15
N GLU A 103 -11.91 -8.13 -18.76
CA GLU A 103 -12.39 -7.40 -17.58
C GLU A 103 -11.99 -8.13 -16.30
N ASN A 104 -11.24 -7.46 -15.45
CA ASN A 104 -10.80 -8.05 -14.19
C ASN A 104 -11.86 -7.87 -13.12
N PRO A 105 -12.29 -8.98 -12.50
CA PRO A 105 -13.33 -8.97 -11.46
C PRO A 105 -12.92 -8.18 -10.22
N SER A 106 -11.79 -8.56 -9.65
CA SER A 106 -11.29 -7.90 -8.44
C SER A 106 -9.80 -8.12 -8.28
N VAL A 107 -8.99 -7.20 -8.82
CA VAL A 107 -7.56 -7.25 -8.61
C VAL A 107 -7.20 -6.71 -7.22
N TYR A 108 -5.92 -6.80 -6.87
CA TYR A 108 -5.41 -6.33 -5.60
C TYR A 108 -5.93 -7.16 -4.42
N VAL A 109 -5.00 -7.76 -3.71
CA VAL A 109 -5.33 -8.48 -2.48
C VAL A 109 -5.18 -7.56 -1.28
N PRO A 110 -6.27 -7.33 -0.53
CA PRO A 110 -6.27 -6.44 0.62
C PRO A 110 -5.23 -6.85 1.66
N GLY A 111 -4.46 -5.88 2.12
CA GLY A 111 -3.38 -6.17 3.05
C GLY A 111 -2.02 -5.93 2.45
N VAL A 112 -2.01 -5.59 1.17
CA VAL A 112 -0.77 -5.24 0.49
C VAL A 112 -0.74 -3.75 0.20
N VAL A 113 0.34 -3.09 0.56
CA VAL A 113 0.43 -1.65 0.39
C VAL A 113 0.69 -1.31 -1.07
N SER A 114 -0.30 -0.70 -1.71
CA SER A 114 -0.17 -0.25 -3.07
C SER A 114 0.66 1.02 -3.12
N THR A 115 1.43 1.21 -4.18
CA THR A 115 2.25 2.39 -4.31
C THR A 115 1.53 3.50 -5.08
N VAL A 116 0.20 3.36 -5.17
CA VAL A 116 -0.61 4.32 -5.87
C VAL A 116 -1.78 4.78 -4.99
N VAL A 117 -1.84 6.08 -4.77
CA VAL A 117 -2.88 6.68 -3.95
C VAL A 117 -3.85 7.48 -4.81
N PRO A 118 -5.05 6.92 -5.05
CA PRO A 118 -6.12 7.60 -5.81
C PRO A 118 -6.58 8.88 -5.13
N ASP A 119 -7.39 9.66 -5.84
CA ASP A 119 -7.90 10.92 -5.30
C ASP A 119 -9.02 10.65 -4.31
N SER A 120 -8.63 10.28 -3.11
CA SER A 120 -9.57 9.97 -2.04
C SER A 120 -9.87 11.22 -1.22
N ALA A 121 -11.06 11.27 -0.63
CA ALA A 121 -11.44 12.38 0.25
C ALA A 121 -10.73 12.24 1.58
N HIS A 122 -10.14 11.07 1.81
CA HIS A 122 -9.32 10.84 2.98
C HIS A 122 -7.86 10.63 2.57
N LYS A 123 -7.45 11.28 1.48
CA LYS A 123 -6.08 11.22 1.03
C LYS A 123 -5.18 11.92 2.04
N LEU A 124 -4.00 11.38 2.29
CA LEU A 124 -3.14 11.88 3.33
C LEU A 124 -1.78 12.27 2.79
N PHE A 125 -1.24 13.35 3.34
CA PHE A 125 0.07 13.83 2.97
C PHE A 125 1.00 13.79 4.17
N ILE A 126 2.20 13.25 3.96
CA ILE A 126 3.20 13.18 5.00
C ILE A 126 4.46 13.94 4.58
N GLY A 127 4.77 15.00 5.30
CA GLY A 127 6.01 15.72 5.07
C GLY A 127 6.97 15.56 6.23
N GLY A 128 8.11 16.23 6.17
CA GLY A 128 9.07 16.16 7.26
C GLY A 128 10.03 14.99 7.14
N LEU A 129 9.74 14.10 6.22
CA LEU A 129 10.47 12.84 6.09
C LEU A 129 11.94 13.06 5.74
N PRO A 130 12.86 12.41 6.49
CA PRO A 130 14.28 12.39 6.17
C PRO A 130 14.54 11.75 4.80
N ASN A 131 15.53 12.26 4.09
CA ASN A 131 15.76 11.90 2.70
C ASN A 131 16.19 10.45 2.51
N TYR A 132 16.68 9.81 3.58
CA TYR A 132 17.19 8.45 3.45
C TYR A 132 16.11 7.41 3.74
N LEU A 133 14.96 7.85 4.22
CA LEU A 133 13.84 6.94 4.46
C LEU A 133 12.88 6.96 3.29
N ASN A 134 12.56 5.79 2.77
CA ASN A 134 11.66 5.69 1.64
C ASN A 134 10.29 5.25 2.12
N ASP A 135 9.37 5.02 1.19
CA ASP A 135 8.02 4.60 1.53
C ASP A 135 8.04 3.40 2.48
N ASP A 136 8.93 2.46 2.23
CA ASP A 136 8.95 1.20 2.97
C ASP A 136 9.42 1.41 4.41
N GLN A 137 10.31 2.36 4.60
CA GLN A 137 10.81 2.68 5.93
C GLN A 137 9.81 3.55 6.68
N VAL A 138 9.24 4.52 5.96
CA VAL A 138 8.27 5.44 6.53
C VAL A 138 6.95 4.74 6.88
N LYS A 139 6.61 3.68 6.13
CA LYS A 139 5.40 2.90 6.43
C LYS A 139 5.38 2.48 7.89
N GLU A 140 6.55 2.12 8.40
CA GLU A 140 6.68 1.59 9.75
C GLU A 140 6.31 2.64 10.81
N LEU A 141 6.35 3.91 10.44
CA LEU A 141 5.97 4.97 11.35
C LEU A 141 4.47 5.23 11.28
N LEU A 142 3.92 5.02 10.09
CA LEU A 142 2.50 5.30 9.85
C LEU A 142 1.63 4.13 10.28
N THR A 143 2.19 2.93 10.23
CA THR A 143 1.45 1.71 10.61
C THR A 143 1.15 1.68 12.10
N SER A 144 1.79 2.57 12.86
CA SER A 144 1.62 2.66 14.30
C SER A 144 0.14 2.71 14.71
N PHE A 145 -0.66 3.45 13.94
CA PHE A 145 -2.09 3.54 14.22
C PHE A 145 -2.86 2.54 13.38
N GLY A 146 -2.46 2.40 12.13
CA GLY A 146 -3.08 1.42 11.26
C GLY A 146 -2.26 1.16 10.03
N PRO A 147 -2.43 -0.02 9.40
CA PRO A 147 -1.72 -0.35 8.17
C PRO A 147 -2.27 0.43 6.98
N LEU A 148 -1.43 0.59 5.97
CA LEU A 148 -1.80 1.39 4.82
C LEU A 148 -2.18 0.50 3.64
N LYS A 149 -3.23 0.90 2.94
CA LYS A 149 -3.66 0.19 1.74
C LYS A 149 -2.87 0.71 0.54
N ALA A 150 -2.40 1.94 0.67
CA ALA A 150 -1.69 2.62 -0.40
C ALA A 150 -0.76 3.66 0.17
N PHE A 151 0.50 3.58 -0.18
CA PHE A 151 1.49 4.54 0.26
C PHE A 151 2.44 4.88 -0.88
N ASN A 152 2.35 6.10 -1.36
CA ASN A 152 3.20 6.56 -2.44
C ASN A 152 4.15 7.65 -1.92
N LEU A 153 5.42 7.31 -1.80
CA LEU A 153 6.42 8.30 -1.44
C LEU A 153 7.14 8.77 -2.70
N VAL A 154 7.30 10.07 -2.83
CA VAL A 154 7.93 10.63 -4.01
C VAL A 154 9.43 10.84 -3.79
N LYS A 155 10.23 10.04 -4.46
CA LYS A 155 11.68 10.15 -4.39
C LYS A 155 12.19 11.10 -5.46
N ASP A 156 13.43 11.54 -5.30
CA ASP A 156 14.02 12.49 -6.24
C ASP A 156 15.01 11.76 -7.15
N SER A 157 14.84 11.95 -8.44
CA SER A 157 15.69 11.27 -9.41
C SER A 157 17.06 11.93 -9.51
N ALA A 158 17.20 13.10 -8.92
CA ALA A 158 18.46 13.82 -8.96
C ALA A 158 19.33 13.49 -7.75
N THR A 159 18.68 13.20 -6.62
CA THR A 159 19.41 12.86 -5.41
C THR A 159 19.56 11.35 -5.28
N GLY A 160 18.61 10.62 -5.87
CA GLY A 160 18.58 9.18 -5.70
C GLY A 160 18.02 8.81 -4.35
N LEU A 161 17.41 9.78 -3.69
CA LEU A 161 16.89 9.62 -2.35
C LEU A 161 15.44 10.06 -2.32
N SER A 162 14.87 10.10 -1.12
CA SER A 162 13.51 10.57 -0.95
C SER A 162 13.49 12.10 -0.90
N LYS A 163 12.41 12.69 -1.40
CA LYS A 163 12.24 14.14 -1.33
C LYS A 163 11.80 14.55 0.08
N GLY A 164 11.28 13.59 0.81
CA GLY A 164 10.85 13.85 2.17
C GLY A 164 9.35 14.12 2.26
N TYR A 165 8.58 13.57 1.33
CA TYR A 165 7.14 13.75 1.35
C TYR A 165 6.46 12.58 0.65
N ALA A 166 5.30 12.19 1.17
CA ALA A 166 4.59 11.05 0.64
C ALA A 166 3.09 11.21 0.82
N PHE A 167 2.33 10.32 0.19
CA PHE A 167 0.88 10.29 0.32
C PHE A 167 0.44 8.88 0.70
N CYS A 168 -0.43 8.76 1.70
CA CYS A 168 -0.90 7.46 2.13
C CYS A 168 -2.42 7.41 2.21
N GLU A 169 -2.94 6.20 2.32
CA GLU A 169 -4.35 5.98 2.56
C GLU A 169 -4.53 4.86 3.57
N TYR A 170 -5.27 5.13 4.63
CA TYR A 170 -5.61 4.08 5.57
C TYR A 170 -6.80 3.29 5.04
N VAL A 171 -6.90 2.05 5.49
CA VAL A 171 -7.92 1.13 5.00
C VAL A 171 -9.31 1.56 5.43
N ASP A 172 -9.40 2.13 6.63
CA ASP A 172 -10.68 2.64 7.10
C ASP A 172 -10.59 4.12 7.40
N ILE A 173 -11.74 4.78 7.41
CA ILE A 173 -11.80 6.23 7.51
C ILE A 173 -11.70 6.69 8.96
N ASN A 174 -11.99 5.78 9.87
CA ASN A 174 -11.92 6.09 11.29
C ASN A 174 -10.47 6.13 11.75
N VAL A 175 -9.62 5.33 11.10
CA VAL A 175 -8.22 5.28 11.46
C VAL A 175 -7.51 6.56 11.02
N THR A 176 -8.05 7.19 9.98
CA THR A 176 -7.49 8.40 9.42
C THR A 176 -7.31 9.48 10.50
N ASP A 177 -8.40 9.78 11.20
CA ASP A 177 -8.40 10.87 12.18
C ASP A 177 -7.56 10.51 13.40
N GLN A 178 -7.50 9.23 13.72
CA GLN A 178 -6.73 8.76 14.85
C GLN A 178 -5.24 8.87 14.58
N ALA A 179 -4.86 8.61 13.34
CA ALA A 179 -3.47 8.59 12.94
C ALA A 179 -2.91 10.00 12.83
N ILE A 180 -3.60 10.85 12.07
CA ILE A 180 -3.14 12.23 11.88
C ILE A 180 -3.06 12.96 13.22
N ALA A 181 -3.84 12.49 14.17
CA ALA A 181 -3.87 13.05 15.51
C ALA A 181 -2.55 12.85 16.24
N GLY A 182 -2.02 11.63 16.15
CA GLY A 182 -0.82 11.30 16.91
C GLY A 182 0.44 11.34 16.08
N LEU A 183 0.32 11.11 14.77
CA LEU A 183 1.49 11.04 13.90
C LEU A 183 1.99 12.43 13.54
N ASN A 184 1.09 13.39 13.36
CA ASN A 184 1.49 14.74 13.01
C ASN A 184 2.21 15.39 14.17
N GLY A 185 3.50 15.62 13.99
CA GLY A 185 4.33 16.17 15.03
C GLY A 185 5.33 15.18 15.56
N MET A 186 5.38 14.01 14.91
CA MET A 186 6.36 12.99 15.26
C MET A 186 7.77 13.52 15.02
N GLN A 187 8.54 13.64 16.08
CA GLN A 187 9.90 14.13 15.97
C GLN A 187 10.81 12.96 15.64
N LEU A 188 11.09 12.81 14.36
CA LEU A 188 11.92 11.71 13.90
C LEU A 188 13.26 12.25 13.44
N GLY A 189 14.31 11.92 14.19
CA GLY A 189 15.61 12.45 13.90
C GLY A 189 15.72 13.91 14.31
N ASP A 190 15.78 14.79 13.34
CA ASP A 190 15.87 16.23 13.61
C ASP A 190 14.67 16.97 13.02
N LYS A 191 13.71 16.22 12.50
CA LYS A 191 12.51 16.80 11.91
C LYS A 191 11.25 16.32 12.60
N LYS A 192 10.24 17.17 12.63
CA LYS A 192 8.92 16.76 13.05
C LYS A 192 8.07 16.48 11.83
N LEU A 193 7.60 15.26 11.71
CA LEU A 193 6.90 14.83 10.53
C LEU A 193 5.51 15.45 10.43
N LEU A 194 5.20 15.95 9.25
CA LEU A 194 3.91 16.51 8.97
C LEU A 194 3.00 15.39 8.51
N VAL A 195 1.90 15.18 9.21
CA VAL A 195 0.93 14.20 8.80
C VAL A 195 -0.45 14.83 8.81
N GLN A 196 -0.98 15.05 7.62
CA GLN A 196 -2.21 15.81 7.48
C GLN A 196 -2.99 15.29 6.28
N ARG A 197 -4.28 15.58 6.23
CA ARG A 197 -5.09 15.20 5.08
C ARG A 197 -4.77 16.09 3.91
N ALA A 198 -4.52 15.48 2.77
CA ALA A 198 -4.19 16.23 1.56
C ALA A 198 -5.46 16.77 0.92
N SER A 199 -6.60 16.38 1.48
CA SER A 199 -7.89 16.85 1.02
C SER A 199 -8.26 18.16 1.72
N VAL A 200 -7.38 18.62 2.60
CA VAL A 200 -7.58 19.90 3.28
C VAL A 200 -7.41 21.05 2.30
N GLY A 201 -6.34 20.99 1.52
CA GLY A 201 -6.07 22.02 0.54
C GLY A 201 -4.71 21.85 -0.09
N ALA A 202 -4.56 22.35 -1.29
CA ALA A 202 -3.29 22.26 -2.01
C ALA A 202 -2.92 23.62 -2.60
N LYS A 203 -2.61 24.56 -1.73
CA LYS A 203 -2.26 25.90 -2.16
C LYS A 203 -0.88 26.29 -1.63
N ASN A 204 0.12 25.55 -2.08
CA ASN A 204 1.51 25.88 -1.75
C ASN A 204 2.11 26.74 -2.85
N ALA A 205 1.27 27.07 -3.83
CA ALA A 205 1.67 27.90 -4.95
C ALA A 205 0.54 28.83 -5.34
N ALA A 1 -2.59 -15.93 20.62
CA ALA A 1 -3.93 -15.33 20.43
C ALA A 1 -4.48 -15.70 19.06
N MET A 2 -5.57 -16.47 19.05
CA MET A 2 -6.17 -16.95 17.82
C MET A 2 -6.81 -15.81 17.04
N VAL A 3 -6.27 -15.50 15.89
CA VAL A 3 -6.82 -14.45 15.04
C VAL A 3 -8.02 -14.99 14.25
N GLY A 4 -8.04 -16.30 14.06
CA GLY A 4 -9.13 -16.93 13.34
C GLY A 4 -10.30 -17.28 14.23
N SER A 5 -10.53 -16.46 15.25
CA SER A 5 -11.64 -16.68 16.18
C SER A 5 -12.94 -16.11 15.63
N GLN A 6 -13.19 -16.38 14.36
CA GLN A 6 -14.38 -15.88 13.69
C GLN A 6 -15.44 -16.97 13.62
N MET A 7 -16.58 -16.71 14.22
CA MET A 7 -17.69 -17.66 14.22
C MET A 7 -18.28 -17.79 12.82
N THR A 8 -18.20 -16.70 12.08
CA THR A 8 -18.75 -16.63 10.74
C THR A 8 -17.70 -17.06 9.71
N ARG A 9 -16.55 -17.52 10.20
CA ARG A 9 -15.47 -17.96 9.32
C ARG A 9 -15.87 -19.21 8.53
N GLN A 10 -16.71 -20.05 9.13
CA GLN A 10 -17.24 -21.22 8.43
C GLN A 10 -18.51 -20.87 7.65
N ALA A 11 -18.98 -19.64 7.84
CA ALA A 11 -20.13 -19.14 7.10
C ALA A 11 -19.67 -18.35 5.87
N ARG A 12 -18.52 -17.71 6.02
CA ARG A 12 -17.91 -16.95 4.94
C ARG A 12 -17.19 -17.87 3.96
N ARG A 13 -17.12 -19.15 4.30
CA ARG A 13 -16.44 -20.11 3.47
C ARG A 13 -17.42 -21.07 2.83
N LEU A 14 -17.05 -21.56 1.67
CA LEU A 14 -17.91 -22.44 0.91
C LEU A 14 -17.13 -23.63 0.36
N TYR A 15 -17.84 -24.73 0.16
CA TYR A 15 -17.24 -26.00 -0.25
C TYR A 15 -17.01 -26.02 -1.76
N VAL A 16 -15.75 -25.98 -2.15
CA VAL A 16 -15.39 -26.01 -3.57
C VAL A 16 -15.04 -27.44 -3.98
N GLY A 17 -15.83 -27.99 -4.88
CA GLY A 17 -15.61 -29.35 -5.34
C GLY A 17 -15.30 -29.41 -6.83
N ASN A 18 -14.91 -30.61 -7.28
CA ASN A 18 -14.47 -30.84 -8.66
C ASN A 18 -13.22 -30.02 -8.93
N ILE A 19 -12.23 -30.22 -8.10
CA ILE A 19 -10.98 -29.51 -8.20
C ILE A 19 -9.85 -30.45 -8.60
N PRO A 20 -8.88 -29.92 -9.35
CA PRO A 20 -7.71 -30.67 -9.76
C PRO A 20 -6.67 -30.75 -8.64
N PHE A 21 -6.20 -31.94 -8.36
CA PHE A 21 -5.21 -32.15 -7.31
C PHE A 21 -3.94 -31.39 -7.63
N GLY A 22 -3.52 -30.55 -6.69
CA GLY A 22 -2.33 -29.75 -6.90
C GLY A 22 -2.67 -28.32 -7.29
N ILE A 23 -3.97 -28.02 -7.37
CA ILE A 23 -4.42 -26.67 -7.71
C ILE A 23 -3.94 -25.69 -6.65
N THR A 24 -3.61 -24.49 -7.08
CA THR A 24 -3.02 -23.50 -6.21
C THR A 24 -4.08 -22.53 -5.68
N GLU A 25 -3.87 -22.01 -4.49
CA GLU A 25 -4.76 -21.01 -3.88
C GLU A 25 -5.10 -19.90 -4.86
N GLU A 26 -4.07 -19.21 -5.31
CA GLU A 26 -4.23 -18.04 -6.16
C GLU A 26 -4.80 -18.41 -7.52
N ALA A 27 -4.77 -19.70 -7.86
CA ALA A 27 -5.34 -20.17 -9.11
C ALA A 27 -6.86 -20.04 -9.08
N MET A 28 -7.48 -20.69 -8.10
CA MET A 28 -8.93 -20.64 -7.97
C MET A 28 -9.36 -19.29 -7.38
N MET A 29 -8.49 -18.71 -6.56
CA MET A 29 -8.77 -17.43 -5.92
C MET A 29 -8.99 -16.35 -6.97
N ASP A 30 -8.01 -16.22 -7.86
CA ASP A 30 -8.04 -15.19 -8.90
C ASP A 30 -9.21 -15.41 -9.85
N PHE A 31 -9.50 -16.68 -10.13
CA PHE A 31 -10.61 -17.02 -11.01
C PHE A 31 -11.93 -16.49 -10.48
N PHE A 32 -12.23 -16.81 -9.22
CA PHE A 32 -13.46 -16.34 -8.60
C PHE A 32 -13.46 -14.83 -8.46
N ASN A 33 -12.31 -14.25 -8.13
CA ASN A 33 -12.16 -12.80 -8.01
C ASN A 33 -12.50 -12.12 -9.33
N ALA A 34 -12.05 -12.72 -10.42
CA ALA A 34 -12.33 -12.22 -11.76
C ALA A 34 -13.82 -12.26 -12.05
N GLN A 35 -14.44 -13.43 -11.81
CA GLN A 35 -15.86 -13.63 -12.09
C GLN A 35 -16.72 -12.65 -11.30
N MET A 36 -16.28 -12.32 -10.09
CA MET A 36 -16.97 -11.34 -9.27
C MET A 36 -17.01 -9.97 -9.95
N ARG A 37 -15.89 -9.59 -10.56
CA ARG A 37 -15.81 -8.32 -11.25
C ARG A 37 -16.61 -8.37 -12.55
N LEU A 38 -16.56 -9.52 -13.22
CA LEU A 38 -17.30 -9.72 -14.47
C LEU A 38 -18.80 -9.65 -14.22
N GLY A 39 -19.26 -10.40 -13.22
CA GLY A 39 -20.67 -10.45 -12.91
C GLY A 39 -21.12 -9.23 -12.12
N GLY A 40 -20.16 -8.44 -11.66
CA GLY A 40 -20.48 -7.25 -10.91
C GLY A 40 -21.00 -7.55 -9.52
N LEU A 41 -20.39 -8.54 -8.87
CA LEU A 41 -20.83 -8.95 -7.55
C LEU A 41 -20.03 -8.22 -6.47
N THR A 42 -18.82 -7.78 -6.83
CA THR A 42 -17.94 -7.10 -5.88
C THR A 42 -18.61 -5.86 -5.29
N GLN A 43 -18.86 -5.90 -3.99
CA GLN A 43 -19.50 -4.78 -3.31
C GLN A 43 -18.48 -3.79 -2.78
N ALA A 44 -17.34 -4.32 -2.36
CA ALA A 44 -16.24 -3.49 -1.91
C ALA A 44 -15.12 -3.51 -2.94
N PRO A 45 -14.34 -2.43 -3.03
CA PRO A 45 -13.19 -2.38 -3.95
C PRO A 45 -12.16 -3.44 -3.62
N GLY A 46 -11.70 -4.16 -4.62
CA GLY A 46 -10.67 -5.15 -4.41
C GLY A 46 -11.19 -6.57 -4.53
N ASN A 47 -10.44 -7.52 -4.00
CA ASN A 47 -10.79 -8.93 -4.10
C ASN A 47 -11.76 -9.34 -3.00
N PRO A 48 -12.92 -9.89 -3.38
CA PRO A 48 -13.92 -10.39 -2.43
C PRO A 48 -13.45 -11.66 -1.72
N VAL A 49 -12.66 -12.46 -2.42
CA VAL A 49 -12.09 -13.65 -1.82
C VAL A 49 -10.93 -13.25 -0.92
N LEU A 50 -11.09 -13.52 0.36
CA LEU A 50 -10.13 -13.10 1.36
C LEU A 50 -8.99 -14.11 1.47
N ALA A 51 -9.35 -15.38 1.49
CA ALA A 51 -8.38 -16.45 1.61
C ALA A 51 -8.87 -17.70 0.91
N VAL A 52 -7.98 -18.64 0.68
CA VAL A 52 -8.35 -19.90 0.05
C VAL A 52 -7.53 -21.05 0.63
N GLN A 53 -8.20 -22.12 1.00
CA GLN A 53 -7.53 -23.30 1.52
C GLN A 53 -7.84 -24.51 0.66
N ILE A 54 -6.82 -25.13 0.11
CA ILE A 54 -6.99 -26.38 -0.59
C ILE A 54 -6.66 -27.53 0.34
N ASN A 55 -7.68 -28.28 0.73
CA ASN A 55 -7.47 -29.42 1.61
C ASN A 55 -6.66 -30.47 0.90
N GLN A 56 -5.45 -30.73 1.41
CA GLN A 56 -4.52 -31.65 0.79
C GLN A 56 -4.93 -33.10 1.07
N ASP A 57 -6.18 -33.41 0.76
CA ASP A 57 -6.72 -34.75 0.91
C ASP A 57 -7.31 -35.22 -0.41
N LYS A 58 -7.02 -34.43 -1.45
CA LYS A 58 -7.47 -34.69 -2.81
C LYS A 58 -8.99 -34.88 -2.87
N ASN A 59 -9.74 -33.83 -2.56
CA ASN A 59 -11.19 -33.93 -2.55
C ASN A 59 -11.87 -32.57 -2.73
N PHE A 60 -11.57 -31.62 -1.84
CA PHE A 60 -12.27 -30.33 -1.87
C PHE A 60 -11.41 -29.19 -1.35
N ALA A 61 -11.87 -27.98 -1.61
CA ALA A 61 -11.20 -26.77 -1.15
C ALA A 61 -12.20 -25.82 -0.49
N PHE A 62 -11.70 -24.84 0.25
CA PHE A 62 -12.55 -23.83 0.86
C PHE A 62 -12.12 -22.44 0.45
N LEU A 63 -13.04 -21.69 -0.11
CA LEU A 63 -12.81 -20.28 -0.40
C LEU A 63 -13.35 -19.43 0.73
N GLU A 64 -12.52 -18.50 1.19
CA GLU A 64 -12.89 -17.63 2.29
C GLU A 64 -13.17 -16.23 1.77
N PHE A 65 -14.17 -15.58 2.34
CA PHE A 65 -14.62 -14.28 1.84
C PHE A 65 -14.64 -13.25 2.94
N ARG A 66 -14.49 -12.00 2.53
CA ARG A 66 -14.50 -10.86 3.44
C ARG A 66 -15.94 -10.50 3.82
N SER A 67 -16.89 -11.06 3.10
CA SER A 67 -18.30 -10.78 3.32
C SER A 67 -19.13 -12.01 2.99
N VAL A 68 -20.05 -12.36 3.87
CA VAL A 68 -20.95 -13.48 3.64
C VAL A 68 -21.88 -13.16 2.47
N ASP A 69 -22.07 -11.87 2.22
CA ASP A 69 -22.91 -11.42 1.13
C ASP A 69 -22.25 -11.72 -0.21
N GLU A 70 -20.94 -11.61 -0.24
CA GLU A 70 -20.16 -11.95 -1.43
C GLU A 70 -19.93 -13.46 -1.49
N THR A 71 -20.01 -14.11 -0.34
CA THR A 71 -19.91 -15.56 -0.26
C THR A 71 -21.09 -16.24 -0.96
N THR A 72 -22.30 -15.81 -0.61
CA THR A 72 -23.52 -16.45 -1.12
C THR A 72 -23.63 -16.33 -2.64
N GLN A 73 -23.20 -15.20 -3.18
CA GLN A 73 -23.26 -14.97 -4.62
C GLN A 73 -22.14 -15.72 -5.34
N ALA A 74 -21.12 -16.14 -4.60
CA ALA A 74 -20.09 -17.00 -5.16
C ALA A 74 -20.62 -18.41 -5.33
N MET A 75 -21.56 -18.77 -4.46
CA MET A 75 -22.21 -20.07 -4.49
C MET A 75 -23.11 -20.18 -5.72
N ALA A 76 -23.39 -19.05 -6.34
CA ALA A 76 -24.20 -19.02 -7.57
C ALA A 76 -23.46 -19.71 -8.70
N PHE A 77 -22.14 -19.77 -8.60
CA PHE A 77 -21.31 -20.41 -9.62
C PHE A 77 -21.30 -21.92 -9.47
N ASP A 78 -22.13 -22.43 -8.56
CA ASP A 78 -22.21 -23.87 -8.32
C ASP A 78 -22.64 -24.62 -9.59
N GLY A 79 -21.68 -25.30 -10.21
CA GLY A 79 -21.98 -26.12 -11.36
C GLY A 79 -21.87 -25.37 -12.68
N ILE A 80 -21.26 -24.20 -12.65
CA ILE A 80 -21.13 -23.39 -13.85
C ILE A 80 -19.77 -23.63 -14.51
N ILE A 81 -19.73 -23.43 -15.82
CA ILE A 81 -18.51 -23.63 -16.58
C ILE A 81 -17.84 -22.29 -16.89
N PHE A 82 -16.79 -21.97 -16.16
CA PHE A 82 -16.03 -20.76 -16.41
C PHE A 82 -14.73 -21.07 -17.14
N GLN A 83 -14.66 -20.62 -18.40
CA GLN A 83 -13.46 -20.80 -19.22
C GLN A 83 -13.12 -22.28 -19.38
N GLY A 84 -14.14 -23.12 -19.38
CA GLY A 84 -13.93 -24.54 -19.60
C GLY A 84 -13.82 -25.34 -18.32
N GLN A 85 -13.66 -24.67 -17.19
CA GLN A 85 -13.52 -25.39 -15.93
C GLN A 85 -14.86 -25.50 -15.22
N SER A 86 -15.10 -26.67 -14.67
CA SER A 86 -16.32 -26.95 -13.95
C SER A 86 -16.05 -26.92 -12.46
N LEU A 87 -16.70 -26.02 -11.76
CA LEU A 87 -16.51 -25.90 -10.33
C LEU A 87 -17.83 -26.03 -9.58
N LYS A 88 -17.82 -26.78 -8.50
CA LYS A 88 -19.01 -27.00 -7.70
C LYS A 88 -18.87 -26.27 -6.37
N ILE A 89 -19.92 -25.58 -5.96
CA ILE A 89 -19.90 -24.88 -4.68
C ILE A 89 -21.03 -25.39 -3.80
N ARG A 90 -20.67 -26.18 -2.81
CA ARG A 90 -21.64 -26.76 -1.92
C ARG A 90 -21.67 -25.97 -0.60
N ARG A 91 -22.81 -25.96 0.06
CA ARG A 91 -22.96 -25.22 1.30
C ARG A 91 -22.54 -26.05 2.50
N PRO A 92 -21.55 -25.57 3.26
CA PRO A 92 -21.13 -26.20 4.52
C PRO A 92 -22.18 -26.04 5.60
N HIS A 93 -22.05 -26.79 6.67
CA HIS A 93 -23.00 -26.72 7.78
C HIS A 93 -22.80 -25.42 8.57
N ASP A 94 -23.66 -25.19 9.53
CA ASP A 94 -23.74 -23.91 10.23
C ASP A 94 -22.71 -23.81 11.34
N TYR A 95 -21.43 -23.97 10.96
CA TYR A 95 -20.27 -23.79 11.85
C TYR A 95 -20.43 -24.48 13.21
N GLN A 96 -19.58 -24.08 14.15
CA GLN A 96 -19.58 -24.64 15.48
C GLN A 96 -18.92 -23.66 16.45
N PRO A 97 -19.57 -23.36 17.58
CA PRO A 97 -19.03 -22.46 18.62
C PRO A 97 -17.62 -22.85 19.05
N LEU A 98 -16.83 -21.85 19.43
CA LEU A 98 -15.41 -22.01 19.74
C LEU A 98 -14.62 -22.35 18.48
N PRO A 99 -13.50 -21.65 18.26
CA PRO A 99 -12.66 -21.87 17.08
C PRO A 99 -11.93 -23.21 17.15
N GLY A 100 -12.57 -24.24 16.61
CA GLY A 100 -11.96 -25.56 16.58
C GLY A 100 -10.91 -25.69 15.50
N MET A 101 -9.79 -25.01 15.70
CA MET A 101 -8.70 -25.03 14.75
C MET A 101 -7.38 -24.79 15.46
N SER A 102 -6.30 -25.21 14.83
CA SER A 102 -4.98 -24.94 15.34
C SER A 102 -4.54 -23.56 14.88
N GLU A 103 -4.97 -23.23 13.67
CA GLU A 103 -4.66 -21.97 13.02
C GLU A 103 -5.35 -21.94 11.67
N ASN A 104 -5.88 -20.79 11.30
CA ASN A 104 -6.59 -20.67 10.03
C ASN A 104 -5.58 -20.69 8.89
N PRO A 105 -5.68 -21.67 7.98
CA PRO A 105 -4.71 -21.85 6.90
C PRO A 105 -4.79 -20.77 5.83
N SER A 106 -3.63 -20.24 5.45
CA SER A 106 -3.50 -19.34 4.30
C SER A 106 -4.35 -18.08 4.44
N VAL A 107 -4.31 -17.46 5.61
CA VAL A 107 -5.07 -16.23 5.83
C VAL A 107 -4.46 -15.06 5.05
N TYR A 108 -5.30 -14.10 4.73
CA TYR A 108 -4.87 -12.88 4.07
C TYR A 108 -4.25 -11.94 5.09
N VAL A 109 -3.05 -11.48 4.81
CA VAL A 109 -2.37 -10.56 5.71
C VAL A 109 -2.63 -9.12 5.28
N PRO A 110 -3.35 -8.35 6.11
CA PRO A 110 -3.67 -6.95 5.80
C PRO A 110 -2.42 -6.08 5.82
N GLY A 111 -2.43 -5.02 5.03
CA GLY A 111 -1.29 -4.14 4.98
C GLY A 111 -0.59 -4.19 3.63
N VAL A 112 -1.20 -4.91 2.69
CA VAL A 112 -0.68 -4.97 1.33
C VAL A 112 -0.81 -3.59 0.68
N VAL A 113 0.25 -2.82 0.77
CA VAL A 113 0.21 -1.43 0.38
C VAL A 113 0.57 -1.23 -1.10
N SER A 114 -0.23 -0.42 -1.77
CA SER A 114 0.01 -0.07 -3.15
C SER A 114 0.65 1.31 -3.25
N THR A 115 1.31 1.59 -4.36
CA THR A 115 1.94 2.88 -4.56
C THR A 115 1.04 3.81 -5.37
N VAL A 116 -0.17 3.35 -5.62
CA VAL A 116 -1.15 4.15 -6.34
C VAL A 116 -2.16 4.72 -5.36
N VAL A 117 -1.98 5.97 -4.99
CA VAL A 117 -2.90 6.65 -4.10
C VAL A 117 -3.95 7.39 -4.91
N PRO A 118 -5.19 6.88 -4.91
CA PRO A 118 -6.32 7.47 -5.65
C PRO A 118 -6.62 8.90 -5.21
N ASP A 119 -7.47 9.57 -5.99
CA ASP A 119 -7.86 10.95 -5.70
C ASP A 119 -8.89 11.01 -4.58
N SER A 120 -8.66 10.19 -3.55
CA SER A 120 -9.57 10.07 -2.43
C SER A 120 -9.57 11.34 -1.59
N ALA A 121 -10.65 11.56 -0.87
CA ALA A 121 -10.72 12.63 0.11
C ALA A 121 -10.22 12.12 1.46
N HIS A 122 -9.85 10.83 1.47
CA HIS A 122 -9.36 10.19 2.68
C HIS A 122 -7.84 10.11 2.67
N LYS A 123 -7.22 10.51 1.56
CA LYS A 123 -5.77 10.42 1.44
C LYS A 123 -5.10 11.49 2.30
N LEU A 124 -3.87 11.22 2.69
CA LEU A 124 -3.15 12.06 3.63
C LEU A 124 -1.78 12.42 3.07
N PHE A 125 -1.29 13.58 3.48
CA PHE A 125 0.02 14.04 3.05
C PHE A 125 0.99 13.95 4.22
N ILE A 126 2.15 13.36 3.95
CA ILE A 126 3.21 13.28 4.95
C ILE A 126 4.44 14.06 4.46
N GLY A 127 4.84 15.04 5.26
CA GLY A 127 5.98 15.86 4.93
C GLY A 127 6.99 15.89 6.06
N GLY A 128 8.16 16.46 5.82
CA GLY A 128 9.17 16.55 6.86
C GLY A 128 10.05 15.32 6.94
N LEU A 129 9.80 14.38 6.03
CA LEU A 129 10.47 13.08 6.06
C LEU A 129 11.97 13.20 5.78
N PRO A 130 12.79 12.47 6.56
CA PRO A 130 14.23 12.39 6.34
C PRO A 130 14.55 11.68 5.03
N ASN A 131 15.62 12.13 4.36
CA ASN A 131 15.98 11.63 3.04
C ASN A 131 16.39 10.16 3.09
N TYR A 132 16.77 9.68 4.27
CA TYR A 132 17.26 8.32 4.41
C TYR A 132 16.13 7.34 4.73
N LEU A 133 14.90 7.81 4.81
CA LEU A 133 13.76 6.91 4.99
C LEU A 133 12.88 6.93 3.76
N ASN A 134 12.68 5.76 3.17
CA ASN A 134 11.87 5.64 1.95
C ASN A 134 10.43 5.33 2.32
N ASP A 135 9.61 5.10 1.30
CA ASP A 135 8.21 4.74 1.50
C ASP A 135 8.06 3.63 2.54
N ASP A 136 8.85 2.58 2.39
CA ASP A 136 8.76 1.43 3.28
C ASP A 136 9.10 1.81 4.73
N GLN A 137 10.19 2.53 4.91
CA GLN A 137 10.68 2.88 6.24
C GLN A 137 9.78 3.90 6.94
N VAL A 138 9.11 4.74 6.16
CA VAL A 138 8.24 5.77 6.71
C VAL A 138 6.86 5.22 7.00
N LYS A 139 6.40 4.35 6.11
CA LYS A 139 5.12 3.73 6.22
C LYS A 139 5.01 2.90 7.48
N GLU A 140 6.14 2.36 7.93
CA GLU A 140 6.19 1.57 9.15
C GLU A 140 5.75 2.41 10.35
N LEU A 141 5.99 3.71 10.28
CA LEU A 141 5.60 4.60 11.35
C LEU A 141 4.13 4.96 11.23
N LEU A 142 3.64 5.00 10.00
CA LEU A 142 2.26 5.33 9.74
C LEU A 142 1.35 4.14 10.08
N THR A 143 1.85 2.94 9.86
CA THR A 143 1.08 1.72 10.11
C THR A 143 0.89 1.46 11.59
N SER A 144 1.64 2.18 12.43
CA SER A 144 1.52 2.07 13.88
C SER A 144 0.06 2.18 14.32
N PHE A 145 -0.66 3.13 13.75
CA PHE A 145 -2.07 3.31 14.06
C PHE A 145 -2.94 2.40 13.20
N GLY A 146 -2.60 2.29 11.93
CA GLY A 146 -3.32 1.41 11.04
C GLY A 146 -2.56 1.15 9.76
N PRO A 147 -2.81 0.02 9.09
CA PRO A 147 -2.14 -0.31 7.83
C PRO A 147 -2.64 0.55 6.68
N LEU A 148 -1.80 0.70 5.67
CA LEU A 148 -2.10 1.56 4.54
C LEU A 148 -2.49 0.74 3.33
N LYS A 149 -3.48 1.23 2.60
CA LYS A 149 -3.89 0.60 1.35
C LYS A 149 -3.00 1.10 0.23
N ALA A 150 -2.46 2.30 0.42
CA ALA A 150 -1.59 2.92 -0.57
C ALA A 150 -0.66 3.93 0.08
N PHE A 151 0.64 3.79 -0.19
CA PHE A 151 1.65 4.72 0.27
C PHE A 151 2.65 4.97 -0.83
N ASN A 152 2.62 6.15 -1.41
CA ASN A 152 3.56 6.49 -2.46
C ASN A 152 4.48 7.61 -2.01
N LEU A 153 5.76 7.29 -1.83
CA LEU A 153 6.74 8.29 -1.45
C LEU A 153 7.57 8.67 -2.68
N VAL A 154 7.71 9.96 -2.91
CA VAL A 154 8.45 10.45 -4.06
C VAL A 154 9.92 10.58 -3.72
N LYS A 155 10.75 9.81 -4.41
CA LYS A 155 12.18 9.82 -4.17
C LYS A 155 12.89 10.61 -5.25
N ASP A 156 14.15 10.91 -5.03
CA ASP A 156 14.95 11.66 -5.99
C ASP A 156 15.83 10.72 -6.79
N SER A 157 15.78 10.85 -8.10
CA SER A 157 16.52 9.95 -8.98
C SER A 157 18.01 10.26 -8.98
N ALA A 158 18.38 11.42 -8.43
CA ALA A 158 19.78 11.83 -8.42
C ALA A 158 20.49 11.32 -7.18
N THR A 159 19.82 11.39 -6.04
CA THR A 159 20.41 10.96 -4.79
C THR A 159 20.14 9.48 -4.54
N GLY A 160 19.04 8.99 -5.09
CA GLY A 160 18.61 7.63 -4.82
C GLY A 160 17.88 7.55 -3.51
N LEU A 161 17.58 8.72 -2.95
CA LEU A 161 16.99 8.82 -1.63
C LEU A 161 15.67 9.56 -1.70
N SER A 162 15.03 9.72 -0.55
CA SER A 162 13.73 10.35 -0.48
C SER A 162 13.84 11.87 -0.52
N LYS A 163 12.85 12.51 -1.13
CA LYS A 163 12.76 13.96 -1.12
C LYS A 163 12.20 14.44 0.21
N GLY A 164 11.45 13.57 0.86
CA GLY A 164 10.93 13.88 2.17
C GLY A 164 9.43 14.15 2.17
N TYR A 165 8.70 13.57 1.22
CA TYR A 165 7.27 13.79 1.14
C TYR A 165 6.57 12.62 0.49
N ALA A 166 5.42 12.24 1.04
CA ALA A 166 4.67 11.09 0.55
C ALA A 166 3.18 11.27 0.78
N PHE A 167 2.39 10.38 0.17
CA PHE A 167 0.94 10.37 0.35
C PHE A 167 0.49 8.98 0.78
N CYS A 168 -0.39 8.90 1.77
CA CYS A 168 -0.88 7.62 2.24
C CYS A 168 -2.40 7.60 2.27
N GLU A 169 -2.96 6.40 2.39
CA GLU A 169 -4.39 6.23 2.57
C GLU A 169 -4.65 4.99 3.42
N TYR A 170 -5.45 5.13 4.46
CA TYR A 170 -5.72 4.03 5.38
C TYR A 170 -6.84 3.14 4.87
N VAL A 171 -6.93 1.95 5.44
CA VAL A 171 -7.93 0.96 5.04
C VAL A 171 -9.27 1.24 5.72
N ASP A 172 -9.23 1.92 6.86
CA ASP A 172 -10.45 2.30 7.54
C ASP A 172 -10.49 3.81 7.75
N ILE A 173 -11.69 4.34 7.93
CA ILE A 173 -11.88 5.78 8.05
C ILE A 173 -11.68 6.25 9.48
N ASN A 174 -11.96 5.37 10.44
CA ASN A 174 -11.87 5.72 11.85
C ASN A 174 -10.41 5.87 12.27
N VAL A 175 -9.52 5.16 11.58
CA VAL A 175 -8.11 5.22 11.90
C VAL A 175 -7.45 6.42 11.23
N THR A 176 -8.11 6.96 10.22
CA THR A 176 -7.57 8.08 9.45
C THR A 176 -7.37 9.30 10.35
N ASP A 177 -8.39 9.64 11.13
CA ASP A 177 -8.32 10.81 12.00
C ASP A 177 -7.52 10.52 13.26
N GLN A 178 -7.45 9.26 13.66
CA GLN A 178 -6.68 8.89 14.84
C GLN A 178 -5.19 8.91 14.53
N ALA A 179 -4.86 8.58 13.30
CA ALA A 179 -3.47 8.55 12.86
C ALA A 179 -2.91 9.95 12.72
N ILE A 180 -3.59 10.81 11.95
CA ILE A 180 -3.15 12.20 11.77
C ILE A 180 -3.08 12.93 13.10
N ALA A 181 -3.83 12.42 14.07
CA ALA A 181 -3.84 13.00 15.41
C ALA A 181 -2.54 12.72 16.15
N GLY A 182 -1.99 11.52 15.95
CA GLY A 182 -0.78 11.14 16.66
C GLY A 182 0.48 11.28 15.83
N LEU A 183 0.37 10.98 14.53
CA LEU A 183 1.53 10.96 13.66
C LEU A 183 2.02 12.37 13.34
N ASN A 184 1.09 13.31 13.24
CA ASN A 184 1.45 14.68 12.92
C ASN A 184 2.26 15.29 14.07
N GLY A 185 3.50 15.65 13.77
CA GLY A 185 4.38 16.18 14.78
C GLY A 185 5.37 15.15 15.27
N MET A 186 5.40 14.00 14.59
CA MET A 186 6.34 12.94 14.92
C MET A 186 7.77 13.42 14.67
N GLN A 187 8.55 13.49 15.74
CA GLN A 187 9.92 13.96 15.65
C GLN A 187 10.81 12.81 15.23
N LEU A 188 10.91 12.63 13.93
CA LEU A 188 11.72 11.56 13.38
C LEU A 188 13.01 12.12 12.80
N GLY A 189 14.11 11.77 13.44
CA GLY A 189 15.40 12.32 13.04
C GLY A 189 15.67 13.64 13.73
N ASP A 190 15.69 14.72 12.97
CA ASP A 190 15.95 16.06 13.51
C ASP A 190 14.73 16.96 13.32
N LYS A 191 13.80 16.53 12.49
CA LYS A 191 12.62 17.32 12.18
C LYS A 191 11.36 16.65 12.71
N LYS A 192 10.26 17.39 12.71
CA LYS A 192 8.96 16.85 13.05
C LYS A 192 8.12 16.70 11.80
N LEU A 193 7.63 15.49 11.58
CA LEU A 193 6.92 15.17 10.36
C LEU A 193 5.54 15.78 10.35
N LEU A 194 5.17 16.32 9.21
CA LEU A 194 3.84 16.85 9.01
C LEU A 194 2.93 15.79 8.45
N VAL A 195 1.84 15.53 9.12
CA VAL A 195 0.88 14.54 8.67
C VAL A 195 -0.52 15.14 8.68
N GLN A 196 -1.11 15.29 7.51
CA GLN A 196 -2.40 15.94 7.39
C GLN A 196 -3.29 15.18 6.40
N ARG A 197 -4.58 15.52 6.39
CA ARG A 197 -5.57 14.83 5.54
C ARG A 197 -5.45 15.20 4.09
N ALA A 198 -4.22 15.43 3.68
CA ALA A 198 -3.85 15.96 2.36
C ALA A 198 -4.49 17.32 2.05
N SER A 199 -5.75 17.50 2.41
CA SER A 199 -6.52 18.65 1.97
C SER A 199 -6.39 19.81 2.96
N VAL A 200 -5.85 19.51 4.13
CA VAL A 200 -5.62 20.53 5.14
C VAL A 200 -4.58 21.53 4.65
N GLY A 201 -3.71 21.08 3.75
CA GLY A 201 -2.70 21.94 3.18
C GLY A 201 -3.25 22.80 2.06
N ALA A 202 -4.39 23.41 2.32
CA ALA A 202 -5.06 24.25 1.33
C ALA A 202 -4.56 25.70 1.46
N LYS A 203 -5.36 26.64 1.00
CA LYS A 203 -4.94 28.03 0.98
C LYS A 203 -4.84 28.60 2.40
N ASN A 204 -5.78 28.19 3.26
CA ASN A 204 -5.82 28.62 4.65
C ASN A 204 -6.10 30.12 4.78
N ALA A 205 -5.06 30.92 4.60
CA ALA A 205 -5.19 32.37 4.68
C ALA A 205 -3.98 33.02 4.03
N ALA A 1 8.31 -12.42 -11.07
CA ALA A 1 6.98 -12.22 -10.45
C ALA A 1 6.27 -13.55 -10.25
N MET A 2 6.63 -14.24 -9.17
CA MET A 2 6.03 -15.53 -8.87
C MET A 2 5.05 -15.39 -7.72
N VAL A 3 3.77 -15.31 -8.06
CA VAL A 3 2.73 -15.13 -7.06
C VAL A 3 1.55 -16.06 -7.34
N GLY A 4 0.87 -16.46 -6.27
CA GLY A 4 -0.28 -17.34 -6.41
C GLY A 4 -0.52 -18.13 -5.15
N SER A 5 -1.41 -19.12 -5.23
CA SER A 5 -1.73 -19.95 -4.07
C SER A 5 -0.69 -21.06 -3.88
N GLN A 6 0.52 -20.81 -4.39
CA GLN A 6 1.61 -21.79 -4.32
C GLN A 6 1.19 -23.13 -4.93
N MET A 7 0.51 -23.05 -6.06
CA MET A 7 0.00 -24.24 -6.73
C MET A 7 1.07 -24.84 -7.64
N THR A 8 1.60 -24.03 -8.54
CA THR A 8 2.52 -24.51 -9.55
C THR A 8 3.92 -24.76 -8.98
N ARG A 9 4.18 -24.25 -7.78
CA ARG A 9 5.49 -24.44 -7.15
C ARG A 9 5.75 -25.91 -6.83
N GLN A 10 4.69 -26.70 -6.79
CA GLN A 10 4.82 -28.15 -6.57
C GLN A 10 5.04 -28.87 -7.89
N ALA A 11 4.69 -28.21 -9.00
CA ALA A 11 4.84 -28.79 -10.31
C ALA A 11 6.15 -28.33 -10.96
N ARG A 12 6.58 -27.14 -10.58
CA ARG A 12 7.85 -26.59 -11.04
C ARG A 12 9.01 -27.19 -10.27
N ARG A 13 8.71 -27.99 -9.25
CA ARG A 13 9.73 -28.50 -8.37
C ARG A 13 9.84 -30.02 -8.49
N LEU A 14 11.06 -30.49 -8.68
CA LEU A 14 11.31 -31.91 -8.91
C LEU A 14 12.15 -32.51 -7.79
N TYR A 15 12.00 -33.82 -7.60
CA TYR A 15 12.69 -34.56 -6.56
C TYR A 15 14.09 -34.96 -7.04
N VAL A 16 15.11 -34.47 -6.36
CA VAL A 16 16.49 -34.77 -6.71
C VAL A 16 17.08 -35.78 -5.73
N GLY A 17 17.73 -36.79 -6.28
CA GLY A 17 18.37 -37.79 -5.46
C GLY A 17 19.82 -38.00 -5.86
N ASN A 18 20.52 -38.85 -5.11
CA ASN A 18 21.93 -39.17 -5.38
C ASN A 18 22.81 -37.96 -5.10
N ILE A 19 22.39 -37.14 -4.14
CA ILE A 19 23.15 -35.95 -3.76
C ILE A 19 24.07 -36.27 -2.60
N PRO A 20 25.21 -35.57 -2.53
CA PRO A 20 26.14 -35.70 -1.41
C PRO A 20 25.60 -35.01 -0.16
N PHE A 21 25.69 -35.69 0.96
CA PHE A 21 25.18 -35.18 2.22
C PHE A 21 25.89 -33.89 2.62
N GLY A 22 25.15 -32.80 2.62
CA GLY A 22 25.73 -31.52 2.98
C GLY A 22 25.84 -30.57 1.81
N ILE A 23 25.38 -31.01 0.64
CA ILE A 23 25.40 -30.17 -0.56
C ILE A 23 24.63 -28.88 -0.31
N THR A 24 25.09 -27.81 -0.93
CA THR A 24 24.55 -26.48 -0.67
C THR A 24 23.60 -26.04 -1.78
N GLU A 25 22.64 -25.18 -1.44
CA GLU A 25 21.67 -24.65 -2.40
C GLU A 25 22.38 -24.13 -3.65
N GLU A 26 23.27 -23.17 -3.45
CA GLU A 26 23.99 -22.52 -4.55
C GLU A 26 24.76 -23.53 -5.39
N ALA A 27 25.33 -24.54 -4.74
CA ALA A 27 26.10 -25.57 -5.44
C ALA A 27 25.26 -26.24 -6.50
N MET A 28 24.14 -26.81 -6.06
CA MET A 28 23.25 -27.54 -6.94
C MET A 28 22.58 -26.58 -7.93
N MET A 29 22.22 -25.40 -7.42
CA MET A 29 21.54 -24.39 -8.21
C MET A 29 22.40 -23.97 -9.40
N ASP A 30 23.60 -23.52 -9.10
CA ASP A 30 24.54 -23.04 -10.11
C ASP A 30 24.87 -24.15 -11.10
N PHE A 31 25.02 -25.37 -10.60
CA PHE A 31 25.32 -26.51 -11.45
C PHE A 31 24.22 -26.71 -12.49
N PHE A 32 22.99 -26.90 -12.02
CA PHE A 32 21.86 -27.11 -12.92
C PHE A 32 21.65 -25.93 -13.85
N ASN A 33 21.79 -24.71 -13.33
CA ASN A 33 21.65 -23.51 -14.14
C ASN A 33 22.69 -23.50 -15.26
N ALA A 34 23.92 -23.87 -14.92
CA ALA A 34 25.00 -23.92 -15.89
C ALA A 34 24.75 -25.01 -16.92
N GLN A 35 24.31 -26.19 -16.46
CA GLN A 35 24.09 -27.33 -17.36
C GLN A 35 22.98 -26.99 -18.38
N MET A 36 21.97 -26.27 -17.91
CA MET A 36 20.89 -25.81 -18.76
C MET A 36 21.44 -24.99 -19.94
N ARG A 37 22.39 -24.14 -19.64
CA ARG A 37 22.98 -23.27 -20.66
C ARG A 37 23.94 -24.06 -21.54
N LEU A 38 24.61 -25.04 -20.95
CA LEU A 38 25.51 -25.91 -21.68
C LEU A 38 24.74 -26.71 -22.73
N GLY A 39 23.57 -27.21 -22.34
CA GLY A 39 22.74 -27.97 -23.25
C GLY A 39 21.87 -27.09 -24.12
N GLY A 40 21.73 -25.83 -23.72
CA GLY A 40 20.90 -24.90 -24.45
C GLY A 40 19.42 -25.09 -24.15
N LEU A 41 19.12 -25.40 -22.91
CA LEU A 41 17.75 -25.66 -22.49
C LEU A 41 17.07 -24.38 -22.03
N THR A 42 17.86 -23.43 -21.55
CA THR A 42 17.33 -22.18 -21.02
C THR A 42 16.53 -21.41 -22.06
N GLN A 43 15.21 -21.38 -21.87
CA GLN A 43 14.34 -20.67 -22.78
C GLN A 43 14.27 -19.19 -22.42
N ALA A 44 14.37 -18.89 -21.13
CA ALA A 44 14.39 -17.53 -20.66
C ALA A 44 15.79 -17.15 -20.17
N PRO A 45 16.12 -15.86 -20.19
CA PRO A 45 17.40 -15.36 -19.64
C PRO A 45 17.42 -15.45 -18.12
N GLY A 46 18.58 -15.77 -17.56
CA GLY A 46 18.72 -15.83 -16.12
C GLY A 46 18.85 -17.25 -15.62
N ASN A 47 18.42 -17.47 -14.39
CA ASN A 47 18.51 -18.80 -13.77
C ASN A 47 17.18 -19.53 -13.88
N PRO A 48 17.15 -20.66 -14.61
CA PRO A 48 15.95 -21.49 -14.72
C PRO A 48 15.49 -22.02 -13.37
N VAL A 49 16.46 -22.31 -12.50
CA VAL A 49 16.17 -22.73 -11.14
C VAL A 49 15.84 -21.50 -10.30
N LEU A 50 14.75 -21.58 -9.56
CA LEU A 50 14.28 -20.46 -8.77
C LEU A 50 14.70 -20.62 -7.30
N ALA A 51 14.61 -21.84 -6.80
CA ALA A 51 14.96 -22.12 -5.41
C ALA A 51 15.37 -23.58 -5.24
N VAL A 52 16.25 -23.84 -4.28
CA VAL A 52 16.71 -25.19 -4.01
C VAL A 52 16.52 -25.54 -2.54
N GLN A 53 15.84 -26.64 -2.28
CA GLN A 53 15.61 -27.08 -0.91
C GLN A 53 16.24 -28.44 -0.68
N ILE A 54 17.26 -28.47 0.15
CA ILE A 54 18.00 -29.70 0.40
C ILE A 54 17.64 -30.27 1.76
N ASN A 55 16.84 -31.32 1.76
CA ASN A 55 16.41 -31.94 3.00
C ASN A 55 17.44 -32.96 3.48
N GLN A 56 18.06 -32.68 4.62
CA GLN A 56 19.05 -33.57 5.19
C GLN A 56 18.37 -34.69 5.97
N ASP A 57 17.40 -35.33 5.33
CA ASP A 57 16.61 -36.38 5.95
C ASP A 57 16.97 -37.75 5.39
N LYS A 58 17.02 -37.85 4.07
CA LYS A 58 17.40 -39.10 3.42
C LYS A 58 18.19 -38.82 2.15
N ASN A 59 18.99 -37.75 2.20
CA ASN A 59 19.79 -37.30 1.06
C ASN A 59 18.94 -37.06 -0.17
N PHE A 60 18.16 -35.99 -0.15
CA PHE A 60 17.38 -35.61 -1.31
C PHE A 60 17.12 -34.12 -1.30
N ALA A 61 16.86 -33.56 -2.46
CA ALA A 61 16.61 -32.14 -2.58
C ALA A 61 15.44 -31.88 -3.51
N PHE A 62 14.87 -30.70 -3.38
CA PHE A 62 13.81 -30.27 -4.27
C PHE A 62 14.26 -29.04 -5.03
N LEU A 63 14.22 -29.13 -6.35
CA LEU A 63 14.64 -28.03 -7.20
C LEU A 63 13.42 -27.36 -7.79
N GLU A 64 13.16 -26.15 -7.33
CA GLU A 64 12.01 -25.40 -7.79
C GLU A 64 12.42 -24.50 -8.94
N PHE A 65 11.71 -24.62 -10.05
CA PHE A 65 11.99 -23.84 -11.23
C PHE A 65 11.00 -22.70 -11.37
N ARG A 66 11.33 -21.75 -12.24
CA ARG A 66 10.49 -20.60 -12.50
C ARG A 66 9.44 -20.93 -13.55
N SER A 67 9.65 -22.04 -14.25
CA SER A 67 8.75 -22.47 -15.30
C SER A 67 8.75 -24.00 -15.38
N VAL A 68 7.56 -24.58 -15.53
CA VAL A 68 7.41 -26.04 -15.58
C VAL A 68 8.14 -26.60 -16.80
N ASP A 69 8.21 -25.80 -17.86
CA ASP A 69 8.91 -26.18 -19.09
C ASP A 69 10.39 -26.36 -18.83
N GLU A 70 10.95 -25.53 -17.96
CA GLU A 70 12.36 -25.63 -17.62
C GLU A 70 12.55 -26.73 -16.56
N THR A 71 11.48 -27.06 -15.87
CA THR A 71 11.47 -28.16 -14.91
C THR A 71 11.57 -29.51 -15.63
N THR A 72 10.74 -29.70 -16.64
CA THR A 72 10.63 -30.99 -17.33
C THR A 72 11.96 -31.38 -18.01
N GLN A 73 12.66 -30.39 -18.53
CA GLN A 73 13.94 -30.65 -19.20
C GLN A 73 15.05 -30.94 -18.20
N ALA A 74 14.85 -30.57 -16.94
CA ALA A 74 15.82 -30.90 -15.91
C ALA A 74 15.71 -32.37 -15.55
N MET A 75 14.53 -32.92 -15.79
CA MET A 75 14.28 -34.34 -15.55
C MET A 75 15.06 -35.20 -16.53
N ALA A 76 15.53 -34.59 -17.61
CA ALA A 76 16.34 -35.29 -18.60
C ALA A 76 17.71 -35.63 -18.02
N PHE A 77 18.08 -34.92 -16.95
CA PHE A 77 19.35 -35.17 -16.28
C PHE A 77 19.29 -36.41 -15.39
N ASP A 78 18.12 -37.04 -15.31
CA ASP A 78 17.97 -38.25 -14.51
C ASP A 78 18.81 -39.38 -15.09
N GLY A 79 19.91 -39.69 -14.41
CA GLY A 79 20.78 -40.75 -14.85
C GLY A 79 21.96 -40.23 -15.66
N ILE A 80 22.07 -38.92 -15.77
CA ILE A 80 23.13 -38.31 -16.57
C ILE A 80 24.35 -38.01 -15.71
N ILE A 81 25.51 -37.92 -16.35
CA ILE A 81 26.74 -37.63 -15.65
C ILE A 81 27.27 -36.26 -16.05
N PHE A 82 27.01 -35.26 -15.22
CA PHE A 82 27.52 -33.92 -15.46
C PHE A 82 28.67 -33.62 -14.52
N GLN A 83 29.83 -33.28 -15.09
CA GLN A 83 31.01 -32.91 -14.30
C GLN A 83 31.47 -34.07 -13.42
N GLY A 84 31.06 -35.28 -13.77
CA GLY A 84 31.43 -36.44 -12.98
C GLY A 84 30.39 -36.81 -11.94
N GLN A 85 29.43 -35.92 -11.71
CA GLN A 85 28.40 -36.18 -10.71
C GLN A 85 27.17 -36.78 -11.36
N SER A 86 26.55 -37.71 -10.65
CA SER A 86 25.41 -38.42 -11.17
C SER A 86 24.12 -37.89 -10.55
N LEU A 87 23.20 -37.49 -11.41
CA LEU A 87 21.98 -36.83 -10.96
C LEU A 87 20.77 -37.75 -11.13
N LYS A 88 19.92 -37.78 -10.12
CA LYS A 88 18.66 -38.52 -10.20
C LYS A 88 17.49 -37.57 -9.99
N ILE A 89 16.54 -37.58 -10.92
CA ILE A 89 15.37 -36.73 -10.82
C ILE A 89 14.11 -37.57 -10.93
N ARG A 90 13.23 -37.44 -9.95
CA ARG A 90 11.99 -38.20 -9.95
C ARG A 90 10.85 -37.34 -10.45
N ARG A 91 9.90 -37.96 -11.14
CA ARG A 91 8.82 -37.23 -11.77
C ARG A 91 7.46 -37.69 -11.25
N PRO A 92 6.83 -36.88 -10.39
CA PRO A 92 5.51 -37.19 -9.84
C PRO A 92 4.41 -37.02 -10.88
N HIS A 93 3.63 -38.08 -11.09
CA HIS A 93 2.57 -38.06 -12.09
C HIS A 93 1.23 -37.70 -11.44
N ASP A 94 0.98 -38.26 -10.25
CA ASP A 94 -0.29 -38.02 -9.56
C ASP A 94 -0.19 -36.80 -8.66
N TYR A 95 0.67 -35.87 -9.05
CA TYR A 95 0.82 -34.62 -8.32
C TYR A 95 -0.47 -33.80 -8.46
N GLN A 96 -0.91 -33.23 -7.36
CA GLN A 96 -2.13 -32.44 -7.32
C GLN A 96 -2.15 -31.53 -6.12
N PRO A 97 -1.78 -30.26 -6.34
CA PRO A 97 -1.77 -29.24 -5.28
C PRO A 97 -3.17 -28.93 -4.81
N LEU A 98 -3.39 -29.00 -3.51
CA LEU A 98 -4.71 -28.80 -2.93
C LEU A 98 -4.62 -28.05 -1.61
N PRO A 99 -5.49 -27.06 -1.43
CA PRO A 99 -5.57 -26.31 -0.18
C PRO A 99 -6.29 -27.10 0.91
N GLY A 100 -5.98 -26.81 2.16
CA GLY A 100 -6.63 -27.50 3.25
C GLY A 100 -5.72 -27.69 4.44
N MET A 101 -4.99 -26.66 4.81
CA MET A 101 -4.07 -26.73 5.94
C MET A 101 -3.75 -25.36 6.52
N SER A 102 -3.57 -24.36 5.66
CA SER A 102 -3.15 -23.05 6.12
C SER A 102 -3.72 -21.95 5.24
N GLU A 103 -5.05 -21.88 5.16
CA GLU A 103 -5.70 -20.88 4.33
C GLU A 103 -6.36 -19.81 5.19
N ASN A 104 -6.54 -18.63 4.61
CA ASN A 104 -7.22 -17.53 5.28
C ASN A 104 -7.95 -16.67 4.26
N PRO A 105 -9.07 -16.04 4.63
CA PRO A 105 -9.85 -15.21 3.71
C PRO A 105 -9.03 -14.05 3.14
N SER A 106 -8.71 -13.10 3.98
CA SER A 106 -7.90 -11.95 3.59
C SER A 106 -7.16 -11.40 4.80
N VAL A 107 -6.38 -12.27 5.44
CA VAL A 107 -5.60 -11.87 6.61
C VAL A 107 -4.18 -11.53 6.18
N TYR A 108 -4.00 -11.52 4.88
CA TYR A 108 -2.74 -11.20 4.25
C TYR A 108 -3.01 -10.25 3.09
N VAL A 109 -2.09 -9.32 2.84
CA VAL A 109 -2.28 -8.37 1.77
C VAL A 109 -1.61 -8.86 0.48
N PRO A 110 -2.42 -9.33 -0.48
CA PRO A 110 -1.93 -9.80 -1.76
C PRO A 110 -1.72 -8.64 -2.73
N GLY A 111 -0.52 -8.54 -3.27
CA GLY A 111 -0.21 -7.44 -4.14
C GLY A 111 0.59 -6.38 -3.44
N VAL A 112 0.88 -6.62 -2.15
CA VAL A 112 1.69 -5.71 -1.35
C VAL A 112 0.98 -4.35 -1.16
N VAL A 113 1.55 -3.46 -0.36
CA VAL A 113 1.00 -2.12 -0.21
C VAL A 113 1.04 -1.40 -1.56
N SER A 114 -0.12 -0.99 -2.03
CA SER A 114 -0.24 -0.38 -3.34
C SER A 114 0.53 0.93 -3.39
N THR A 115 1.37 1.09 -4.40
CA THR A 115 2.14 2.32 -4.55
C THR A 115 1.37 3.33 -5.38
N VAL A 116 0.14 2.98 -5.73
CA VAL A 116 -0.77 3.87 -6.42
C VAL A 116 -1.86 4.35 -5.48
N VAL A 117 -1.73 5.59 -5.03
CA VAL A 117 -2.67 6.17 -4.10
C VAL A 117 -3.76 6.93 -4.85
N PRO A 118 -4.99 6.39 -4.83
CA PRO A 118 -6.16 7.07 -5.41
C PRO A 118 -6.42 8.40 -4.73
N ASP A 119 -6.87 9.38 -5.49
CA ASP A 119 -7.09 10.71 -4.93
C ASP A 119 -8.48 10.81 -4.32
N SER A 120 -8.53 10.49 -3.04
CA SER A 120 -9.76 10.54 -2.29
C SER A 120 -9.88 11.86 -1.53
N ALA A 121 -11.05 12.12 -0.98
CA ALA A 121 -11.28 13.34 -0.21
C ALA A 121 -10.62 13.24 1.16
N HIS A 122 -10.13 12.05 1.47
CA HIS A 122 -9.41 11.81 2.72
C HIS A 122 -7.93 11.54 2.44
N LYS A 123 -7.42 12.08 1.34
CA LYS A 123 -6.01 11.94 0.99
C LYS A 123 -5.12 12.45 2.12
N LEU A 124 -3.99 11.81 2.31
CA LEU A 124 -3.11 12.13 3.42
C LEU A 124 -1.73 12.52 2.93
N PHE A 125 -1.20 13.59 3.49
CA PHE A 125 0.12 14.06 3.16
C PHE A 125 1.05 13.88 4.34
N ILE A 126 2.16 13.20 4.11
CA ILE A 126 3.17 13.02 5.14
C ILE A 126 4.44 13.76 4.72
N GLY A 127 4.79 14.79 5.48
CA GLY A 127 5.98 15.57 5.23
C GLY A 127 6.92 15.54 6.40
N GLY A 128 8.04 16.25 6.30
CA GLY A 128 8.99 16.27 7.39
C GLY A 128 9.91 15.08 7.37
N LEU A 129 9.71 14.21 6.40
CA LEU A 129 10.43 12.95 6.32
C LEU A 129 11.90 13.14 6.01
N PRO A 130 12.77 12.49 6.80
CA PRO A 130 14.20 12.42 6.51
C PRO A 130 14.45 11.82 5.12
N ASN A 131 15.41 12.39 4.41
CA ASN A 131 15.63 12.07 3.00
C ASN A 131 16.24 10.68 2.80
N TYR A 132 16.50 9.98 3.90
CA TYR A 132 17.06 8.63 3.81
C TYR A 132 15.99 7.56 4.06
N LEU A 133 14.80 7.98 4.45
CA LEU A 133 13.70 7.03 4.67
C LEU A 133 12.83 6.97 3.42
N ASN A 134 12.58 5.78 2.92
CA ASN A 134 11.76 5.61 1.73
C ASN A 134 10.38 5.11 2.13
N ASP A 135 9.54 4.85 1.14
CA ASP A 135 8.19 4.34 1.38
C ASP A 135 8.19 3.15 2.35
N ASP A 136 9.13 2.23 2.16
CA ASP A 136 9.22 1.03 3.02
C ASP A 136 9.45 1.41 4.47
N GLN A 137 10.35 2.35 4.70
CA GLN A 137 10.73 2.77 6.04
C GLN A 137 9.66 3.63 6.68
N VAL A 138 9.12 4.55 5.90
CA VAL A 138 8.14 5.50 6.39
C VAL A 138 6.83 4.81 6.79
N LYS A 139 6.52 3.68 6.15
CA LYS A 139 5.35 2.90 6.52
C LYS A 139 5.39 2.51 7.99
N GLU A 140 6.58 2.28 8.50
CA GLU A 140 6.78 1.83 9.88
C GLU A 140 6.26 2.88 10.87
N LEU A 141 6.32 4.14 10.48
CA LEU A 141 5.82 5.21 11.33
C LEU A 141 4.30 5.30 11.23
N LEU A 142 3.79 5.15 10.02
CA LEU A 142 2.37 5.32 9.75
C LEU A 142 1.57 4.11 10.24
N THR A 143 2.18 2.94 10.22
CA THR A 143 1.53 1.71 10.63
C THR A 143 1.22 1.69 12.13
N SER A 144 1.83 2.62 12.86
CA SER A 144 1.65 2.72 14.30
C SER A 144 0.18 2.85 14.68
N PHE A 145 -0.62 3.46 13.81
CA PHE A 145 -2.06 3.57 14.06
C PHE A 145 -2.84 2.58 13.22
N GLY A 146 -2.44 2.41 11.96
CA GLY A 146 -3.10 1.45 11.10
C GLY A 146 -2.29 1.12 9.87
N PRO A 147 -2.62 0.03 9.20
CA PRO A 147 -1.98 -0.37 7.95
C PRO A 147 -2.39 0.53 6.79
N LEU A 148 -1.60 0.49 5.72
CA LEU A 148 -1.84 1.35 4.58
C LEU A 148 -2.28 0.57 3.37
N LYS A 149 -3.37 1.01 2.77
CA LYS A 149 -3.89 0.44 1.54
C LYS A 149 -2.97 0.81 0.38
N ALA A 150 -2.62 2.07 0.34
CA ALA A 150 -1.79 2.60 -0.72
C ALA A 150 -0.83 3.64 -0.16
N PHE A 151 0.44 3.48 -0.44
CA PHE A 151 1.45 4.39 0.04
C PHE A 151 2.47 4.69 -1.04
N ASN A 152 2.42 5.92 -1.54
CA ASN A 152 3.36 6.37 -2.55
C ASN A 152 4.26 7.46 -1.99
N LEU A 153 5.56 7.18 -1.93
CA LEU A 153 6.53 8.18 -1.51
C LEU A 153 7.25 8.73 -2.73
N VAL A 154 7.24 10.05 -2.87
CA VAL A 154 7.82 10.69 -4.03
C VAL A 154 9.34 10.82 -3.87
N LYS A 155 10.06 10.25 -4.81
CA LYS A 155 11.52 10.25 -4.78
C LYS A 155 12.04 11.05 -5.96
N ASP A 156 13.15 11.74 -5.78
CA ASP A 156 13.68 12.64 -6.80
C ASP A 156 14.63 11.88 -7.72
N SER A 157 14.56 12.17 -9.01
CA SER A 157 15.38 11.49 -10.00
C SER A 157 16.75 12.17 -10.11
N ALA A 158 16.86 13.39 -9.60
CA ALA A 158 18.10 14.13 -9.68
C ALA A 158 18.97 13.87 -8.46
N THR A 159 18.34 13.81 -7.29
CA THR A 159 19.07 13.52 -6.07
C THR A 159 19.21 12.01 -5.88
N GLY A 160 18.25 11.28 -6.41
CA GLY A 160 18.24 9.83 -6.27
C GLY A 160 17.82 9.39 -4.89
N LEU A 161 17.13 10.29 -4.20
CA LEU A 161 16.76 10.05 -2.81
C LEU A 161 15.29 10.34 -2.59
N SER A 162 14.82 10.05 -1.38
CA SER A 162 13.48 10.40 -0.97
C SER A 162 13.38 11.92 -0.80
N LYS A 163 12.28 12.49 -1.28
CA LYS A 163 12.11 13.93 -1.23
C LYS A 163 11.51 14.37 0.12
N GLY A 164 11.23 13.39 0.97
CA GLY A 164 10.80 13.69 2.32
C GLY A 164 9.31 13.95 2.43
N TYR A 165 8.53 13.38 1.53
CA TYR A 165 7.08 13.51 1.58
C TYR A 165 6.42 12.38 0.82
N ALA A 166 5.27 11.95 1.33
CA ALA A 166 4.56 10.84 0.75
C ALA A 166 3.06 10.98 0.95
N PHE A 167 2.30 10.15 0.26
CA PHE A 167 0.84 10.13 0.40
C PHE A 167 0.39 8.73 0.72
N CYS A 168 -0.41 8.59 1.77
CA CYS A 168 -0.89 7.29 2.20
C CYS A 168 -2.41 7.27 2.26
N GLU A 169 -2.96 6.06 2.19
CA GLU A 169 -4.39 5.84 2.36
C GLU A 169 -4.61 4.71 3.34
N TYR A 170 -5.13 5.03 4.52
CA TYR A 170 -5.45 4.00 5.51
C TYR A 170 -6.64 3.19 5.05
N VAL A 171 -6.54 1.87 5.24
CA VAL A 171 -7.59 0.93 4.82
C VAL A 171 -8.90 1.23 5.53
N ASP A 172 -8.81 1.79 6.72
CA ASP A 172 -9.98 2.21 7.47
C ASP A 172 -10.01 3.73 7.57
N ILE A 173 -11.17 4.32 7.38
CA ILE A 173 -11.28 5.78 7.37
C ILE A 173 -11.42 6.33 8.79
N ASN A 174 -11.71 5.43 9.72
CA ASN A 174 -11.89 5.84 11.12
C ASN A 174 -10.54 5.96 11.82
N VAL A 175 -9.52 5.33 11.26
CA VAL A 175 -8.18 5.44 11.82
C VAL A 175 -7.47 6.66 11.23
N THR A 176 -8.00 7.14 10.11
CA THR A 176 -7.44 8.30 9.42
C THR A 176 -7.25 9.49 10.37
N ASP A 177 -8.30 9.84 11.10
CA ASP A 177 -8.27 11.01 11.98
C ASP A 177 -7.50 10.72 13.26
N GLN A 178 -7.33 9.45 13.59
CA GLN A 178 -6.61 9.06 14.78
C GLN A 178 -5.11 9.04 14.52
N ALA A 179 -4.75 8.72 13.29
CA ALA A 179 -3.35 8.66 12.88
C ALA A 179 -2.78 10.05 12.76
N ILE A 180 -3.44 10.90 11.97
CA ILE A 180 -3.00 12.29 11.78
C ILE A 180 -2.93 13.03 13.12
N ALA A 181 -3.74 12.56 14.05
CA ALA A 181 -3.79 13.16 15.38
C ALA A 181 -2.48 12.94 16.14
N GLY A 182 -1.94 11.73 16.04
CA GLY A 182 -0.76 11.39 16.81
C GLY A 182 0.52 11.46 16.00
N LEU A 183 0.43 11.20 14.71
CA LEU A 183 1.61 11.17 13.85
C LEU A 183 2.09 12.57 13.52
N ASN A 184 1.16 13.51 13.35
CA ASN A 184 1.53 14.87 13.03
C ASN A 184 2.29 15.50 14.19
N GLY A 185 3.56 15.77 13.97
CA GLY A 185 4.40 16.34 14.99
C GLY A 185 5.39 15.35 15.55
N MET A 186 5.38 14.13 15.00
CA MET A 186 6.31 13.10 15.44
C MET A 186 7.74 13.50 15.08
N GLN A 187 8.57 13.67 16.08
CA GLN A 187 9.94 14.09 15.87
C GLN A 187 10.78 12.88 15.50
N LEU A 188 10.81 12.57 14.22
CA LEU A 188 11.56 11.43 13.72
C LEU A 188 12.77 11.92 12.94
N GLY A 189 13.95 11.71 13.50
CA GLY A 189 15.17 12.14 12.85
C GLY A 189 15.51 13.56 13.19
N ASP A 190 15.64 14.40 12.19
CA ASP A 190 16.05 15.78 12.38
C ASP A 190 14.84 16.73 12.38
N LYS A 191 13.70 16.23 11.92
CA LYS A 191 12.50 17.06 11.79
C LYS A 191 11.31 16.45 12.52
N LYS A 192 10.28 17.26 12.69
CA LYS A 192 8.97 16.77 13.13
C LYS A 192 8.12 16.49 11.91
N LEU A 193 7.61 15.28 11.80
CA LEU A 193 6.87 14.88 10.63
C LEU A 193 5.51 15.55 10.58
N LEU A 194 5.21 16.15 9.44
CA LEU A 194 3.90 16.74 9.22
C LEU A 194 2.96 15.70 8.64
N VAL A 195 1.88 15.43 9.34
CA VAL A 195 0.94 14.44 8.87
C VAL A 195 -0.47 15.01 8.93
N GLN A 196 -1.02 15.27 7.77
CA GLN A 196 -2.31 15.93 7.67
C GLN A 196 -3.00 15.49 6.39
N ARG A 197 -4.31 15.72 6.32
CA ARG A 197 -5.05 15.39 5.11
C ARG A 197 -4.67 16.34 3.99
N ALA A 198 -4.28 15.78 2.87
CA ALA A 198 -3.81 16.57 1.73
C ALA A 198 -4.93 17.45 1.18
N SER A 199 -6.16 17.09 1.51
CA SER A 199 -7.34 17.82 1.08
C SER A 199 -7.35 19.26 1.62
N VAL A 200 -6.75 19.45 2.79
CA VAL A 200 -6.71 20.78 3.40
C VAL A 200 -5.68 21.66 2.69
N GLY A 201 -4.78 21.01 1.96
CA GLY A 201 -3.74 21.72 1.26
C GLY A 201 -4.12 21.99 -0.18
N ALA A 202 -5.35 21.65 -0.54
CA ALA A 202 -5.86 21.90 -1.86
C ALA A 202 -6.15 23.39 -2.03
N LYS A 203 -5.34 24.05 -2.85
CA LYS A 203 -5.47 25.48 -3.07
C LYS A 203 -6.62 25.77 -4.03
N ASN A 204 -7.84 25.50 -3.57
CA ASN A 204 -9.03 25.75 -4.37
C ASN A 204 -10.28 25.65 -3.49
N ALA A 205 -10.52 24.47 -2.91
CA ALA A 205 -11.68 24.23 -2.07
C ALA A 205 -12.98 24.47 -2.84
N ALA A 1 -0.05 17.48 21.24
CA ALA A 1 1.11 16.58 21.32
C ALA A 1 2.39 17.31 20.92
N MET A 2 3.30 17.49 21.86
CA MET A 2 4.55 18.18 21.59
C MET A 2 5.73 17.22 21.71
N VAL A 3 5.54 16.02 21.17
CA VAL A 3 6.56 14.96 21.20
C VAL A 3 6.79 14.46 22.63
N GLY A 4 6.26 13.29 22.91
CA GLY A 4 6.41 12.71 24.23
C GLY A 4 6.23 11.21 24.22
N SER A 5 6.14 10.62 25.39
CA SER A 5 6.08 9.17 25.53
C SER A 5 4.64 8.67 25.52
N GLN A 6 3.69 9.54 25.22
CA GLN A 6 2.27 9.19 25.22
C GLN A 6 1.94 8.16 24.14
N MET A 7 2.82 8.03 23.15
CA MET A 7 2.62 7.05 22.10
C MET A 7 3.17 5.69 22.52
N THR A 8 4.41 5.68 22.99
CA THR A 8 5.08 4.42 23.32
C THR A 8 4.56 3.85 24.64
N ARG A 9 3.89 4.66 25.45
CA ARG A 9 3.31 4.16 26.69
C ARG A 9 2.23 3.13 26.38
N GLN A 10 1.72 3.17 25.15
CA GLN A 10 0.74 2.19 24.68
C GLN A 10 1.45 0.89 24.32
N ALA A 11 2.71 1.01 23.91
CA ALA A 11 3.52 -0.14 23.54
C ALA A 11 4.19 -0.73 24.77
N ARG A 12 4.52 0.13 25.73
CA ARG A 12 5.09 -0.30 27.00
C ARG A 12 4.03 -0.96 27.87
N ARG A 13 2.78 -0.85 27.46
CA ARG A 13 1.69 -1.35 28.26
C ARG A 13 1.04 -2.55 27.60
N LEU A 14 0.82 -3.59 28.39
CA LEU A 14 0.24 -4.82 27.87
C LEU A 14 -1.11 -5.10 28.53
N TYR A 15 -1.96 -5.81 27.81
CA TYR A 15 -3.30 -6.10 28.26
C TYR A 15 -3.30 -7.36 29.13
N VAL A 16 -3.84 -7.26 30.34
CA VAL A 16 -3.80 -8.36 31.28
C VAL A 16 -5.19 -8.93 31.48
N GLY A 17 -5.34 -10.19 31.10
CA GLY A 17 -6.60 -10.86 31.27
C GLY A 17 -6.57 -11.85 32.40
N ASN A 18 -7.74 -12.36 32.77
CA ASN A 18 -7.90 -13.34 33.84
C ASN A 18 -7.54 -12.72 35.19
N ILE A 19 -8.13 -11.58 35.46
CA ILE A 19 -7.90 -10.89 36.71
C ILE A 19 -9.19 -10.80 37.52
N PRO A 20 -9.07 -10.77 38.85
CA PRO A 20 -10.20 -10.54 39.74
C PRO A 20 -10.59 -9.07 39.81
N PHE A 21 -11.88 -8.80 39.64
CA PHE A 21 -12.37 -7.43 39.71
C PHE A 21 -12.15 -6.86 41.11
N GLY A 22 -11.60 -5.66 41.17
CA GLY A 22 -11.28 -5.06 42.43
C GLY A 22 -9.84 -5.29 42.80
N ILE A 23 -9.07 -5.83 41.87
CA ILE A 23 -7.65 -6.05 42.06
C ILE A 23 -6.93 -4.70 42.14
N THR A 24 -5.88 -4.64 42.93
CA THR A 24 -5.18 -3.40 43.17
C THR A 24 -3.88 -3.34 42.35
N GLU A 25 -3.49 -2.13 41.95
CA GLU A 25 -2.26 -1.91 41.19
C GLU A 25 -1.09 -2.69 41.78
N GLU A 26 -0.79 -2.39 43.03
CA GLU A 26 0.36 -2.97 43.74
C GLU A 26 0.32 -4.50 43.73
N ALA A 27 -0.88 -5.07 43.79
CA ALA A 27 -1.05 -6.52 43.81
C ALA A 27 -0.50 -7.13 42.52
N MET A 28 -1.04 -6.67 41.40
CA MET A 28 -0.68 -7.20 40.09
C MET A 28 0.75 -6.80 39.75
N MET A 29 1.10 -5.57 40.12
CA MET A 29 2.43 -5.02 39.87
C MET A 29 3.50 -5.92 40.50
N ASP A 30 3.29 -6.25 41.76
CA ASP A 30 4.22 -7.09 42.50
C ASP A 30 4.26 -8.50 41.91
N PHE A 31 3.12 -8.99 41.46
CA PHE A 31 3.03 -10.31 40.85
C PHE A 31 3.93 -10.42 39.63
N PHE A 32 3.79 -9.49 38.70
CA PHE A 32 4.60 -9.48 37.49
C PHE A 32 6.08 -9.29 37.83
N ASN A 33 6.36 -8.40 38.77
CA ASN A 33 7.74 -8.15 39.21
C ASN A 33 8.36 -9.42 39.79
N ALA A 34 7.56 -10.15 40.56
CA ALA A 34 8.01 -11.40 41.17
C ALA A 34 8.38 -12.42 40.10
N GLN A 35 7.54 -12.52 39.08
CA GLN A 35 7.78 -13.47 38.00
C GLN A 35 9.06 -13.12 37.25
N MET A 36 9.31 -11.82 37.12
CA MET A 36 10.54 -11.33 36.51
C MET A 36 11.74 -11.83 37.30
N ARG A 37 11.62 -11.78 38.63
CA ARG A 37 12.69 -12.26 39.51
C ARG A 37 12.85 -13.77 39.38
N LEU A 38 11.73 -14.49 39.36
CA LEU A 38 11.74 -15.94 39.27
C LEU A 38 12.37 -16.41 37.96
N GLY A 39 11.95 -15.80 36.87
CA GLY A 39 12.48 -16.15 35.56
C GLY A 39 13.87 -15.61 35.34
N GLY A 40 14.20 -14.54 36.06
CA GLY A 40 15.50 -13.91 35.90
C GLY A 40 15.49 -12.87 34.79
N LEU A 41 14.34 -12.25 34.60
CA LEU A 41 14.18 -11.26 33.53
C LEU A 41 14.57 -9.88 34.03
N THR A 42 14.61 -9.73 35.35
CA THR A 42 14.88 -8.44 35.96
C THR A 42 16.23 -7.88 35.53
N GLN A 43 16.17 -6.87 34.67
CA GLN A 43 17.37 -6.13 34.25
C GLN A 43 17.20 -4.66 34.56
N ALA A 44 16.01 -4.33 35.04
CA ALA A 44 15.70 -2.96 35.45
C ALA A 44 16.05 -2.76 36.91
N PRO A 45 16.75 -1.67 37.24
CA PRO A 45 16.99 -1.28 38.63
C PRO A 45 15.67 -1.03 39.35
N GLY A 46 15.52 -1.61 40.53
CA GLY A 46 14.26 -1.52 41.22
C GLY A 46 13.24 -2.47 40.61
N ASN A 47 12.00 -2.02 40.50
CA ASN A 47 10.95 -2.81 39.90
C ASN A 47 10.83 -2.48 38.40
N PRO A 48 10.88 -3.53 37.55
CA PRO A 48 10.81 -3.38 36.08
C PRO A 48 9.48 -2.80 35.61
N VAL A 49 8.42 -3.08 36.34
CA VAL A 49 7.12 -2.50 36.03
C VAL A 49 7.11 -1.03 36.42
N LEU A 50 6.65 -0.18 35.51
CA LEU A 50 6.65 1.25 35.72
C LEU A 50 5.35 1.69 36.37
N ALA A 51 4.24 1.14 35.88
CA ALA A 51 2.93 1.47 36.39
C ALA A 51 1.92 0.39 36.01
N VAL A 52 0.75 0.44 36.61
CA VAL A 52 -0.32 -0.50 36.30
C VAL A 52 -1.66 0.21 36.33
N GLN A 53 -2.50 -0.08 35.34
CA GLN A 53 -3.78 0.60 35.21
C GLN A 53 -4.91 -0.42 35.16
N ILE A 54 -5.80 -0.35 36.12
CA ILE A 54 -6.93 -1.25 36.17
C ILE A 54 -8.17 -0.53 35.67
N ASN A 55 -8.83 -1.13 34.69
CA ASN A 55 -10.06 -0.56 34.16
C ASN A 55 -11.14 -0.58 35.24
N GLN A 56 -11.93 0.48 35.29
CA GLN A 56 -12.94 0.62 36.33
C GLN A 56 -14.21 -0.15 35.98
N ASP A 57 -14.01 -1.35 35.45
CA ASP A 57 -15.10 -2.24 35.10
C ASP A 57 -14.64 -3.68 35.30
N LYS A 58 -15.60 -4.60 35.40
CA LYS A 58 -15.31 -5.96 35.84
C LYS A 58 -14.73 -6.84 34.73
N ASN A 59 -13.77 -6.31 33.98
CA ASN A 59 -13.15 -7.09 32.91
C ASN A 59 -11.66 -7.30 33.14
N PHE A 60 -10.83 -6.44 32.58
CA PHE A 60 -9.38 -6.68 32.52
C PHE A 60 -8.60 -5.40 32.81
N ALA A 61 -7.28 -5.54 32.95
CA ALA A 61 -6.41 -4.43 33.34
C ALA A 61 -5.23 -4.30 32.40
N PHE A 62 -4.48 -3.23 32.57
CA PHE A 62 -3.29 -2.95 31.78
C PHE A 62 -2.06 -2.87 32.67
N LEU A 63 -0.96 -3.43 32.21
CA LEU A 63 0.31 -3.35 32.92
C LEU A 63 1.31 -2.56 32.09
N GLU A 64 1.95 -1.57 32.69
CA GLU A 64 2.83 -0.68 31.93
C GLU A 64 4.26 -0.78 32.44
N PHE A 65 5.18 -0.97 31.52
CA PHE A 65 6.58 -1.12 31.84
C PHE A 65 7.36 0.12 31.47
N ARG A 66 8.58 0.24 32.00
CA ARG A 66 9.42 1.40 31.74
C ARG A 66 9.87 1.44 30.29
N SER A 67 9.97 0.28 29.66
CA SER A 67 10.46 0.17 28.30
C SER A 67 9.85 -1.07 27.64
N VAL A 68 9.74 -1.01 26.32
CA VAL A 68 9.12 -2.09 25.53
C VAL A 68 9.89 -3.40 25.72
N ASP A 69 11.19 -3.30 25.95
CA ASP A 69 12.02 -4.47 26.24
C ASP A 69 11.48 -5.23 27.45
N GLU A 70 11.15 -4.49 28.50
CA GLU A 70 10.64 -5.07 29.73
C GLU A 70 9.22 -5.58 29.52
N THR A 71 8.50 -4.89 28.65
CA THR A 71 7.12 -5.23 28.34
C THR A 71 7.03 -6.56 27.58
N THR A 72 7.87 -6.70 26.55
CA THR A 72 7.80 -7.86 25.67
C THR A 72 8.14 -9.16 26.40
N GLN A 73 9.01 -9.08 27.39
CA GLN A 73 9.40 -10.26 28.16
C GLN A 73 8.32 -10.68 29.15
N ALA A 74 7.40 -9.76 29.45
CA ALA A 74 6.27 -10.08 30.31
C ALA A 74 5.23 -10.86 29.52
N MET A 75 5.20 -10.60 28.22
CA MET A 75 4.29 -11.27 27.30
C MET A 75 4.62 -12.76 27.17
N ALA A 76 5.80 -13.13 27.63
CA ALA A 76 6.22 -14.53 27.60
C ALA A 76 5.38 -15.35 28.57
N PHE A 77 4.88 -14.70 29.60
CA PHE A 77 4.02 -15.36 30.60
C PHE A 77 2.55 -15.43 30.16
N ASP A 78 2.29 -15.24 28.87
CA ASP A 78 0.92 -15.35 28.37
C ASP A 78 0.46 -16.80 28.36
N GLY A 79 -0.57 -17.09 29.14
CA GLY A 79 -1.15 -18.41 29.16
C GLY A 79 -0.52 -19.32 30.17
N ILE A 80 0.27 -18.76 31.07
CA ILE A 80 0.97 -19.57 32.07
C ILE A 80 0.26 -19.51 33.40
N ILE A 81 0.39 -20.58 34.18
CA ILE A 81 -0.25 -20.67 35.49
C ILE A 81 0.77 -20.48 36.60
N PHE A 82 0.79 -19.29 37.18
CA PHE A 82 1.67 -19.00 38.30
C PHE A 82 0.91 -18.97 39.61
N GLN A 83 1.30 -19.80 40.56
CA GLN A 83 0.72 -19.81 41.90
C GLN A 83 -0.77 -20.11 41.88
N GLY A 84 -1.24 -20.69 40.79
CA GLY A 84 -2.65 -21.02 40.66
C GLY A 84 -3.44 -19.99 39.87
N GLN A 85 -2.83 -18.84 39.61
CA GLN A 85 -3.49 -17.79 38.84
C GLN A 85 -3.03 -17.84 37.39
N SER A 86 -3.95 -17.67 36.47
CA SER A 86 -3.64 -17.66 35.06
C SER A 86 -3.37 -16.24 34.60
N LEU A 87 -2.27 -16.03 33.91
CA LEU A 87 -1.94 -14.72 33.38
C LEU A 87 -2.13 -14.70 31.87
N LYS A 88 -3.02 -13.85 31.41
CA LYS A 88 -3.24 -13.68 29.99
C LYS A 88 -2.73 -12.33 29.54
N ILE A 89 -1.82 -12.32 28.58
CA ILE A 89 -1.23 -11.06 28.12
C ILE A 89 -1.51 -10.85 26.64
N ARG A 90 -2.21 -9.77 26.34
CA ARG A 90 -2.50 -9.41 24.96
C ARG A 90 -1.86 -8.07 24.63
N ARG A 91 -1.83 -7.76 23.33
CA ARG A 91 -1.21 -6.53 22.87
C ARG A 91 -2.28 -5.50 22.51
N PRO A 92 -2.35 -4.40 23.26
CA PRO A 92 -3.29 -3.32 22.98
C PRO A 92 -2.97 -2.62 21.67
N HIS A 93 -3.94 -2.62 20.74
CA HIS A 93 -3.75 -2.07 19.40
C HIS A 93 -2.76 -2.91 18.60
N ASP A 94 -2.59 -2.58 17.32
CA ASP A 94 -1.75 -3.39 16.44
C ASP A 94 -0.39 -2.75 16.24
N TYR A 95 0.29 -2.52 17.36
CA TYR A 95 1.65 -2.01 17.33
C TYR A 95 2.61 -3.17 17.20
N GLN A 96 3.88 -2.89 17.09
CA GLN A 96 4.87 -3.94 17.00
C GLN A 96 6.15 -3.56 17.74
N PRO A 97 6.74 -4.52 18.45
CA PRO A 97 7.98 -4.32 19.19
C PRO A 97 9.20 -4.39 18.26
N LEU A 98 10.37 -4.15 18.84
CA LEU A 98 11.60 -4.16 18.08
C LEU A 98 12.14 -5.58 18.03
N PRO A 99 12.91 -5.92 16.99
CA PRO A 99 13.30 -7.30 16.72
C PRO A 99 14.39 -7.83 17.65
N GLY A 100 14.45 -7.28 18.84
CA GLY A 100 15.27 -7.86 19.87
C GLY A 100 14.56 -9.03 20.50
N MET A 101 13.27 -8.84 20.74
CA MET A 101 12.40 -9.90 21.20
C MET A 101 11.01 -9.67 20.64
N SER A 102 10.82 -10.06 19.40
CA SER A 102 9.52 -9.88 18.76
C SER A 102 8.70 -11.16 18.85
N GLU A 103 7.55 -11.06 19.51
CA GLU A 103 6.61 -12.18 19.60
C GLU A 103 6.13 -12.54 18.20
N ASN A 104 5.92 -11.53 17.38
CA ASN A 104 5.56 -11.74 15.99
C ASN A 104 6.66 -11.17 15.10
N PRO A 105 7.12 -11.96 14.11
CA PRO A 105 8.15 -11.52 13.17
C PRO A 105 7.59 -10.54 12.15
N SER A 106 7.63 -9.24 12.50
CA SER A 106 7.02 -8.17 11.70
C SER A 106 5.58 -8.50 11.35
N VAL A 107 4.99 -7.74 10.45
CA VAL A 107 3.64 -8.01 9.99
C VAL A 107 3.57 -8.02 8.47
N TYR A 108 2.44 -8.49 7.96
CA TYR A 108 2.22 -8.54 6.54
C TYR A 108 0.79 -8.10 6.22
N VAL A 109 0.66 -7.16 5.30
CA VAL A 109 -0.65 -6.65 4.93
C VAL A 109 -1.19 -7.37 3.69
N PRO A 110 -2.40 -7.94 3.79
CA PRO A 110 -3.04 -8.64 2.68
C PRO A 110 -3.34 -7.71 1.51
N GLY A 111 -2.77 -8.02 0.36
CA GLY A 111 -2.96 -7.20 -0.81
C GLY A 111 -1.72 -6.41 -1.17
N VAL A 112 -0.82 -6.27 -0.19
CA VAL A 112 0.42 -5.51 -0.36
C VAL A 112 0.13 -4.00 -0.53
N VAL A 113 0.92 -3.18 0.13
CA VAL A 113 0.74 -1.73 0.07
C VAL A 113 1.04 -1.23 -1.34
N SER A 114 0.00 -0.79 -2.04
CA SER A 114 0.14 -0.32 -3.40
C SER A 114 0.87 1.02 -3.44
N THR A 115 1.65 1.23 -4.49
CA THR A 115 2.34 2.50 -4.68
C THR A 115 1.46 3.48 -5.44
N VAL A 116 0.28 3.00 -5.83
CA VAL A 116 -0.70 3.84 -6.49
C VAL A 116 -1.72 4.31 -5.47
N VAL A 117 -1.55 5.54 -5.02
CA VAL A 117 -2.38 6.10 -3.97
C VAL A 117 -3.58 6.86 -4.56
N PRO A 118 -4.78 6.28 -4.44
CA PRO A 118 -6.01 6.89 -4.96
C PRO A 118 -6.29 8.26 -4.35
N ASP A 119 -6.94 9.12 -5.13
CA ASP A 119 -7.28 10.45 -4.67
C ASP A 119 -8.71 10.51 -4.16
N SER A 120 -8.89 11.03 -2.96
CA SER A 120 -10.21 11.08 -2.34
C SER A 120 -10.32 12.34 -1.48
N ALA A 121 -11.46 12.52 -0.82
CA ALA A 121 -11.63 13.64 0.10
C ALA A 121 -10.95 13.32 1.43
N HIS A 122 -10.70 12.04 1.65
CA HIS A 122 -9.97 11.58 2.82
C HIS A 122 -8.49 11.44 2.50
N LYS A 123 -8.04 12.25 1.55
CA LYS A 123 -6.68 12.19 1.05
C LYS A 123 -5.72 12.70 2.11
N LEU A 124 -4.61 12.00 2.29
CA LEU A 124 -3.66 12.33 3.34
C LEU A 124 -2.27 12.62 2.78
N PHE A 125 -1.55 13.49 3.45
CA PHE A 125 -0.19 13.85 3.04
C PHE A 125 0.77 13.69 4.22
N ILE A 126 1.93 13.10 3.94
CA ILE A 126 2.98 12.97 4.94
C ILE A 126 4.22 13.74 4.50
N GLY A 127 4.65 14.67 5.33
CA GLY A 127 5.85 15.43 5.07
C GLY A 127 6.80 15.38 6.25
N GLY A 128 7.93 16.05 6.14
CA GLY A 128 8.87 16.11 7.24
C GLY A 128 9.77 14.89 7.31
N LEU A 129 9.60 14.00 6.35
CA LEU A 129 10.33 12.73 6.34
C LEU A 129 11.81 12.93 6.13
N PRO A 130 12.65 12.26 6.95
CA PRO A 130 14.10 12.27 6.79
C PRO A 130 14.52 11.72 5.42
N ASN A 131 15.56 12.30 4.86
CA ASN A 131 15.98 11.97 3.49
C ASN A 131 16.63 10.59 3.40
N TYR A 132 16.83 9.95 4.54
CA TYR A 132 17.44 8.63 4.56
C TYR A 132 16.41 7.53 4.75
N LEU A 133 15.14 7.90 4.86
CA LEU A 133 14.07 6.91 4.97
C LEU A 133 13.18 6.96 3.73
N ASN A 134 12.86 5.81 3.18
CA ASN A 134 12.01 5.74 2.00
C ASN A 134 10.63 5.26 2.40
N ASP A 135 9.76 5.06 1.41
CA ASP A 135 8.37 4.68 1.67
C ASP A 135 8.29 3.46 2.59
N ASP A 136 9.16 2.50 2.38
CA ASP A 136 9.10 1.24 3.13
C ASP A 136 9.46 1.45 4.58
N GLN A 137 10.46 2.30 4.82
CA GLN A 137 10.90 2.59 6.17
C GLN A 137 9.88 3.48 6.89
N VAL A 138 9.31 4.40 6.13
CA VAL A 138 8.32 5.33 6.67
C VAL A 138 6.98 4.64 6.96
N LYS A 139 6.65 3.60 6.18
CA LYS A 139 5.41 2.85 6.39
C LYS A 139 5.28 2.40 7.84
N GLU A 140 6.39 1.96 8.41
CA GLU A 140 6.40 1.44 9.78
C GLU A 140 5.88 2.48 10.78
N LEU A 141 6.16 3.74 10.53
CA LEU A 141 5.69 4.81 11.40
C LEU A 141 4.19 5.01 11.24
N LEU A 142 3.70 4.87 10.03
CA LEU A 142 2.31 5.15 9.71
C LEU A 142 1.42 3.96 10.06
N THR A 143 1.97 2.75 9.95
CA THR A 143 1.21 1.53 10.21
C THR A 143 0.94 1.33 11.70
N SER A 144 1.61 2.11 12.53
CA SER A 144 1.48 1.99 13.99
C SER A 144 0.00 2.11 14.42
N PHE A 145 -0.72 3.02 13.81
CA PHE A 145 -2.15 3.18 14.10
C PHE A 145 -2.97 2.26 13.22
N GLY A 146 -2.58 2.16 11.95
CA GLY A 146 -3.27 1.28 11.04
C GLY A 146 -2.51 1.11 9.74
N PRO A 147 -2.71 -0.02 9.03
CA PRO A 147 -2.03 -0.28 7.77
C PRO A 147 -2.56 0.58 6.62
N LEU A 148 -1.72 0.75 5.61
CA LEU A 148 -2.04 1.60 4.48
C LEU A 148 -2.38 0.77 3.27
N LYS A 149 -3.43 1.16 2.57
CA LYS A 149 -3.83 0.48 1.33
C LYS A 149 -2.88 0.88 0.21
N ALA A 150 -2.37 2.10 0.31
CA ALA A 150 -1.48 2.66 -0.70
C ALA A 150 -0.59 3.72 -0.09
N PHE A 151 0.71 3.56 -0.29
CA PHE A 151 1.68 4.51 0.20
C PHE A 151 2.76 4.75 -0.84
N ASN A 152 2.78 5.96 -1.37
CA ASN A 152 3.78 6.35 -2.36
C ASN A 152 4.64 7.48 -1.82
N LEU A 153 5.94 7.25 -1.75
CA LEU A 153 6.88 8.29 -1.38
C LEU A 153 7.57 8.80 -2.63
N VAL A 154 7.56 10.12 -2.80
CA VAL A 154 8.12 10.72 -3.99
C VAL A 154 9.61 11.01 -3.81
N LYS A 155 10.43 10.19 -4.45
CA LYS A 155 11.86 10.39 -4.44
C LYS A 155 12.25 11.26 -5.63
N ASP A 156 13.46 11.79 -5.60
CA ASP A 156 13.95 12.59 -6.71
C ASP A 156 14.88 11.75 -7.57
N SER A 157 14.66 11.75 -8.87
CA SER A 157 15.45 10.95 -9.78
C SER A 157 16.77 11.65 -10.12
N ALA A 158 16.90 12.91 -9.73
CA ALA A 158 18.12 13.65 -9.99
C ALA A 158 19.10 13.51 -8.83
N THR A 159 18.58 13.55 -7.61
CA THR A 159 19.43 13.38 -6.44
C THR A 159 19.58 11.91 -6.07
N GLY A 160 18.56 11.13 -6.41
CA GLY A 160 18.56 9.72 -6.10
C GLY A 160 18.08 9.47 -4.68
N LEU A 161 17.58 10.52 -4.05
CA LEU A 161 17.23 10.46 -2.65
C LEU A 161 15.74 10.73 -2.45
N SER A 162 15.23 10.30 -1.31
CA SER A 162 13.87 10.58 -0.93
C SER A 162 13.72 12.06 -0.57
N LYS A 163 12.75 12.73 -1.20
CA LYS A 163 12.57 14.15 -0.99
C LYS A 163 11.88 14.45 0.34
N GLY A 164 11.39 13.40 0.99
CA GLY A 164 10.90 13.55 2.35
C GLY A 164 9.42 13.85 2.43
N TYR A 165 8.66 13.45 1.42
CA TYR A 165 7.21 13.63 1.45
C TYR A 165 6.54 12.51 0.68
N ALA A 166 5.37 12.10 1.17
CA ALA A 166 4.67 10.96 0.62
C ALA A 166 3.16 11.11 0.76
N PHE A 167 2.43 10.22 0.12
CA PHE A 167 0.98 10.20 0.19
C PHE A 167 0.49 8.83 0.61
N CYS A 168 -0.46 8.79 1.53
CA CYS A 168 -0.97 7.51 2.04
C CYS A 168 -2.49 7.53 2.10
N GLU A 169 -3.08 6.35 2.12
CA GLU A 169 -4.52 6.20 2.32
C GLU A 169 -4.78 5.11 3.35
N TYR A 170 -5.57 5.43 4.35
CA TYR A 170 -5.92 4.46 5.38
C TYR A 170 -7.17 3.68 4.97
N VAL A 171 -7.18 2.40 5.33
CA VAL A 171 -8.24 1.49 4.91
C VAL A 171 -9.57 1.82 5.58
N ASP A 172 -9.51 2.33 6.82
CA ASP A 172 -10.72 2.75 7.52
C ASP A 172 -10.62 4.23 7.88
N ILE A 173 -11.77 4.85 8.08
CA ILE A 173 -11.82 6.28 8.31
C ILE A 173 -11.61 6.60 9.78
N ASN A 174 -11.85 5.62 10.63
CA ASN A 174 -11.70 5.82 12.07
C ASN A 174 -10.22 5.91 12.42
N VAL A 175 -9.38 5.21 11.67
CA VAL A 175 -7.95 5.25 11.91
C VAL A 175 -7.34 6.49 11.28
N THR A 176 -8.00 7.01 10.26
CA THR A 176 -7.54 8.21 9.56
C THR A 176 -7.31 9.36 10.54
N ASP A 177 -8.34 9.69 11.33
CA ASP A 177 -8.25 10.83 12.24
C ASP A 177 -7.40 10.50 13.47
N GLN A 178 -7.28 9.22 13.79
CA GLN A 178 -6.47 8.82 14.94
C GLN A 178 -4.99 8.85 14.58
N ALA A 179 -4.68 8.53 13.34
CA ALA A 179 -3.31 8.50 12.88
C ALA A 179 -2.78 9.91 12.69
N ILE A 180 -3.54 10.75 11.99
CA ILE A 180 -3.13 12.13 11.77
C ILE A 180 -3.04 12.88 13.09
N ALA A 181 -3.71 12.35 14.11
CA ALA A 181 -3.68 12.93 15.45
C ALA A 181 -2.37 12.63 16.15
N GLY A 182 -1.80 11.46 15.89
CA GLY A 182 -0.58 11.05 16.56
C GLY A 182 0.65 11.27 15.73
N LEU A 183 0.55 11.04 14.43
CA LEU A 183 1.68 11.13 13.53
C LEU A 183 2.05 12.59 13.24
N ASN A 184 1.05 13.46 13.21
CA ASN A 184 1.29 14.88 12.99
C ASN A 184 2.13 15.46 14.11
N GLY A 185 3.35 15.86 13.79
CA GLY A 185 4.24 16.46 14.76
C GLY A 185 5.18 15.44 15.38
N MET A 186 5.22 14.24 14.80
CA MET A 186 6.15 13.22 15.26
C MET A 186 7.58 13.62 14.93
N GLN A 187 8.40 13.75 15.96
CA GLN A 187 9.78 14.14 15.76
C GLN A 187 10.61 12.90 15.45
N LEU A 188 10.65 12.56 14.17
CA LEU A 188 11.39 11.39 13.72
C LEU A 188 12.60 11.84 12.93
N GLY A 189 13.77 11.55 13.46
CA GLY A 189 15.00 11.96 12.81
C GLY A 189 15.40 13.36 13.22
N ASP A 190 15.53 14.25 12.24
CA ASP A 190 15.98 15.60 12.51
C ASP A 190 14.82 16.60 12.40
N LYS A 191 13.71 16.15 11.84
CA LYS A 191 12.55 17.01 11.63
C LYS A 191 11.32 16.46 12.32
N LYS A 192 10.25 17.23 12.31
CA LYS A 192 8.95 16.77 12.76
C LYS A 192 8.07 16.48 11.56
N LEU A 193 7.49 15.29 11.54
CA LEU A 193 6.71 14.85 10.40
C LEU A 193 5.37 15.54 10.36
N LEU A 194 5.06 16.09 9.20
CA LEU A 194 3.76 16.70 8.97
C LEU A 194 2.80 15.66 8.43
N VAL A 195 1.73 15.41 9.15
CA VAL A 195 0.74 14.45 8.72
C VAL A 195 -0.64 15.07 8.80
N GLN A 196 -1.22 15.34 7.64
CA GLN A 196 -2.52 16.01 7.57
C GLN A 196 -3.29 15.50 6.36
N ARG A 197 -4.52 15.98 6.22
CA ARG A 197 -5.28 15.76 5.00
C ARG A 197 -4.63 16.56 3.86
N ALA A 198 -4.41 15.89 2.74
CA ALA A 198 -3.74 16.52 1.60
C ALA A 198 -4.62 17.57 0.96
N SER A 199 -5.90 17.55 1.30
CA SER A 199 -6.87 18.49 0.77
C SER A 199 -6.69 19.88 1.40
N VAL A 200 -5.97 19.95 2.50
CA VAL A 200 -5.77 21.21 3.21
C VAL A 200 -4.71 22.06 2.51
N GLY A 201 -3.56 21.46 2.24
CA GLY A 201 -2.46 22.21 1.68
C GLY A 201 -2.43 22.16 0.16
N ALA A 202 -2.99 23.20 -0.46
CA ALA A 202 -2.94 23.37 -1.92
C ALA A 202 -3.42 22.13 -2.67
N LYS A 203 -4.71 21.84 -2.55
CA LYS A 203 -5.28 20.70 -3.23
C LYS A 203 -5.83 21.12 -4.60
N ASN A 204 -4.91 21.42 -5.51
CA ASN A 204 -5.29 21.81 -6.86
C ASN A 204 -4.65 20.86 -7.87
N ALA A 205 -5.41 20.50 -8.89
CA ALA A 205 -4.91 19.63 -9.93
C ALA A 205 -4.52 20.44 -11.16
N ALA A 1 -9.88 -30.62 8.33
CA ALA A 1 -10.84 -29.70 8.99
C ALA A 1 -11.10 -28.49 8.12
N MET A 2 -10.03 -27.85 7.65
CA MET A 2 -10.14 -26.67 6.78
C MET A 2 -10.94 -25.57 7.48
N VAL A 3 -10.28 -24.89 8.41
CA VAL A 3 -10.91 -23.82 9.16
C VAL A 3 -10.40 -22.47 8.65
N GLY A 4 -11.32 -21.55 8.41
CA GLY A 4 -10.96 -20.24 7.93
C GLY A 4 -12.17 -19.47 7.47
N SER A 5 -11.99 -18.64 6.45
CA SER A 5 -13.08 -17.83 5.94
C SER A 5 -13.46 -18.27 4.52
N GLN A 6 -12.99 -19.44 4.12
CA GLN A 6 -13.22 -19.94 2.76
C GLN A 6 -14.70 -20.20 2.53
N MET A 7 -15.38 -20.60 3.60
CA MET A 7 -16.81 -20.89 3.55
C MET A 7 -17.61 -19.65 3.16
N THR A 8 -17.12 -18.49 3.56
CA THR A 8 -17.84 -17.26 3.34
C THR A 8 -17.17 -16.39 2.28
N ARG A 9 -15.90 -16.63 2.01
CA ARG A 9 -15.20 -15.89 0.96
C ARG A 9 -15.81 -16.20 -0.40
N GLN A 10 -16.25 -17.44 -0.56
CA GLN A 10 -16.87 -17.84 -1.82
C GLN A 10 -18.35 -17.48 -1.82
N ALA A 11 -18.86 -17.11 -0.65
CA ALA A 11 -20.21 -16.55 -0.54
C ALA A 11 -20.13 -15.04 -0.75
N ARG A 12 -18.97 -14.49 -0.37
CA ARG A 12 -18.64 -13.10 -0.66
C ARG A 12 -18.14 -12.94 -2.10
N ARG A 13 -18.25 -14.01 -2.87
CA ARG A 13 -17.80 -13.98 -4.25
C ARG A 13 -18.91 -14.46 -5.16
N LEU A 14 -19.19 -13.70 -6.20
CA LEU A 14 -20.30 -14.02 -7.08
C LEU A 14 -19.84 -14.44 -8.47
N TYR A 15 -20.67 -15.24 -9.11
CA TYR A 15 -20.40 -15.81 -10.42
C TYR A 15 -20.74 -14.79 -11.52
N VAL A 16 -19.71 -14.30 -12.20
CA VAL A 16 -19.89 -13.33 -13.27
C VAL A 16 -19.83 -14.02 -14.63
N GLY A 17 -20.93 -13.97 -15.35
CA GLY A 17 -20.98 -14.57 -16.66
C GLY A 17 -21.21 -13.55 -17.76
N ASN A 18 -20.90 -13.95 -18.99
CA ASN A 18 -21.07 -13.11 -20.18
C ASN A 18 -20.04 -11.98 -20.17
N ILE A 19 -18.80 -12.35 -19.95
CA ILE A 19 -17.70 -11.40 -19.97
C ILE A 19 -16.90 -11.55 -21.26
N PRO A 20 -16.29 -10.47 -21.72
CA PRO A 20 -15.42 -10.47 -22.90
C PRO A 20 -14.02 -10.96 -22.56
N PHE A 21 -13.49 -11.88 -23.36
CA PHE A 21 -12.15 -12.38 -23.14
C PHE A 21 -11.15 -11.25 -23.39
N GLY A 22 -10.38 -10.92 -22.37
CA GLY A 22 -9.47 -9.81 -22.46
C GLY A 22 -9.82 -8.73 -21.45
N ILE A 23 -10.89 -8.97 -20.70
CA ILE A 23 -11.31 -8.03 -19.67
C ILE A 23 -10.39 -8.11 -18.47
N THR A 24 -10.14 -6.97 -17.86
CA THR A 24 -9.17 -6.88 -16.77
C THR A 24 -9.87 -6.87 -15.42
N GLU A 25 -9.15 -7.25 -14.36
CA GLU A 25 -9.70 -7.23 -13.00
C GLU A 25 -10.28 -5.86 -12.69
N GLU A 26 -9.44 -4.84 -12.77
CA GLU A 26 -9.85 -3.47 -12.46
C GLU A 26 -10.97 -3.00 -13.38
N ALA A 27 -11.08 -3.62 -14.56
CA ALA A 27 -12.08 -3.21 -15.54
C ALA A 27 -13.48 -3.44 -15.00
N MET A 28 -13.79 -4.68 -14.64
CA MET A 28 -15.12 -4.99 -14.12
C MET A 28 -15.23 -4.56 -12.67
N MET A 29 -14.08 -4.48 -12.00
CA MET A 29 -14.01 -4.05 -10.61
C MET A 29 -14.52 -2.61 -10.48
N ASP A 30 -13.91 -1.70 -11.24
CA ASP A 30 -14.26 -0.29 -11.18
C ASP A 30 -15.68 -0.06 -11.66
N PHE A 31 -16.12 -0.90 -12.60
CA PHE A 31 -17.49 -0.81 -13.11
C PHE A 31 -18.50 -1.04 -12.00
N PHE A 32 -18.37 -2.15 -11.30
CA PHE A 32 -19.26 -2.46 -10.19
C PHE A 32 -19.09 -1.46 -9.05
N ASN A 33 -17.84 -1.12 -8.73
CA ASN A 33 -17.56 -0.15 -7.67
C ASN A 33 -18.26 1.17 -7.92
N ALA A 34 -18.38 1.53 -9.19
CA ALA A 34 -19.09 2.74 -9.57
C ALA A 34 -20.59 2.57 -9.39
N GLN A 35 -21.12 1.48 -9.94
CA GLN A 35 -22.56 1.22 -9.92
C GLN A 35 -23.14 1.21 -8.51
N MET A 36 -22.41 0.64 -7.55
CA MET A 36 -22.85 0.65 -6.16
C MET A 36 -23.08 2.07 -5.68
N ARG A 37 -22.18 2.95 -6.04
CA ARG A 37 -22.25 4.35 -5.63
C ARG A 37 -23.28 5.11 -6.47
N LEU A 38 -23.51 4.64 -7.69
CA LEU A 38 -24.50 5.26 -8.57
C LEU A 38 -25.91 4.92 -8.11
N GLY A 39 -26.10 3.70 -7.61
CA GLY A 39 -27.40 3.28 -7.13
C GLY A 39 -27.61 3.61 -5.67
N GLY A 40 -26.52 3.76 -4.93
CA GLY A 40 -26.61 4.02 -3.51
C GLY A 40 -26.69 2.74 -2.72
N LEU A 41 -25.96 1.72 -3.19
CA LEU A 41 -25.98 0.41 -2.56
C LEU A 41 -24.84 0.27 -1.57
N THR A 42 -23.77 1.03 -1.80
CA THR A 42 -22.59 0.97 -0.97
C THR A 42 -22.91 1.34 0.47
N GLN A 43 -22.81 0.37 1.36
CA GLN A 43 -23.10 0.59 2.78
C GLN A 43 -21.90 1.25 3.46
N ALA A 44 -20.72 0.83 3.05
CA ALA A 44 -19.48 1.38 3.58
C ALA A 44 -18.80 2.26 2.54
N PRO A 45 -18.05 3.28 2.98
CA PRO A 45 -17.29 4.14 2.07
C PRO A 45 -16.13 3.39 1.42
N GLY A 46 -15.88 3.68 0.16
CA GLY A 46 -14.82 3.02 -0.56
C GLY A 46 -15.36 2.04 -1.58
N ASN A 47 -14.54 1.08 -1.96
CA ASN A 47 -14.92 0.10 -2.97
C ASN A 47 -15.43 -1.18 -2.31
N PRO A 48 -16.66 -1.59 -2.67
CA PRO A 48 -17.29 -2.80 -2.13
C PRO A 48 -16.60 -4.07 -2.58
N VAL A 49 -16.00 -4.04 -3.77
CA VAL A 49 -15.28 -5.19 -4.29
C VAL A 49 -13.91 -5.29 -3.64
N LEU A 50 -13.58 -6.49 -3.20
CA LEU A 50 -12.31 -6.75 -2.56
C LEU A 50 -11.26 -7.16 -3.61
N ALA A 51 -11.63 -8.10 -4.46
CA ALA A 51 -10.72 -8.60 -5.49
C ALA A 51 -11.50 -9.25 -6.63
N VAL A 52 -10.87 -9.34 -7.79
CA VAL A 52 -11.51 -9.95 -8.95
C VAL A 52 -10.64 -11.07 -9.51
N GLN A 53 -11.24 -12.23 -9.70
CA GLN A 53 -10.54 -13.36 -10.30
C GLN A 53 -11.13 -13.71 -11.65
N ILE A 54 -10.33 -13.62 -12.69
CA ILE A 54 -10.76 -14.04 -14.02
C ILE A 54 -10.16 -15.40 -14.35
N ASN A 55 -11.02 -16.33 -14.73
CA ASN A 55 -10.59 -17.68 -15.08
C ASN A 55 -10.18 -17.75 -16.55
N GLN A 56 -9.14 -18.52 -16.84
CA GLN A 56 -8.55 -18.56 -18.19
C GLN A 56 -9.17 -19.66 -19.04
N ASP A 57 -9.39 -20.82 -18.44
CA ASP A 57 -9.93 -21.97 -19.17
C ASP A 57 -11.43 -21.79 -19.41
N LYS A 58 -12.19 -21.76 -18.34
CA LYS A 58 -13.61 -21.47 -18.43
C LYS A 58 -13.79 -19.96 -18.43
N ASN A 59 -14.42 -19.42 -19.46
CA ASN A 59 -14.52 -17.97 -19.64
C ASN A 59 -15.53 -17.35 -18.70
N PHE A 60 -15.21 -17.36 -17.41
CA PHE A 60 -16.07 -16.77 -16.40
C PHE A 60 -15.21 -16.03 -15.37
N ALA A 61 -15.81 -15.07 -14.68
CA ALA A 61 -15.09 -14.30 -13.69
C ALA A 61 -15.77 -14.41 -12.35
N PHE A 62 -15.00 -14.18 -11.30
CA PHE A 62 -15.52 -14.23 -9.94
C PHE A 62 -15.18 -12.93 -9.21
N LEU A 63 -16.21 -12.29 -8.69
CA LEU A 63 -16.04 -11.02 -8.01
C LEU A 63 -16.14 -11.21 -6.51
N GLU A 64 -15.03 -10.94 -5.83
CA GLU A 64 -14.96 -11.11 -4.40
C GLU A 64 -15.21 -9.76 -3.73
N PHE A 65 -16.14 -9.74 -2.80
CA PHE A 65 -16.53 -8.52 -2.11
C PHE A 65 -16.08 -8.55 -0.66
N ARG A 66 -15.97 -7.36 -0.08
CA ARG A 66 -15.53 -7.20 1.31
C ARG A 66 -16.64 -7.62 2.28
N SER A 67 -17.87 -7.68 1.77
CA SER A 67 -19.03 -8.01 2.58
C SER A 67 -20.07 -8.75 1.74
N VAL A 68 -20.78 -9.70 2.37
CA VAL A 68 -21.74 -10.54 1.66
C VAL A 68 -22.95 -9.74 1.19
N ASP A 69 -23.37 -8.76 2.00
CA ASP A 69 -24.49 -7.91 1.63
C ASP A 69 -24.15 -7.10 0.39
N GLU A 70 -22.92 -6.62 0.35
CA GLU A 70 -22.43 -5.87 -0.80
C GLU A 70 -22.20 -6.82 -1.99
N THR A 71 -22.06 -8.10 -1.69
CA THR A 71 -21.97 -9.12 -2.72
C THR A 71 -23.33 -9.35 -3.36
N THR A 72 -24.34 -9.56 -2.52
CA THR A 72 -25.67 -9.92 -2.98
C THR A 72 -26.33 -8.78 -3.76
N GLN A 73 -25.96 -7.55 -3.41
CA GLN A 73 -26.55 -6.38 -4.06
C GLN A 73 -26.04 -6.23 -5.50
N ALA A 74 -24.90 -6.85 -5.80
CA ALA A 74 -24.37 -6.86 -7.16
C ALA A 74 -25.13 -7.87 -7.99
N MET A 75 -25.73 -8.82 -7.30
CA MET A 75 -26.50 -9.88 -7.94
C MET A 75 -27.81 -9.34 -8.48
N ALA A 76 -28.19 -8.15 -8.00
CA ALA A 76 -29.38 -7.47 -8.49
C ALA A 76 -29.16 -6.99 -9.92
N PHE A 77 -27.89 -6.85 -10.29
CA PHE A 77 -27.53 -6.47 -11.66
C PHE A 77 -27.51 -7.67 -12.60
N ASP A 78 -27.98 -8.82 -12.15
CA ASP A 78 -28.06 -9.99 -13.01
C ASP A 78 -29.01 -9.73 -14.17
N GLY A 79 -28.48 -9.76 -15.37
CA GLY A 79 -29.31 -9.58 -16.56
C GLY A 79 -29.50 -8.13 -16.91
N ILE A 80 -28.85 -7.24 -16.18
CA ILE A 80 -28.98 -5.82 -16.43
C ILE A 80 -27.94 -5.38 -17.47
N ILE A 81 -28.25 -4.32 -18.18
CA ILE A 81 -27.32 -3.78 -19.16
C ILE A 81 -26.92 -2.36 -18.76
N PHE A 82 -25.76 -2.23 -18.13
CA PHE A 82 -25.24 -0.90 -17.84
C PHE A 82 -23.93 -0.68 -18.57
N GLN A 83 -23.76 0.52 -19.12
CA GLN A 83 -22.55 0.89 -19.84
C GLN A 83 -22.40 0.06 -21.12
N GLY A 84 -23.52 -0.44 -21.63
CA GLY A 84 -23.52 -1.17 -22.89
C GLY A 84 -22.94 -2.57 -22.77
N GLN A 85 -22.76 -3.05 -21.55
CA GLN A 85 -22.24 -4.39 -21.33
C GLN A 85 -23.31 -5.27 -20.70
N SER A 86 -23.30 -6.55 -21.06
CA SER A 86 -24.27 -7.49 -20.55
C SER A 86 -23.63 -8.36 -19.47
N LEU A 87 -24.10 -8.23 -18.25
CA LEU A 87 -23.54 -8.96 -17.13
C LEU A 87 -24.57 -9.90 -16.51
N LYS A 88 -24.12 -11.11 -16.19
CA LYS A 88 -24.97 -12.11 -15.55
C LYS A 88 -24.37 -12.57 -14.24
N ILE A 89 -25.20 -12.63 -13.20
CA ILE A 89 -24.75 -13.06 -11.88
C ILE A 89 -25.74 -14.09 -11.33
N ARG A 90 -25.24 -15.06 -10.57
CA ARG A 90 -26.12 -16.10 -10.04
C ARG A 90 -26.54 -15.79 -8.61
N ARG A 91 -27.78 -16.14 -8.30
CA ARG A 91 -28.40 -15.82 -7.03
C ARG A 91 -27.71 -16.54 -5.87
N PRO A 92 -27.70 -15.93 -4.67
CA PRO A 92 -27.00 -16.48 -3.52
C PRO A 92 -27.86 -17.43 -2.69
N HIS A 93 -27.38 -18.66 -2.54
CA HIS A 93 -28.03 -19.69 -1.73
C HIS A 93 -27.38 -21.03 -2.02
N ASP A 94 -27.36 -21.39 -3.30
CA ASP A 94 -26.78 -22.64 -3.76
C ASP A 94 -25.53 -22.37 -4.59
N TYR A 95 -24.56 -21.66 -4.01
CA TYR A 95 -23.33 -21.36 -4.71
C TYR A 95 -22.51 -22.63 -4.88
N GLN A 96 -21.48 -22.56 -5.68
CA GLN A 96 -20.69 -23.74 -5.97
C GLN A 96 -19.21 -23.43 -5.83
N PRO A 97 -18.55 -24.05 -4.84
CA PRO A 97 -17.13 -23.81 -4.53
C PRO A 97 -16.20 -24.05 -5.72
N LEU A 98 -15.28 -23.11 -5.91
CA LEU A 98 -14.30 -23.20 -6.98
C LEU A 98 -12.96 -23.60 -6.41
N PRO A 99 -12.15 -24.34 -7.19
CA PRO A 99 -10.80 -24.71 -6.77
C PRO A 99 -9.84 -23.54 -6.87
N GLY A 100 -10.12 -22.51 -6.08
CA GLY A 100 -9.33 -21.31 -6.11
C GLY A 100 -8.62 -21.03 -4.80
N MET A 101 -7.62 -21.85 -4.50
CA MET A 101 -6.77 -21.68 -3.32
C MET A 101 -7.51 -21.97 -2.03
N SER A 102 -6.98 -22.92 -1.26
CA SER A 102 -7.49 -23.19 0.07
C SER A 102 -6.87 -22.22 1.07
N GLU A 103 -7.70 -21.59 1.87
CA GLU A 103 -7.23 -20.55 2.79
C GLU A 103 -7.33 -21.00 4.24
N ASN A 104 -6.76 -20.19 5.12
CA ASN A 104 -6.72 -20.45 6.55
C ASN A 104 -6.11 -19.24 7.24
N PRO A 105 -6.36 -19.06 8.55
CA PRO A 105 -5.89 -17.87 9.30
C PRO A 105 -4.37 -17.84 9.51
N SER A 106 -3.63 -17.96 8.42
CA SER A 106 -2.18 -17.85 8.45
C SER A 106 -1.64 -17.53 7.06
N VAL A 107 -2.54 -17.24 6.14
CA VAL A 107 -2.16 -16.88 4.79
C VAL A 107 -2.71 -15.52 4.42
N TYR A 108 -2.15 -14.91 3.37
CA TYR A 108 -2.54 -13.59 2.91
C TYR A 108 -2.35 -12.54 4.01
N VAL A 109 -1.25 -11.83 3.92
CA VAL A 109 -0.91 -10.82 4.92
C VAL A 109 -1.65 -9.51 4.65
N PRO A 110 -2.50 -9.09 5.59
CA PRO A 110 -3.23 -7.83 5.49
C PRO A 110 -2.33 -6.63 5.74
N GLY A 111 -2.53 -5.58 4.96
CA GLY A 111 -1.70 -4.40 5.11
C GLY A 111 -0.75 -4.24 3.94
N VAL A 112 -0.89 -5.12 2.96
CA VAL A 112 -0.13 -5.01 1.72
C VAL A 112 -0.42 -3.67 1.04
N VAL A 113 0.64 -2.95 0.70
CA VAL A 113 0.50 -1.59 0.21
C VAL A 113 0.68 -1.53 -1.30
N SER A 114 -0.03 -0.61 -1.93
CA SER A 114 0.13 -0.36 -3.36
C SER A 114 0.93 0.92 -3.58
N THR A 115 1.65 0.98 -4.70
CA THR A 115 2.48 2.13 -5.02
C THR A 115 1.67 3.20 -5.75
N VAL A 116 0.37 3.01 -5.81
CA VAL A 116 -0.52 3.98 -6.44
C VAL A 116 -1.65 4.34 -5.48
N VAL A 117 -1.64 5.59 -5.05
CA VAL A 117 -2.65 6.08 -4.13
C VAL A 117 -3.55 7.13 -4.79
N PRO A 118 -4.79 6.75 -5.12
CA PRO A 118 -5.77 7.65 -5.76
C PRO A 118 -6.12 8.83 -4.86
N ASP A 119 -6.78 9.82 -5.44
CA ASP A 119 -7.18 11.01 -4.70
C ASP A 119 -8.42 10.73 -3.86
N SER A 120 -8.18 10.16 -2.69
CA SER A 120 -9.24 9.80 -1.77
C SER A 120 -9.73 11.02 -1.00
N ALA A 121 -10.98 10.95 -0.56
CA ALA A 121 -11.61 12.04 0.18
C ALA A 121 -10.98 12.22 1.55
N HIS A 122 -10.26 11.21 2.00
CA HIS A 122 -9.54 11.28 3.28
C HIS A 122 -8.08 10.89 3.08
N LYS A 123 -7.54 11.31 1.94
CA LYS A 123 -6.14 11.04 1.60
C LYS A 123 -5.22 11.95 2.43
N LEU A 124 -4.03 11.47 2.70
CA LEU A 124 -3.14 12.15 3.64
C LEU A 124 -1.81 12.50 2.99
N PHE A 125 -1.23 13.61 3.45
CA PHE A 125 0.09 14.02 3.00
C PHE A 125 1.07 13.93 4.15
N ILE A 126 2.19 13.27 3.90
CA ILE A 126 3.25 13.17 4.88
C ILE A 126 4.50 13.88 4.37
N GLY A 127 4.96 14.87 5.13
CA GLY A 127 6.13 15.63 4.75
C GLY A 127 7.14 15.71 5.88
N GLY A 128 8.35 16.14 5.56
CA GLY A 128 9.37 16.28 6.59
C GLY A 128 10.24 15.05 6.71
N LEU A 129 10.01 14.09 5.82
CA LEU A 129 10.65 12.79 5.91
C LEU A 129 12.15 12.86 5.65
N PRO A 130 12.95 12.34 6.60
CA PRO A 130 14.40 12.23 6.43
C PRO A 130 14.77 11.33 5.27
N ASN A 131 15.84 11.71 4.57
CA ASN A 131 16.26 11.06 3.33
C ASN A 131 16.57 9.58 3.52
N TYR A 132 16.95 9.20 4.73
CA TYR A 132 17.32 7.82 4.99
C TYR A 132 16.08 6.95 5.26
N LEU A 133 14.90 7.55 5.20
CA LEU A 133 13.66 6.80 5.33
C LEU A 133 12.88 6.85 4.02
N ASN A 134 12.56 5.70 3.49
CA ASN A 134 11.79 5.60 2.26
C ASN A 134 10.37 5.20 2.57
N ASP A 135 9.57 4.97 1.54
CA ASP A 135 8.17 4.57 1.70
C ASP A 135 8.03 3.43 2.72
N ASP A 136 8.89 2.44 2.64
CA ASP A 136 8.75 1.25 3.48
C ASP A 136 9.11 1.54 4.93
N GLN A 137 10.10 2.38 5.14
CA GLN A 137 10.53 2.75 6.48
C GLN A 137 9.48 3.64 7.14
N VAL A 138 8.97 4.60 6.39
CA VAL A 138 7.97 5.53 6.89
C VAL A 138 6.64 4.84 7.07
N LYS A 139 6.41 3.82 6.24
CA LYS A 139 5.21 3.00 6.32
C LYS A 139 5.04 2.43 7.71
N GLU A 140 6.14 2.03 8.32
CA GLU A 140 6.13 1.41 9.63
C GLU A 140 5.59 2.37 10.69
N LEU A 141 5.91 3.65 10.53
CA LEU A 141 5.42 4.66 11.46
C LEU A 141 3.94 4.91 11.24
N LEU A 142 3.54 4.95 9.97
CA LEU A 142 2.15 5.22 9.61
C LEU A 142 1.26 4.04 9.96
N THR A 143 1.75 2.83 9.71
CA THR A 143 0.97 1.63 9.95
C THR A 143 0.77 1.35 11.44
N SER A 144 1.51 2.09 12.27
CA SER A 144 1.42 1.95 13.72
C SER A 144 -0.03 2.07 14.21
N PHE A 145 -0.77 3.00 13.61
CA PHE A 145 -2.17 3.19 13.97
C PHE A 145 -3.06 2.30 13.09
N GLY A 146 -2.72 2.24 11.81
CA GLY A 146 -3.46 1.40 10.90
C GLY A 146 -2.70 1.15 9.62
N PRO A 147 -2.92 0.00 8.96
CA PRO A 147 -2.24 -0.34 7.72
C PRO A 147 -2.67 0.56 6.56
N LEU A 148 -1.80 0.66 5.57
CA LEU A 148 -2.04 1.51 4.42
C LEU A 148 -2.35 0.66 3.20
N LYS A 149 -3.38 1.05 2.47
CA LYS A 149 -3.75 0.36 1.25
C LYS A 149 -2.87 0.82 0.10
N ALA A 150 -2.42 2.07 0.20
CA ALA A 150 -1.62 2.67 -0.84
C ALA A 150 -0.69 3.72 -0.25
N PHE A 151 0.60 3.53 -0.45
CA PHE A 151 1.59 4.47 0.04
C PHE A 151 2.68 4.66 -1.00
N ASN A 152 2.70 5.83 -1.61
CA ASN A 152 3.72 6.13 -2.60
C ASN A 152 4.58 7.29 -2.14
N LEU A 153 5.88 7.04 -1.98
CA LEU A 153 6.79 8.09 -1.61
C LEU A 153 7.50 8.61 -2.85
N VAL A 154 7.40 9.91 -3.07
CA VAL A 154 8.00 10.54 -4.23
C VAL A 154 9.51 10.65 -4.05
N LYS A 155 10.25 10.14 -5.02
CA LYS A 155 11.70 10.18 -4.98
C LYS A 155 12.23 10.89 -6.22
N ASP A 156 13.35 11.58 -6.08
CA ASP A 156 13.95 12.27 -7.20
C ASP A 156 14.66 11.28 -8.10
N SER A 157 14.19 11.16 -9.31
CA SER A 157 14.76 10.19 -10.24
C SER A 157 16.16 10.64 -10.68
N ALA A 158 16.52 11.87 -10.33
CA ALA A 158 17.83 12.39 -10.68
C ALA A 158 18.87 12.00 -9.64
N THR A 159 18.59 12.29 -8.39
CA THR A 159 19.51 11.98 -7.31
C THR A 159 19.35 10.54 -6.84
N GLY A 160 18.17 9.99 -7.09
CA GLY A 160 17.85 8.65 -6.62
C GLY A 160 17.50 8.65 -5.15
N LEU A 161 17.17 9.83 -4.65
CA LEU A 161 16.93 10.02 -3.23
C LEU A 161 15.48 10.39 -2.98
N SER A 162 15.04 10.15 -1.76
CA SER A 162 13.67 10.42 -1.35
C SER A 162 13.45 11.93 -1.19
N LYS A 163 12.33 12.41 -1.75
CA LYS A 163 11.95 13.82 -1.66
C LYS A 163 11.74 14.24 -0.22
N GLY A 164 11.24 13.32 0.58
CA GLY A 164 10.91 13.62 1.95
C GLY A 164 9.44 13.88 2.14
N TYR A 165 8.63 13.39 1.21
CA TYR A 165 7.18 13.54 1.29
C TYR A 165 6.51 12.41 0.55
N ALA A 166 5.36 11.97 1.08
CA ALA A 166 4.63 10.86 0.49
C ALA A 166 3.14 11.02 0.73
N PHE A 167 2.36 10.20 0.03
CA PHE A 167 0.91 10.20 0.20
C PHE A 167 0.43 8.80 0.58
N CYS A 168 -0.43 8.73 1.59
CA CYS A 168 -0.92 7.45 2.05
C CYS A 168 -2.45 7.44 2.10
N GLU A 169 -3.01 6.25 2.23
CA GLU A 169 -4.44 6.07 2.40
C GLU A 169 -4.69 4.90 3.33
N TYR A 170 -5.48 5.13 4.37
CA TYR A 170 -5.77 4.11 5.35
C TYR A 170 -6.95 3.25 4.91
N VAL A 171 -6.91 1.99 5.32
CA VAL A 171 -7.92 1.01 4.93
C VAL A 171 -9.29 1.35 5.52
N ASP A 172 -9.30 2.15 6.59
CA ASP A 172 -10.56 2.58 7.18
C ASP A 172 -10.54 4.07 7.47
N ILE A 173 -11.72 4.64 7.61
CA ILE A 173 -11.89 6.08 7.79
C ILE A 173 -11.73 6.47 9.26
N ASN A 174 -12.00 5.52 10.15
CA ASN A 174 -11.93 5.79 11.58
C ASN A 174 -10.49 5.95 12.03
N VAL A 175 -9.60 5.21 11.40
CA VAL A 175 -8.20 5.23 11.78
C VAL A 175 -7.50 6.46 11.19
N THR A 176 -8.11 7.06 10.18
CA THR A 176 -7.57 8.25 9.55
C THR A 176 -7.33 9.36 10.58
N ASP A 177 -8.33 9.62 11.41
CA ASP A 177 -8.24 10.69 12.40
C ASP A 177 -7.30 10.31 13.53
N GLN A 178 -7.34 9.05 13.93
CA GLN A 178 -6.53 8.58 15.04
C GLN A 178 -5.05 8.58 14.67
N ALA A 179 -4.77 8.39 13.39
CA ALA A 179 -3.41 8.37 12.89
C ALA A 179 -2.85 9.78 12.80
N ILE A 180 -3.53 10.65 12.06
CA ILE A 180 -3.07 12.03 11.88
C ILE A 180 -2.99 12.75 13.23
N ALA A 181 -3.72 12.25 14.21
CA ALA A 181 -3.69 12.80 15.56
C ALA A 181 -2.30 12.62 16.19
N GLY A 182 -1.70 11.46 15.97
CA GLY A 182 -0.41 11.17 16.58
C GLY A 182 0.75 11.37 15.63
N LEU A 183 0.54 11.04 14.36
CA LEU A 183 1.60 11.12 13.36
C LEU A 183 2.01 12.58 13.09
N ASN A 184 1.03 13.47 13.13
CA ASN A 184 1.27 14.88 12.89
C ASN A 184 2.17 15.46 13.97
N GLY A 185 3.41 15.77 13.60
CA GLY A 185 4.34 16.34 14.56
C GLY A 185 5.30 15.31 15.11
N MET A 186 5.32 14.13 14.49
CA MET A 186 6.23 13.07 14.91
C MET A 186 7.68 13.54 14.81
N GLN A 187 8.34 13.62 15.95
CA GLN A 187 9.72 14.07 16.01
C GLN A 187 10.66 12.94 15.66
N LEU A 188 10.94 12.80 14.37
CA LEU A 188 11.84 11.76 13.88
C LEU A 188 13.11 12.39 13.35
N GLY A 189 14.24 11.99 13.90
CA GLY A 189 15.51 12.59 13.54
C GLY A 189 15.67 13.93 14.21
N ASP A 190 15.93 14.98 13.43
CA ASP A 190 16.03 16.32 13.98
C ASP A 190 14.77 17.11 13.64
N LYS A 191 13.87 16.48 12.92
CA LYS A 191 12.68 17.15 12.41
C LYS A 191 11.41 16.66 13.09
N LYS A 192 10.33 17.36 12.83
CA LYS A 192 8.99 16.90 13.19
C LYS A 192 8.18 16.74 11.93
N LEU A 193 7.75 15.52 11.66
CA LEU A 193 7.10 15.21 10.40
C LEU A 193 5.72 15.85 10.31
N LEU A 194 5.42 16.41 9.14
CA LEU A 194 4.12 16.98 8.89
C LEU A 194 3.19 15.92 8.33
N VAL A 195 2.09 15.69 9.01
CA VAL A 195 1.10 14.74 8.55
C VAL A 195 -0.27 15.36 8.59
N GLN A 196 -0.82 15.61 7.44
CA GLN A 196 -2.08 16.32 7.34
C GLN A 196 -2.89 15.79 6.17
N ARG A 197 -4.21 15.79 6.34
CA ARG A 197 -5.11 15.35 5.28
C ARG A 197 -4.98 16.25 4.06
N ALA A 198 -4.72 15.64 2.92
CA ALA A 198 -4.53 16.37 1.67
C ALA A 198 -5.81 17.06 1.25
N SER A 199 -6.92 16.65 1.86
CA SER A 199 -8.23 17.22 1.56
C SER A 199 -8.40 18.59 2.22
N VAL A 200 -7.46 18.96 3.08
CA VAL A 200 -7.53 20.23 3.80
C VAL A 200 -7.27 21.41 2.85
N GLY A 201 -6.43 21.20 1.85
CA GLY A 201 -6.14 22.26 0.91
C GLY A 201 -4.78 22.10 0.26
N ALA A 202 -4.61 21.01 -0.48
CA ALA A 202 -3.34 20.74 -1.15
C ALA A 202 -3.53 20.86 -2.67
N LYS A 203 -4.19 21.93 -3.09
CA LYS A 203 -4.46 22.16 -4.50
C LYS A 203 -3.18 22.49 -5.25
N ASN A 204 -2.28 23.22 -4.60
CA ASN A 204 -1.02 23.61 -5.21
C ASN A 204 0.06 23.78 -4.16
N ALA A 205 -0.26 24.55 -3.11
CA ALA A 205 0.69 24.82 -2.05
C ALA A 205 0.38 23.97 -0.82
N ALA A 1 -2.88 -18.06 -1.33
CA ALA A 1 -2.03 -17.65 -2.46
C ALA A 1 -2.03 -18.71 -3.55
N MET A 2 -3.13 -18.80 -4.28
CA MET A 2 -3.26 -19.79 -5.34
C MET A 2 -2.50 -19.35 -6.58
N VAL A 3 -2.76 -18.12 -7.03
CA VAL A 3 -2.09 -17.60 -8.21
C VAL A 3 -0.92 -16.70 -7.79
N GLY A 4 -1.11 -15.90 -6.76
CA GLY A 4 -0.06 -15.00 -6.31
C GLY A 4 0.27 -13.94 -7.34
N SER A 5 -0.72 -13.12 -7.68
CA SER A 5 -0.57 -12.08 -8.69
C SER A 5 0.59 -11.13 -8.35
N GLN A 6 1.63 -11.15 -9.18
CA GLN A 6 2.83 -10.32 -9.00
C GLN A 6 3.68 -10.79 -7.82
N MET A 7 3.11 -11.66 -7.00
CA MET A 7 3.78 -12.15 -5.80
C MET A 7 4.64 -13.37 -6.10
N THR A 8 4.05 -14.35 -6.78
CA THR A 8 4.70 -15.64 -6.95
C THR A 8 5.91 -15.55 -7.89
N ARG A 9 5.95 -14.52 -8.71
CA ARG A 9 7.10 -14.31 -9.59
C ARG A 9 8.32 -13.89 -8.77
N GLN A 10 8.08 -13.43 -7.55
CA GLN A 10 9.15 -13.13 -6.61
C GLN A 10 9.48 -14.36 -5.76
N ALA A 11 8.45 -15.12 -5.41
CA ALA A 11 8.61 -16.27 -4.52
C ALA A 11 9.20 -17.48 -5.27
N ARG A 12 8.93 -17.55 -6.56
CA ARG A 12 9.47 -18.61 -7.39
C ARG A 12 10.79 -18.19 -8.01
N ARG A 13 11.32 -17.07 -7.56
CA ARG A 13 12.56 -16.56 -8.12
C ARG A 13 13.57 -16.29 -7.02
N LEU A 14 14.76 -16.81 -7.20
CA LEU A 14 15.78 -16.71 -6.18
C LEU A 14 17.01 -15.95 -6.66
N TYR A 15 17.69 -15.35 -5.72
CA TYR A 15 18.86 -14.52 -5.97
C TYR A 15 20.11 -15.40 -6.13
N VAL A 16 20.68 -15.38 -7.32
CA VAL A 16 21.84 -16.20 -7.63
C VAL A 16 23.12 -15.38 -7.57
N GLY A 17 24.06 -15.83 -6.76
CA GLY A 17 25.33 -15.16 -6.64
C GLY A 17 26.48 -16.06 -6.99
N ASN A 18 27.67 -15.48 -7.07
CA ASN A 18 28.90 -16.20 -7.40
C ASN A 18 28.86 -16.62 -8.87
N ILE A 19 28.54 -15.67 -9.72
CA ILE A 19 28.43 -15.93 -11.15
C ILE A 19 29.36 -15.02 -11.93
N PRO A 20 29.80 -15.47 -13.12
CA PRO A 20 30.61 -14.65 -14.01
C PRO A 20 29.78 -13.55 -14.67
N PHE A 21 30.28 -12.32 -14.63
CA PHE A 21 29.59 -11.19 -15.22
C PHE A 21 29.47 -11.41 -16.73
N GLY A 22 28.25 -11.35 -17.23
CA GLY A 22 28.01 -11.60 -18.64
C GLY A 22 27.63 -13.03 -18.91
N ILE A 23 27.23 -13.75 -17.86
CA ILE A 23 26.78 -15.12 -17.99
C ILE A 23 25.46 -15.16 -18.77
N THR A 24 25.25 -16.24 -19.51
CA THR A 24 24.08 -16.38 -20.35
C THR A 24 22.98 -17.14 -19.62
N GLU A 25 21.72 -16.81 -19.90
CA GLU A 25 20.57 -17.47 -19.28
C GLU A 25 20.73 -18.99 -19.30
N GLU A 26 20.85 -19.52 -20.51
CA GLU A 26 20.91 -20.96 -20.74
C GLU A 26 22.08 -21.61 -20.01
N ALA A 27 23.13 -20.84 -19.74
CA ALA A 27 24.31 -21.35 -19.08
C ALA A 27 23.97 -21.85 -17.67
N MET A 28 23.40 -20.96 -16.86
CA MET A 28 23.04 -21.35 -15.51
C MET A 28 21.72 -22.11 -15.49
N MET A 29 20.89 -21.86 -16.50
CA MET A 29 19.59 -22.51 -16.60
C MET A 29 19.75 -24.02 -16.73
N ASP A 30 20.47 -24.44 -17.77
CA ASP A 30 20.66 -25.86 -18.05
C ASP A 30 21.40 -26.55 -16.91
N PHE A 31 22.29 -25.82 -16.25
CA PHE A 31 23.02 -26.38 -15.12
C PHE A 31 22.09 -26.75 -13.98
N PHE A 32 21.33 -25.78 -13.49
CA PHE A 32 20.36 -26.04 -12.42
C PHE A 32 19.37 -27.11 -12.85
N ASN A 33 18.93 -27.03 -14.10
CA ASN A 33 18.00 -28.02 -14.65
C ASN A 33 18.59 -29.42 -14.61
N ALA A 34 19.91 -29.50 -14.66
CA ALA A 34 20.60 -30.79 -14.59
C ALA A 34 20.81 -31.20 -13.14
N GLN A 35 21.24 -30.25 -12.30
CA GLN A 35 21.52 -30.55 -10.90
C GLN A 35 20.30 -31.09 -10.17
N MET A 36 19.12 -30.52 -10.44
CA MET A 36 17.88 -31.01 -9.83
C MET A 36 17.64 -32.46 -10.21
N ARG A 37 17.99 -32.81 -11.44
CA ARG A 37 17.86 -34.18 -11.91
C ARG A 37 18.87 -35.08 -11.23
N LEU A 38 20.09 -34.56 -11.04
CA LEU A 38 21.16 -35.31 -10.40
C LEU A 38 20.85 -35.62 -8.94
N GLY A 39 20.29 -34.64 -8.24
CA GLY A 39 19.97 -34.82 -6.84
C GLY A 39 18.63 -35.50 -6.63
N GLY A 40 17.85 -35.60 -7.69
CA GLY A 40 16.53 -36.20 -7.58
C GLY A 40 15.54 -35.25 -6.95
N LEU A 41 15.72 -33.96 -7.21
CA LEU A 41 14.90 -32.93 -6.59
C LEU A 41 13.69 -32.61 -7.46
N THR A 42 13.81 -32.89 -8.76
CA THR A 42 12.74 -32.62 -9.70
C THR A 42 11.47 -33.40 -9.32
N GLN A 43 10.47 -32.68 -8.84
CA GLN A 43 9.20 -33.30 -8.47
C GLN A 43 8.33 -33.44 -9.71
N ALA A 44 8.53 -32.54 -10.66
CA ALA A 44 7.85 -32.61 -11.94
C ALA A 44 8.84 -33.04 -13.02
N PRO A 45 8.36 -33.71 -14.06
CA PRO A 45 9.21 -34.08 -15.20
C PRO A 45 9.57 -32.85 -16.05
N GLY A 46 10.83 -32.75 -16.43
CA GLY A 46 11.27 -31.64 -17.25
C GLY A 46 12.14 -30.68 -16.48
N ASN A 47 12.39 -29.52 -17.07
CA ASN A 47 13.26 -28.51 -16.48
C ASN A 47 12.54 -27.71 -15.41
N PRO A 48 13.07 -27.74 -14.16
CA PRO A 48 12.48 -27.01 -13.04
C PRO A 48 12.56 -25.50 -13.21
N VAL A 49 13.60 -25.03 -13.89
CA VAL A 49 13.76 -23.62 -14.16
C VAL A 49 12.84 -23.18 -15.29
N LEU A 50 12.11 -22.11 -15.07
CA LEU A 50 11.12 -21.64 -16.02
C LEU A 50 11.70 -20.49 -16.85
N ALA A 51 12.38 -19.57 -16.18
CA ALA A 51 12.97 -18.42 -16.85
C ALA A 51 14.15 -17.88 -16.04
N VAL A 52 15.11 -17.26 -16.72
CA VAL A 52 16.28 -16.72 -16.03
C VAL A 52 16.45 -15.25 -16.34
N GLN A 53 16.82 -14.48 -15.32
CA GLN A 53 17.07 -13.06 -15.49
C GLN A 53 18.47 -12.72 -15.01
N ILE A 54 19.29 -12.16 -15.89
CA ILE A 54 20.64 -11.77 -15.53
C ILE A 54 20.75 -10.25 -15.56
N ASN A 55 21.15 -9.66 -14.44
CA ASN A 55 21.28 -8.23 -14.36
C ASN A 55 22.50 -7.77 -15.15
N GLN A 56 22.31 -6.78 -15.99
CA GLN A 56 23.36 -6.34 -16.91
C GLN A 56 24.27 -5.30 -16.28
N ASP A 57 23.88 -4.79 -15.12
CA ASP A 57 24.65 -3.73 -14.47
C ASP A 57 25.44 -4.28 -13.28
N LYS A 58 25.09 -5.48 -12.85
CA LYS A 58 25.75 -6.09 -11.71
C LYS A 58 25.83 -7.60 -11.91
N ASN A 59 26.89 -8.21 -11.39
CA ASN A 59 27.16 -9.63 -11.60
C ASN A 59 26.30 -10.53 -10.72
N PHE A 60 24.99 -10.39 -10.84
CA PHE A 60 24.05 -11.23 -10.09
C PHE A 60 22.85 -11.56 -10.97
N ALA A 61 22.19 -12.67 -10.68
CA ALA A 61 21.09 -13.13 -11.50
C ALA A 61 19.91 -13.60 -10.66
N PHE A 62 18.78 -13.78 -11.33
CA PHE A 62 17.56 -14.27 -10.69
C PHE A 62 17.02 -15.46 -11.47
N LEU A 63 16.80 -16.57 -10.78
CA LEU A 63 16.29 -17.77 -11.40
C LEU A 63 14.84 -18.01 -11.01
N GLU A 64 13.96 -18.08 -12.01
CA GLU A 64 12.55 -18.33 -11.75
C GLU A 64 12.22 -19.79 -12.02
N PHE A 65 11.56 -20.40 -11.06
CA PHE A 65 11.19 -21.81 -11.15
C PHE A 65 9.70 -21.98 -11.37
N ARG A 66 9.35 -23.07 -12.04
CA ARG A 66 7.96 -23.39 -12.35
C ARG A 66 7.17 -23.74 -11.09
N SER A 67 7.88 -24.17 -10.07
CA SER A 67 7.26 -24.60 -8.82
C SER A 67 8.08 -24.07 -7.65
N VAL A 68 7.38 -23.68 -6.57
CA VAL A 68 8.03 -23.11 -5.40
C VAL A 68 8.82 -24.18 -4.65
N ASP A 69 8.35 -25.41 -4.74
CA ASP A 69 9.06 -26.55 -4.15
C ASP A 69 10.42 -26.71 -4.84
N GLU A 70 10.41 -26.54 -6.16
CA GLU A 70 11.62 -26.65 -6.95
C GLU A 70 12.48 -25.40 -6.80
N THR A 71 11.85 -24.31 -6.38
CA THR A 71 12.57 -23.09 -6.07
C THR A 71 13.37 -23.24 -4.77
N THR A 72 12.70 -23.75 -3.74
CA THR A 72 13.29 -23.86 -2.41
C THR A 72 14.43 -24.89 -2.39
N GLN A 73 14.32 -25.90 -3.25
CA GLN A 73 15.32 -26.97 -3.30
C GLN A 73 16.61 -26.48 -3.94
N ALA A 74 16.53 -25.39 -4.70
CA ALA A 74 17.70 -24.80 -5.31
C ALA A 74 18.53 -24.10 -4.24
N MET A 75 17.83 -23.63 -3.22
CA MET A 75 18.45 -22.95 -2.10
C MET A 75 19.29 -23.91 -1.28
N ALA A 76 19.07 -25.21 -1.48
CA ALA A 76 19.85 -26.23 -0.80
C ALA A 76 21.30 -26.21 -1.27
N PHE A 77 21.48 -25.87 -2.54
CA PHE A 77 22.82 -25.80 -3.12
C PHE A 77 23.53 -24.49 -2.78
N ASP A 78 22.93 -23.67 -1.94
CA ASP A 78 23.54 -22.39 -1.56
C ASP A 78 24.89 -22.61 -0.90
N GLY A 79 25.96 -22.30 -1.63
CA GLY A 79 27.28 -22.40 -1.08
C GLY A 79 27.93 -23.76 -1.31
N ILE A 80 27.35 -24.56 -2.20
CA ILE A 80 27.87 -25.88 -2.49
C ILE A 80 28.62 -25.87 -3.83
N ILE A 81 29.49 -26.86 -4.03
CA ILE A 81 30.23 -26.97 -5.26
C ILE A 81 29.71 -28.11 -6.12
N PHE A 82 28.88 -27.79 -7.09
CA PHE A 82 28.42 -28.78 -8.06
C PHE A 82 29.04 -28.52 -9.42
N GLN A 83 29.48 -29.59 -10.07
CA GLN A 83 30.07 -29.51 -11.41
C GLN A 83 31.29 -28.58 -11.43
N GLY A 84 31.98 -28.49 -10.30
CA GLY A 84 33.17 -27.68 -10.21
C GLY A 84 32.89 -26.19 -10.13
N GLN A 85 31.61 -25.83 -10.04
CA GLN A 85 31.23 -24.43 -9.96
C GLN A 85 30.51 -24.15 -8.66
N SER A 86 30.71 -22.97 -8.12
CA SER A 86 30.02 -22.56 -6.90
C SER A 86 28.77 -21.76 -7.26
N LEU A 87 27.65 -22.18 -6.71
CA LEU A 87 26.41 -21.46 -6.89
C LEU A 87 25.85 -21.07 -5.53
N LYS A 88 25.63 -19.79 -5.34
CA LYS A 88 25.14 -19.28 -4.07
C LYS A 88 23.75 -18.70 -4.27
N ILE A 89 22.84 -19.05 -3.36
CA ILE A 89 21.44 -18.69 -3.51
C ILE A 89 20.94 -17.92 -2.29
N ARG A 90 20.44 -16.73 -2.52
CA ARG A 90 19.92 -15.88 -1.45
C ARG A 90 18.41 -15.70 -1.61
N ARG A 91 17.72 -15.45 -0.51
CA ARG A 91 16.28 -15.24 -0.54
C ARG A 91 15.96 -13.76 -0.72
N PRO A 92 15.23 -13.41 -1.79
CA PRO A 92 14.77 -12.02 -2.01
C PRO A 92 13.87 -11.55 -0.89
N HIS A 93 14.15 -10.35 -0.39
CA HIS A 93 13.41 -9.81 0.74
C HIS A 93 12.22 -8.98 0.25
N ASP A 94 11.80 -9.24 -0.98
CA ASP A 94 10.64 -8.56 -1.56
C ASP A 94 9.35 -9.18 -1.07
N TYR A 95 9.46 -10.31 -0.39
CA TYR A 95 8.32 -11.00 0.16
C TYR A 95 8.66 -11.60 1.51
N GLN A 96 7.68 -12.19 2.17
CA GLN A 96 7.90 -12.83 3.45
C GLN A 96 7.24 -14.20 3.47
N PRO A 97 8.04 -15.27 3.61
CA PRO A 97 7.53 -16.63 3.71
C PRO A 97 7.01 -16.95 5.11
N LEU A 98 6.20 -18.00 5.20
CA LEU A 98 5.63 -18.41 6.48
C LEU A 98 6.12 -19.81 6.83
N PRO A 99 6.32 -20.10 8.12
CA PRO A 99 6.83 -21.40 8.58
C PRO A 99 5.79 -22.52 8.50
N GLY A 100 5.44 -22.89 7.28
CA GLY A 100 4.50 -23.97 7.06
C GLY A 100 3.09 -23.62 7.47
N MET A 101 2.85 -22.33 7.72
CA MET A 101 1.55 -21.83 8.19
C MET A 101 1.12 -22.59 9.44
N SER A 102 1.96 -22.53 10.46
CA SER A 102 1.69 -23.19 11.72
C SER A 102 2.33 -22.42 12.87
N GLU A 103 1.51 -22.00 13.82
CA GLU A 103 1.97 -21.27 15.00
C GLU A 103 2.64 -19.96 14.62
N ASN A 104 2.11 -19.29 13.61
CA ASN A 104 2.64 -18.01 13.16
C ASN A 104 1.51 -17.02 12.93
N PRO A 105 1.74 -15.73 13.25
CA PRO A 105 0.77 -14.67 13.01
C PRO A 105 0.84 -14.17 11.57
N SER A 106 -0.08 -13.28 11.22
CA SER A 106 -0.14 -12.72 9.88
C SER A 106 0.90 -11.63 9.69
N VAL A 107 2.10 -12.03 9.29
CA VAL A 107 3.19 -11.09 9.02
C VAL A 107 3.13 -10.64 7.56
N TYR A 108 1.94 -10.74 7.00
CA TYR A 108 1.69 -10.37 5.62
C TYR A 108 0.54 -9.37 5.56
N VAL A 109 0.65 -8.39 4.68
CA VAL A 109 -0.39 -7.37 4.54
C VAL A 109 -1.41 -7.79 3.48
N PRO A 110 -2.64 -8.12 3.90
CA PRO A 110 -3.70 -8.53 2.98
C PRO A 110 -4.18 -7.36 2.12
N GLY A 111 -4.10 -7.52 0.82
CA GLY A 111 -4.48 -6.45 -0.09
C GLY A 111 -3.27 -5.80 -0.73
N VAL A 112 -2.12 -5.94 -0.07
CA VAL A 112 -0.86 -5.37 -0.53
C VAL A 112 -0.91 -3.84 -0.55
N VAL A 113 0.05 -3.22 0.12
CA VAL A 113 0.16 -1.76 0.14
C VAL A 113 0.45 -1.26 -1.27
N SER A 114 -0.51 -0.58 -1.86
CA SER A 114 -0.40 -0.15 -3.24
C SER A 114 0.34 1.19 -3.32
N THR A 115 1.08 1.40 -4.40
CA THR A 115 1.78 2.66 -4.60
C THR A 115 0.94 3.62 -5.44
N VAL A 116 -0.36 3.41 -5.42
CA VAL A 116 -1.29 4.26 -6.14
C VAL A 116 -2.34 4.81 -5.20
N VAL A 117 -2.24 6.10 -4.93
CA VAL A 117 -3.17 6.77 -4.04
C VAL A 117 -4.15 7.62 -4.84
N PRO A 118 -5.38 7.13 -5.03
CA PRO A 118 -6.40 7.82 -5.82
C PRO A 118 -7.01 9.00 -5.09
N ASP A 119 -7.79 9.80 -5.81
CA ASP A 119 -8.45 10.96 -5.22
C ASP A 119 -9.47 10.51 -4.20
N SER A 120 -9.11 10.63 -2.94
CA SER A 120 -9.92 10.14 -1.85
C SER A 120 -10.34 11.28 -0.94
N ALA A 121 -11.52 11.14 -0.34
CA ALA A 121 -11.99 12.10 0.64
C ALA A 121 -11.24 11.92 1.95
N HIS A 122 -10.45 10.86 2.02
CA HIS A 122 -9.60 10.60 3.16
C HIS A 122 -8.14 10.55 2.72
N LYS A 123 -7.81 11.37 1.72
CA LYS A 123 -6.44 11.46 1.20
C LYS A 123 -5.51 12.01 2.28
N LEU A 124 -4.27 11.54 2.28
CA LEU A 124 -3.33 11.90 3.33
C LEU A 124 -1.98 12.32 2.76
N PHE A 125 -1.41 13.35 3.35
CA PHE A 125 -0.11 13.85 2.97
C PHE A 125 0.86 13.76 4.15
N ILE A 126 2.05 13.26 3.89
CA ILE A 126 3.08 13.18 4.91
C ILE A 126 4.32 13.95 4.48
N GLY A 127 4.63 15.01 5.22
CA GLY A 127 5.85 15.76 4.97
C GLY A 127 6.81 15.66 6.14
N GLY A 128 7.89 16.44 6.10
CA GLY A 128 8.83 16.44 7.20
C GLY A 128 9.82 15.29 7.13
N LEU A 129 9.66 14.45 6.12
CA LEU A 129 10.43 13.22 6.01
C LEU A 129 11.88 13.48 5.67
N PRO A 130 12.81 12.95 6.48
CA PRO A 130 14.24 13.01 6.19
C PRO A 130 14.56 12.21 4.91
N ASN A 131 15.50 12.74 4.13
CA ASN A 131 15.80 12.21 2.81
C ASN A 131 16.31 10.77 2.85
N TYR A 132 16.77 10.31 4.00
CA TYR A 132 17.32 8.97 4.11
C TYR A 132 16.23 7.92 4.37
N LEU A 133 15.01 8.36 4.64
CA LEU A 133 13.90 7.43 4.82
C LEU A 133 13.02 7.42 3.58
N ASN A 134 12.74 6.23 3.09
CA ASN A 134 11.88 6.04 1.93
C ASN A 134 10.53 5.56 2.37
N ASP A 135 9.65 5.29 1.42
CA ASP A 135 8.32 4.77 1.71
C ASP A 135 8.38 3.59 2.66
N ASP A 136 9.27 2.65 2.39
CA ASP A 136 9.40 1.44 3.20
C ASP A 136 9.70 1.78 4.67
N GLN A 137 10.61 2.73 4.88
CA GLN A 137 11.02 3.10 6.23
C GLN A 137 9.96 3.96 6.93
N VAL A 138 9.34 4.86 6.19
CA VAL A 138 8.39 5.81 6.76
C VAL A 138 7.07 5.12 7.04
N LYS A 139 6.77 4.13 6.21
CA LYS A 139 5.58 3.33 6.31
C LYS A 139 5.38 2.80 7.73
N GLU A 140 6.48 2.41 8.35
CA GLU A 140 6.45 1.82 9.69
C GLU A 140 5.95 2.82 10.73
N LEU A 141 6.29 4.09 10.55
CA LEU A 141 5.87 5.12 11.48
C LEU A 141 4.39 5.43 11.28
N LEU A 142 3.90 5.21 10.07
CA LEU A 142 2.52 5.50 9.74
C LEU A 142 1.61 4.35 10.15
N THR A 143 2.08 3.12 9.97
CA THR A 143 1.31 1.93 10.27
C THR A 143 1.07 1.77 11.78
N SER A 144 1.79 2.55 12.57
CA SER A 144 1.69 2.52 14.02
C SER A 144 0.23 2.61 14.48
N PHE A 145 -0.51 3.57 13.93
CA PHE A 145 -1.93 3.73 14.27
C PHE A 145 -2.78 2.76 13.45
N GLY A 146 -2.44 2.61 12.18
CA GLY A 146 -3.15 1.68 11.33
C GLY A 146 -2.36 1.38 10.07
N PRO A 147 -2.53 0.19 9.50
CA PRO A 147 -1.83 -0.18 8.27
C PRO A 147 -2.29 0.65 7.08
N LEU A 148 -1.42 0.74 6.07
CA LEU A 148 -1.70 1.56 4.91
C LEU A 148 -2.18 0.72 3.74
N LYS A 149 -3.24 1.20 3.14
CA LYS A 149 -3.84 0.56 1.98
C LYS A 149 -3.03 0.90 0.74
N ALA A 150 -2.66 2.16 0.66
CA ALA A 150 -1.83 2.67 -0.42
C ALA A 150 -0.85 3.69 0.13
N PHE A 151 0.42 3.50 -0.17
CA PHE A 151 1.45 4.42 0.27
C PHE A 151 2.44 4.67 -0.84
N ASN A 152 2.39 5.85 -1.42
CA ASN A 152 3.32 6.21 -2.47
C ASN A 152 4.18 7.38 -2.04
N LEU A 153 5.45 7.11 -1.77
CA LEU A 153 6.39 8.17 -1.45
C LEU A 153 7.12 8.61 -2.69
N VAL A 154 7.06 9.91 -2.96
CA VAL A 154 7.69 10.47 -4.15
C VAL A 154 9.19 10.57 -3.95
N LYS A 155 9.95 10.09 -4.91
CA LYS A 155 11.40 10.13 -4.83
C LYS A 155 11.95 11.00 -5.96
N ASP A 156 13.16 11.50 -5.78
CA ASP A 156 13.75 12.40 -6.75
C ASP A 156 14.73 11.64 -7.63
N SER A 157 14.53 11.73 -8.94
CA SER A 157 15.36 11.00 -9.87
C SER A 157 16.72 11.67 -10.03
N ALA A 158 16.83 12.92 -9.56
CA ALA A 158 18.07 13.66 -9.68
C ALA A 158 18.97 13.44 -8.47
N THR A 159 18.37 13.35 -7.29
CA THR A 159 19.13 13.08 -6.07
C THR A 159 19.31 11.58 -5.88
N GLY A 160 18.35 10.81 -6.40
CA GLY A 160 18.35 9.38 -6.20
C GLY A 160 17.86 9.04 -4.81
N LEU A 161 17.17 9.99 -4.19
CA LEU A 161 16.71 9.83 -2.83
C LEU A 161 15.24 10.19 -2.72
N SER A 162 14.70 10.08 -1.53
CA SER A 162 13.32 10.46 -1.26
C SER A 162 13.17 11.98 -1.22
N LYS A 163 12.00 12.46 -1.66
CA LYS A 163 11.73 13.89 -1.69
C LYS A 163 11.48 14.44 -0.29
N GLY A 164 11.05 13.55 0.59
CA GLY A 164 10.72 13.94 1.95
C GLY A 164 9.23 14.19 2.12
N TYR A 165 8.44 13.59 1.24
CA TYR A 165 6.99 13.69 1.32
C TYR A 165 6.32 12.53 0.59
N ALA A 166 5.17 12.11 1.12
CA ALA A 166 4.46 10.96 0.58
C ALA A 166 2.96 11.12 0.76
N PHE A 167 2.21 10.23 0.13
CA PHE A 167 0.75 10.21 0.26
C PHE A 167 0.30 8.79 0.59
N CYS A 168 -0.65 8.66 1.51
CA CYS A 168 -1.12 7.35 1.92
C CYS A 168 -2.63 7.32 2.12
N GLU A 169 -3.16 6.10 2.22
CA GLU A 169 -4.52 5.86 2.65
C GLU A 169 -4.50 4.75 3.70
N TYR A 170 -5.21 4.92 4.79
CA TYR A 170 -5.30 3.87 5.79
C TYR A 170 -6.38 2.87 5.40
N VAL A 171 -6.19 1.61 5.79
CA VAL A 171 -7.12 0.54 5.44
C VAL A 171 -8.54 0.89 5.89
N ASP A 172 -8.66 1.53 7.05
CA ASP A 172 -9.96 2.00 7.51
C ASP A 172 -9.99 3.52 7.56
N ILE A 173 -11.15 4.09 7.34
CA ILE A 173 -11.30 5.53 7.19
C ILE A 173 -11.44 6.22 8.53
N ASN A 174 -11.70 5.44 9.57
CA ASN A 174 -11.83 5.99 10.91
C ASN A 174 -10.44 6.26 11.49
N VAL A 175 -9.51 5.33 11.28
CA VAL A 175 -8.16 5.45 11.85
C VAL A 175 -7.40 6.61 11.20
N THR A 176 -7.91 7.04 10.05
CA THR A 176 -7.35 8.16 9.32
C THR A 176 -7.17 9.38 10.22
N ASP A 177 -8.19 9.64 11.03
CA ASP A 177 -8.20 10.82 11.89
C ASP A 177 -7.31 10.62 13.11
N GLN A 178 -7.33 9.42 13.68
CA GLN A 178 -6.48 9.11 14.82
C GLN A 178 -5.01 9.24 14.48
N ALA A 179 -4.67 8.85 13.26
CA ALA A 179 -3.30 8.87 12.80
C ALA A 179 -2.79 10.29 12.63
N ILE A 180 -3.52 11.12 11.90
CA ILE A 180 -3.11 12.50 11.68
C ILE A 180 -3.12 13.28 12.99
N ALA A 181 -3.87 12.77 13.95
CA ALA A 181 -3.94 13.37 15.27
C ALA A 181 -2.64 13.14 16.04
N GLY A 182 -2.09 11.94 15.94
CA GLY A 182 -0.93 11.59 16.73
C GLY A 182 0.39 11.68 15.97
N LEU A 183 0.37 11.31 14.70
CA LEU A 183 1.59 11.22 13.91
C LEU A 183 2.08 12.59 13.47
N ASN A 184 1.17 13.55 13.32
CA ASN A 184 1.54 14.89 12.92
C ASN A 184 2.34 15.55 14.03
N GLY A 185 3.63 15.73 13.78
CA GLY A 185 4.52 16.28 14.79
C GLY A 185 5.38 15.22 15.41
N MET A 186 5.42 14.04 14.80
CA MET A 186 6.30 12.99 15.27
C MET A 186 7.75 13.37 15.02
N GLN A 187 8.48 13.58 16.10
CA GLN A 187 9.89 13.91 16.02
C GLN A 187 10.67 12.66 15.64
N LEU A 188 11.08 12.61 14.38
CA LEU A 188 11.85 11.50 13.87
C LEU A 188 13.15 12.01 13.26
N GLY A 189 14.25 11.70 13.92
CA GLY A 189 15.52 12.25 13.52
C GLY A 189 15.76 13.59 14.16
N ASP A 190 15.85 14.63 13.35
CA ASP A 190 16.00 16.00 13.87
C ASP A 190 14.82 16.86 13.46
N LYS A 191 13.84 16.23 12.83
CA LYS A 191 12.64 16.93 12.37
C LYS A 191 11.39 16.30 12.96
N LYS A 192 10.29 17.02 12.85
CA LYS A 192 8.98 16.47 13.18
C LYS A 192 8.19 16.28 11.90
N LEU A 193 7.68 15.09 11.72
CA LEU A 193 7.00 14.74 10.48
C LEU A 193 5.62 15.35 10.42
N LEU A 194 5.28 15.86 9.25
CA LEU A 194 3.97 16.43 9.00
C LEU A 194 3.05 15.33 8.53
N VAL A 195 2.04 15.02 9.30
CA VAL A 195 1.06 14.05 8.87
C VAL A 195 -0.32 14.68 8.91
N GLN A 196 -0.85 14.97 7.75
CA GLN A 196 -2.08 15.73 7.66
C GLN A 196 -2.88 15.27 6.44
N ARG A 197 -4.19 15.30 6.57
CA ARG A 197 -5.07 14.92 5.47
C ARG A 197 -4.89 15.90 4.31
N ALA A 198 -4.66 15.34 3.13
CA ALA A 198 -4.32 16.14 1.96
C ALA A 198 -5.54 16.90 1.44
N SER A 199 -6.64 16.82 2.17
CA SER A 199 -7.84 17.58 1.83
C SER A 199 -7.58 19.07 2.04
N VAL A 200 -6.59 19.37 2.87
CA VAL A 200 -6.19 20.75 3.11
C VAL A 200 -5.23 21.22 2.03
N GLY A 201 -4.87 20.33 1.13
CA GLY A 201 -3.93 20.65 0.09
C GLY A 201 -4.59 21.27 -1.12
N ALA A 202 -4.03 22.37 -1.57
CA ALA A 202 -4.52 23.07 -2.75
C ALA A 202 -4.03 22.37 -4.02
N LYS A 203 -2.97 21.60 -3.88
CA LYS A 203 -2.42 20.84 -5.00
C LYS A 203 -3.09 19.48 -5.08
N ASN A 204 -3.32 19.01 -6.29
CA ASN A 204 -3.92 17.69 -6.51
C ASN A 204 -2.88 16.70 -7.00
N ALA A 205 -3.31 15.47 -7.23
CA ALA A 205 -2.42 14.43 -7.73
C ALA A 205 -2.50 14.35 -9.25
N ALA A 1 -12.69 6.84 -15.77
CA ALA A 1 -12.93 7.18 -14.36
C ALA A 1 -14.10 6.38 -13.79
N MET A 2 -13.79 5.30 -13.09
CA MET A 2 -14.82 4.46 -12.49
C MET A 2 -15.42 5.16 -11.28
N VAL A 3 -14.56 5.75 -10.46
CA VAL A 3 -14.98 6.48 -9.27
C VAL A 3 -15.70 5.56 -8.28
N GLY A 4 -14.93 5.01 -7.36
CA GLY A 4 -15.48 4.12 -6.36
C GLY A 4 -14.66 4.12 -5.09
N SER A 5 -15.07 3.31 -4.13
CA SER A 5 -14.33 3.17 -2.89
C SER A 5 -12.96 2.54 -3.16
N GLN A 6 -12.97 1.40 -3.84
CA GLN A 6 -11.74 0.70 -4.17
C GLN A 6 -12.05 -0.56 -4.97
N MET A 7 -11.15 -0.87 -5.90
CA MET A 7 -11.27 -2.05 -6.76
C MET A 7 -11.30 -3.34 -5.96
N THR A 8 -10.83 -3.27 -4.73
CA THR A 8 -10.76 -4.43 -3.87
C THR A 8 -11.62 -4.23 -2.63
N ARG A 9 -12.55 -3.28 -2.70
CA ARG A 9 -13.45 -2.99 -1.58
C ARG A 9 -14.38 -4.18 -1.36
N GLN A 10 -14.87 -4.75 -2.44
CA GLN A 10 -15.73 -5.93 -2.37
C GLN A 10 -14.90 -7.20 -2.38
N ALA A 11 -13.59 -7.06 -2.53
CA ALA A 11 -12.69 -8.20 -2.49
C ALA A 11 -12.29 -8.50 -1.05
N ARG A 12 -12.20 -7.45 -0.25
CA ARG A 12 -11.88 -7.59 1.17
C ARG A 12 -13.12 -7.84 2.00
N ARG A 13 -14.28 -7.61 1.39
CA ARG A 13 -15.56 -7.77 2.07
C ARG A 13 -16.31 -8.96 1.51
N LEU A 14 -17.19 -9.51 2.31
CA LEU A 14 -18.00 -10.65 1.89
C LEU A 14 -19.41 -10.55 2.44
N TYR A 15 -20.35 -11.15 1.71
CA TYR A 15 -21.76 -11.11 2.06
C TYR A 15 -22.06 -12.15 3.14
N VAL A 16 -22.42 -11.68 4.33
CA VAL A 16 -22.71 -12.57 5.44
C VAL A 16 -24.21 -12.77 5.61
N GLY A 17 -24.63 -14.02 5.62
CA GLY A 17 -25.99 -14.35 5.92
C GLY A 17 -26.13 -14.93 7.31
N ASN A 18 -27.36 -15.20 7.74
CA ASN A 18 -27.64 -15.71 9.09
C ASN A 18 -27.28 -14.65 10.11
N ILE A 19 -27.81 -13.45 9.93
CA ILE A 19 -27.55 -12.37 10.86
C ILE A 19 -28.85 -11.88 11.49
N PRO A 20 -28.76 -11.38 12.73
CA PRO A 20 -29.91 -10.86 13.46
C PRO A 20 -30.10 -9.35 13.23
N PHE A 21 -31.34 -8.93 13.23
CA PHE A 21 -31.68 -7.53 13.02
C PHE A 21 -31.18 -6.67 14.18
N GLY A 22 -30.18 -5.84 13.90
CA GLY A 22 -29.68 -4.93 14.91
C GLY A 22 -28.42 -5.45 15.60
N ILE A 23 -27.79 -6.45 15.00
CA ILE A 23 -26.53 -6.97 15.53
C ILE A 23 -25.44 -5.92 15.44
N THR A 24 -24.52 -5.97 16.38
CA THR A 24 -23.43 -5.01 16.42
C THR A 24 -22.17 -5.64 15.84
N GLU A 25 -21.37 -4.82 15.16
CA GLU A 25 -20.17 -5.27 14.47
C GLU A 25 -19.38 -6.26 15.32
N GLU A 26 -19.06 -5.84 16.54
CA GLU A 26 -18.24 -6.63 17.46
C GLU A 26 -18.78 -8.04 17.66
N ALA A 27 -20.11 -8.19 17.70
CA ALA A 27 -20.73 -9.49 17.96
C ALA A 27 -20.28 -10.52 16.94
N MET A 28 -20.47 -10.19 15.67
CA MET A 28 -20.10 -11.08 14.59
C MET A 28 -18.58 -11.03 14.34
N MET A 29 -18.00 -9.87 14.64
CA MET A 29 -16.56 -9.66 14.46
C MET A 29 -15.76 -10.63 15.33
N ASP A 30 -16.05 -10.62 16.62
CA ASP A 30 -15.36 -11.48 17.56
C ASP A 30 -15.62 -12.96 17.25
N PHE A 31 -16.82 -13.25 16.75
CA PHE A 31 -17.19 -14.61 16.39
C PHE A 31 -16.31 -15.15 15.27
N PHE A 32 -16.17 -14.38 14.20
CA PHE A 32 -15.37 -14.80 13.04
C PHE A 32 -13.87 -14.76 13.35
N ASN A 33 -13.44 -13.73 14.07
CA ASN A 33 -12.03 -13.60 14.44
C ASN A 33 -11.55 -14.82 15.20
N ALA A 34 -12.44 -15.40 16.00
CA ALA A 34 -12.13 -16.59 16.76
C ALA A 34 -11.95 -17.80 15.84
N GLN A 35 -12.78 -17.88 14.81
CA GLN A 35 -12.79 -19.04 13.92
C GLN A 35 -11.47 -19.15 13.16
N MET A 36 -10.91 -18.02 12.76
CA MET A 36 -9.62 -18.00 12.09
C MET A 36 -8.54 -18.59 12.99
N ARG A 37 -8.60 -18.21 14.27
CA ARG A 37 -7.63 -18.67 15.24
C ARG A 37 -7.82 -20.17 15.52
N LEU A 38 -9.07 -20.62 15.51
CA LEU A 38 -9.40 -22.01 15.74
C LEU A 38 -8.78 -22.92 14.69
N GLY A 39 -8.99 -22.57 13.42
CA GLY A 39 -8.47 -23.39 12.34
C GLY A 39 -7.01 -23.10 12.02
N GLY A 40 -6.55 -21.94 12.46
CA GLY A 40 -5.19 -21.53 12.16
C GLY A 40 -5.10 -20.86 10.81
N LEU A 41 -6.18 -20.18 10.43
CA LEU A 41 -6.27 -19.51 9.15
C LEU A 41 -5.60 -18.14 9.22
N THR A 42 -5.49 -17.61 10.43
CA THR A 42 -4.89 -16.31 10.67
C THR A 42 -3.44 -16.28 10.17
N GLN A 43 -3.21 -15.56 9.08
CA GLN A 43 -1.88 -15.48 8.50
C GLN A 43 -1.08 -14.35 9.13
N ALA A 44 -1.78 -13.31 9.56
CA ALA A 44 -1.15 -12.20 10.25
C ALA A 44 -1.55 -12.23 11.73
N PRO A 45 -0.67 -11.77 12.62
CA PRO A 45 -0.97 -11.65 14.04
C PRO A 45 -2.12 -10.69 14.29
N GLY A 46 -2.95 -10.99 15.29
CA GLY A 46 -4.05 -10.12 15.62
C GLY A 46 -5.36 -10.59 15.04
N ASN A 47 -6.24 -9.65 14.75
CA ASN A 47 -7.57 -9.97 14.23
C ASN A 47 -7.63 -9.76 12.72
N PRO A 48 -8.02 -10.81 11.98
CA PRO A 48 -8.12 -10.77 10.51
C PRO A 48 -9.23 -9.84 10.04
N VAL A 49 -10.34 -9.83 10.76
CA VAL A 49 -11.43 -8.92 10.46
C VAL A 49 -11.05 -7.51 10.87
N LEU A 50 -11.10 -6.60 9.91
CA LEU A 50 -10.67 -5.23 10.14
C LEU A 50 -11.84 -4.39 10.63
N ALA A 51 -12.98 -4.53 9.96
CA ALA A 51 -14.18 -3.80 10.33
C ALA A 51 -15.40 -4.56 9.84
N VAL A 52 -16.56 -4.25 10.39
CA VAL A 52 -17.79 -4.89 9.96
C VAL A 52 -18.83 -3.82 9.62
N GLN A 53 -19.58 -4.07 8.56
CA GLN A 53 -20.62 -3.13 8.15
C GLN A 53 -21.97 -3.83 8.19
N ILE A 54 -22.86 -3.32 9.02
CA ILE A 54 -24.18 -3.92 9.16
C ILE A 54 -25.23 -3.02 8.50
N ASN A 55 -26.05 -3.62 7.66
CA ASN A 55 -27.12 -2.91 6.98
C ASN A 55 -28.27 -2.70 7.95
N GLN A 56 -29.03 -1.63 7.75
CA GLN A 56 -30.09 -1.23 8.67
C GLN A 56 -31.30 -2.14 8.54
N ASP A 57 -31.25 -3.06 7.59
CA ASP A 57 -32.30 -4.05 7.43
C ASP A 57 -31.80 -5.42 7.86
N LYS A 58 -32.73 -6.32 8.11
CA LYS A 58 -32.40 -7.67 8.58
C LYS A 58 -31.98 -8.56 7.40
N ASN A 59 -31.32 -7.95 6.44
CA ASN A 59 -30.98 -8.64 5.20
C ASN A 59 -29.58 -9.26 5.28
N PHE A 60 -28.56 -8.43 5.39
CA PHE A 60 -27.19 -8.91 5.33
C PHE A 60 -26.23 -8.00 6.09
N ALA A 61 -25.02 -8.50 6.29
CA ALA A 61 -23.93 -7.71 6.84
C ALA A 61 -22.66 -8.01 6.05
N PHE A 62 -21.72 -7.08 6.06
CA PHE A 62 -20.47 -7.27 5.34
C PHE A 62 -19.29 -7.26 6.30
N LEU A 63 -18.49 -8.32 6.24
CA LEU A 63 -17.27 -8.39 7.01
C LEU A 63 -16.10 -7.92 6.16
N GLU A 64 -15.37 -6.95 6.67
CA GLU A 64 -14.24 -6.40 5.95
C GLU A 64 -12.93 -6.88 6.56
N PHE A 65 -12.05 -7.37 5.70
CA PHE A 65 -10.79 -7.94 6.15
C PHE A 65 -9.62 -7.05 5.77
N ARG A 66 -8.53 -7.23 6.51
CA ARG A 66 -7.30 -6.48 6.30
C ARG A 66 -6.52 -7.03 5.11
N SER A 67 -6.83 -8.26 4.72
CA SER A 67 -6.16 -8.91 3.62
C SER A 67 -7.13 -9.85 2.91
N VAL A 68 -7.04 -9.87 1.58
CA VAL A 68 -8.03 -10.56 0.74
C VAL A 68 -7.91 -12.08 0.89
N ASP A 69 -6.74 -12.55 1.27
CA ASP A 69 -6.52 -13.98 1.46
C ASP A 69 -7.14 -14.45 2.77
N GLU A 70 -7.31 -13.53 3.71
CA GLU A 70 -8.02 -13.83 4.95
C GLU A 70 -9.53 -13.68 4.74
N THR A 71 -9.89 -12.93 3.70
CA THR A 71 -11.28 -12.80 3.30
C THR A 71 -11.78 -14.11 2.69
N THR A 72 -11.02 -14.66 1.74
CA THR A 72 -11.42 -15.84 1.01
C THR A 72 -11.63 -17.05 1.93
N GLN A 73 -10.80 -17.16 2.94
CA GLN A 73 -10.84 -18.29 3.86
C GLN A 73 -12.08 -18.22 4.76
N ALA A 74 -12.62 -17.02 4.93
CA ALA A 74 -13.84 -16.85 5.69
C ALA A 74 -15.03 -17.34 4.89
N MET A 75 -14.91 -17.25 3.57
CA MET A 75 -15.95 -17.68 2.67
C MET A 75 -16.04 -19.19 2.64
N ALA A 76 -15.01 -19.84 3.16
CA ALA A 76 -14.98 -21.30 3.27
C ALA A 76 -15.98 -21.78 4.31
N PHE A 77 -16.41 -20.86 5.17
CA PHE A 77 -17.37 -21.19 6.22
C PHE A 77 -18.82 -21.12 5.72
N ASP A 78 -19.00 -20.90 4.43
CA ASP A 78 -20.35 -20.79 3.87
C ASP A 78 -21.16 -22.06 4.13
N GLY A 79 -22.13 -21.95 5.03
CA GLY A 79 -23.03 -23.06 5.31
C GLY A 79 -22.53 -23.97 6.41
N ILE A 80 -21.52 -23.53 7.15
CA ILE A 80 -20.95 -24.36 8.21
C ILE A 80 -21.59 -24.03 9.57
N ILE A 81 -21.57 -25.00 10.47
CA ILE A 81 -22.12 -24.80 11.80
C ILE A 81 -21.01 -24.46 12.78
N PHE A 82 -20.88 -23.19 13.10
CA PHE A 82 -19.89 -22.76 14.08
C PHE A 82 -20.57 -22.41 15.40
N GLN A 83 -20.45 -23.31 16.36
CA GLN A 83 -20.97 -23.08 17.70
C GLN A 83 -22.49 -22.86 17.68
N GLY A 84 -23.16 -23.60 16.81
CA GLY A 84 -24.62 -23.60 16.78
C GLY A 84 -25.21 -22.68 15.72
N GLN A 85 -24.39 -21.80 15.14
CA GLN A 85 -24.89 -20.90 14.12
C GLN A 85 -24.52 -21.40 12.73
N SER A 86 -25.48 -21.40 11.83
CA SER A 86 -25.23 -21.79 10.46
C SER A 86 -25.06 -20.54 9.61
N LEU A 87 -23.82 -20.08 9.50
CA LEU A 87 -23.55 -18.82 8.85
C LEU A 87 -23.26 -19.03 7.36
N LYS A 88 -23.69 -18.08 6.55
CA LYS A 88 -23.58 -18.20 5.12
C LYS A 88 -22.74 -17.07 4.56
N ILE A 89 -21.95 -17.37 3.55
CA ILE A 89 -21.13 -16.36 2.92
C ILE A 89 -21.31 -16.43 1.40
N ARG A 90 -21.85 -15.35 0.84
CA ARG A 90 -22.10 -15.27 -0.58
C ARG A 90 -20.95 -14.50 -1.23
N ARG A 91 -20.58 -14.90 -2.43
CA ARG A 91 -19.43 -14.32 -3.10
C ARG A 91 -19.86 -13.34 -4.19
N PRO A 92 -19.59 -12.05 -3.99
CA PRO A 92 -19.90 -11.02 -4.98
C PRO A 92 -19.09 -11.20 -6.26
N HIS A 93 -19.67 -10.81 -7.38
CA HIS A 93 -19.00 -10.94 -8.67
C HIS A 93 -18.91 -9.59 -9.36
N ASP A 94 -19.22 -8.54 -8.62
CA ASP A 94 -19.23 -7.18 -9.18
C ASP A 94 -17.96 -6.42 -8.82
N TYR A 95 -16.83 -7.11 -8.87
CA TYR A 95 -15.55 -6.50 -8.57
C TYR A 95 -14.42 -7.33 -9.15
N GLN A 96 -13.26 -6.70 -9.36
CA GLN A 96 -12.08 -7.40 -9.82
C GLN A 96 -10.83 -6.61 -9.48
N PRO A 97 -9.96 -7.16 -8.62
CA PRO A 97 -8.68 -6.53 -8.29
C PRO A 97 -7.68 -6.67 -9.43
N LEU A 98 -7.03 -5.58 -9.81
CA LEU A 98 -6.13 -5.59 -10.94
C LEU A 98 -4.98 -4.60 -10.74
N PRO A 99 -3.82 -4.90 -11.35
CA PRO A 99 -2.66 -4.03 -11.33
C PRO A 99 -2.66 -3.05 -12.50
N GLY A 100 -1.50 -2.51 -12.82
CA GLY A 100 -1.40 -1.58 -13.93
C GLY A 100 -0.70 -0.31 -13.55
N MET A 101 -1.18 0.31 -12.49
CA MET A 101 -0.62 1.58 -12.01
C MET A 101 -0.04 1.39 -10.62
N SER A 102 0.32 0.16 -10.31
CA SER A 102 0.91 -0.17 -9.02
C SER A 102 2.12 -1.07 -9.25
N GLU A 103 3.19 -0.48 -9.75
CA GLU A 103 4.38 -1.23 -10.11
C GLU A 103 5.30 -1.37 -8.90
N ASN A 104 5.34 -2.57 -8.35
CA ASN A 104 6.26 -2.89 -7.27
C ASN A 104 7.26 -3.95 -7.74
N PRO A 105 8.55 -3.59 -7.81
CA PRO A 105 9.60 -4.44 -8.41
C PRO A 105 9.54 -5.89 -7.98
N SER A 106 9.96 -6.17 -6.76
CA SER A 106 9.88 -7.52 -6.21
C SER A 106 9.74 -7.46 -4.69
N VAL A 107 9.33 -6.31 -4.18
CA VAL A 107 9.21 -6.11 -2.74
C VAL A 107 7.97 -6.82 -2.20
N TYR A 108 7.86 -6.86 -0.88
CA TYR A 108 6.75 -7.51 -0.22
C TYR A 108 6.33 -6.68 0.98
N VAL A 109 5.04 -6.41 1.11
CA VAL A 109 4.55 -5.63 2.22
C VAL A 109 3.46 -6.36 3.00
N PRO A 110 3.71 -6.64 4.29
CA PRO A 110 2.73 -7.29 5.16
C PRO A 110 1.54 -6.39 5.45
N GLY A 111 0.35 -6.84 5.05
CA GLY A 111 -0.83 -6.02 5.18
C GLY A 111 -1.38 -5.61 3.82
N VAL A 112 -0.59 -5.87 2.78
CA VAL A 112 -0.95 -5.57 1.41
C VAL A 112 -1.23 -4.08 1.19
N VAL A 113 -0.18 -3.34 0.90
CA VAL A 113 -0.29 -1.92 0.61
C VAL A 113 -0.10 -1.67 -0.88
N SER A 114 -1.04 -0.98 -1.49
CA SER A 114 -0.95 -0.65 -2.90
C SER A 114 -0.06 0.57 -3.10
N THR A 115 0.65 0.63 -4.21
CA THR A 115 1.52 1.76 -4.49
C THR A 115 0.79 2.82 -5.31
N VAL A 116 -0.49 2.58 -5.55
CA VAL A 116 -1.33 3.51 -6.28
C VAL A 116 -2.33 4.18 -5.33
N VAL A 117 -2.07 5.44 -5.03
CA VAL A 117 -2.87 6.19 -4.08
C VAL A 117 -4.03 6.92 -4.75
N PRO A 118 -5.26 6.45 -4.50
CA PRO A 118 -6.48 7.14 -4.93
C PRO A 118 -6.71 8.40 -4.10
N ASP A 119 -7.14 9.47 -4.74
CA ASP A 119 -7.35 10.74 -4.06
C ASP A 119 -8.74 10.79 -3.45
N SER A 120 -8.87 10.20 -2.28
CA SER A 120 -10.14 10.13 -1.58
C SER A 120 -10.35 11.35 -0.68
N ALA A 121 -11.46 11.39 0.05
CA ALA A 121 -11.71 12.45 1.02
C ALA A 121 -10.74 12.33 2.19
N HIS A 122 -10.29 11.10 2.42
CA HIS A 122 -9.34 10.82 3.48
C HIS A 122 -7.94 10.63 2.90
N LYS A 123 -7.68 11.33 1.80
CA LYS A 123 -6.36 11.36 1.18
C LYS A 123 -5.39 12.07 2.11
N LEU A 124 -4.22 11.49 2.32
CA LEU A 124 -3.29 12.00 3.32
C LEU A 124 -1.94 12.37 2.72
N PHE A 125 -1.29 13.37 3.31
CA PHE A 125 0.02 13.80 2.91
C PHE A 125 0.99 13.65 4.08
N ILE A 126 2.15 13.06 3.82
CA ILE A 126 3.17 12.89 4.84
C ILE A 126 4.42 13.66 4.46
N GLY A 127 4.80 14.60 5.31
CA GLY A 127 6.00 15.37 5.12
C GLY A 127 6.88 15.30 6.34
N GLY A 128 7.97 16.05 6.34
CA GLY A 128 8.87 16.03 7.48
C GLY A 128 9.91 14.94 7.37
N LEU A 129 9.75 14.10 6.35
CA LEU A 129 10.57 12.92 6.18
C LEU A 129 12.00 13.25 5.84
N PRO A 130 12.96 12.69 6.60
CA PRO A 130 14.37 12.69 6.21
C PRO A 130 14.56 11.84 4.97
N ASN A 131 15.41 12.30 4.06
CA ASN A 131 15.52 11.71 2.74
C ASN A 131 16.04 10.27 2.78
N TYR A 132 16.61 9.86 3.91
CA TYR A 132 17.14 8.52 4.03
C TYR A 132 16.07 7.50 4.37
N LEU A 133 14.85 7.94 4.67
CA LEU A 133 13.75 7.02 4.86
C LEU A 133 12.94 6.93 3.58
N ASN A 134 12.74 5.72 3.11
CA ASN A 134 12.05 5.48 1.85
C ASN A 134 10.64 4.98 2.10
N ASP A 135 9.87 4.81 1.02
CA ASP A 135 8.52 4.25 1.09
C ASP A 135 8.44 3.08 2.07
N ASP A 136 9.44 2.20 2.03
CA ASP A 136 9.46 1.01 2.90
C ASP A 136 9.58 1.40 4.37
N GLN A 137 10.51 2.28 4.69
CA GLN A 137 10.76 2.67 6.08
C GLN A 137 9.66 3.58 6.61
N VAL A 138 9.18 4.50 5.77
CA VAL A 138 8.16 5.46 6.17
C VAL A 138 6.84 4.77 6.51
N LYS A 139 6.54 3.67 5.82
CA LYS A 139 5.32 2.91 6.10
C LYS A 139 5.26 2.48 7.56
N GLU A 140 6.42 2.20 8.13
CA GLU A 140 6.52 1.72 9.50
C GLU A 140 5.99 2.75 10.49
N LEU A 141 6.15 4.02 10.16
CA LEU A 141 5.67 5.10 11.03
C LEU A 141 4.16 5.21 10.92
N LEU A 142 3.64 4.97 9.73
CA LEU A 142 2.23 5.16 9.44
C LEU A 142 1.41 3.95 9.88
N THR A 143 2.02 2.77 9.79
CA THR A 143 1.34 1.53 10.16
C THR A 143 1.10 1.44 11.66
N SER A 144 1.77 2.31 12.42
CA SER A 144 1.64 2.35 13.87
C SER A 144 0.17 2.36 14.31
N PHE A 145 -0.63 3.21 13.67
CA PHE A 145 -2.04 3.32 14.02
C PHE A 145 -2.89 2.37 13.19
N GLY A 146 -2.59 2.27 11.91
CA GLY A 146 -3.30 1.35 11.06
C GLY A 146 -2.55 1.07 9.78
N PRO A 147 -2.93 0.01 9.06
CA PRO A 147 -2.34 -0.31 7.77
C PRO A 147 -2.76 0.68 6.69
N LEU A 148 -2.06 0.64 5.56
CA LEU A 148 -2.33 1.56 4.47
C LEU A 148 -2.90 0.83 3.28
N LYS A 149 -3.97 1.38 2.72
CA LYS A 149 -4.55 0.88 1.50
C LYS A 149 -3.61 1.17 0.34
N ALA A 150 -3.01 2.35 0.40
CA ALA A 150 -2.14 2.82 -0.66
C ALA A 150 -1.09 3.77 -0.11
N PHE A 151 0.15 3.55 -0.48
CA PHE A 151 1.24 4.42 -0.09
C PHE A 151 2.19 4.66 -1.26
N ASN A 152 2.28 5.91 -1.65
CA ASN A 152 3.21 6.32 -2.70
C ASN A 152 4.19 7.37 -2.17
N LEU A 153 5.42 6.97 -1.87
CA LEU A 153 6.46 7.92 -1.50
C LEU A 153 7.15 8.44 -2.75
N VAL A 154 7.34 9.75 -2.82
CA VAL A 154 7.95 10.38 -3.98
C VAL A 154 9.47 10.40 -3.84
N LYS A 155 10.16 10.02 -4.90
CA LYS A 155 11.62 9.92 -4.88
C LYS A 155 12.25 10.79 -5.94
N ASP A 156 13.54 11.00 -5.81
CA ASP A 156 14.29 11.82 -6.77
C ASP A 156 15.21 10.95 -7.60
N SER A 157 15.20 11.15 -8.89
CA SER A 157 16.01 10.33 -9.78
C SER A 157 17.44 10.88 -9.85
N ALA A 158 17.65 12.08 -9.32
CA ALA A 158 18.96 12.70 -9.33
C ALA A 158 19.77 12.28 -8.11
N THR A 159 19.14 12.29 -6.95
CA THR A 159 19.80 11.84 -5.73
C THR A 159 19.73 10.31 -5.61
N GLY A 160 18.66 9.74 -6.15
CA GLY A 160 18.44 8.32 -6.02
C GLY A 160 17.81 7.98 -4.69
N LEU A 161 17.33 9.01 -4.01
CA LEU A 161 16.80 8.87 -2.67
C LEU A 161 15.37 9.38 -2.60
N SER A 162 14.82 9.38 -1.39
CA SER A 162 13.50 9.91 -1.15
C SER A 162 13.52 11.43 -1.19
N LYS A 163 12.39 12.03 -1.55
CA LYS A 163 12.29 13.48 -1.57
C LYS A 163 11.87 14.01 -0.20
N GLY A 164 11.48 13.09 0.67
CA GLY A 164 11.14 13.45 2.03
C GLY A 164 9.67 13.75 2.21
N TYR A 165 8.84 13.15 1.37
CA TYR A 165 7.40 13.31 1.47
C TYR A 165 6.68 12.25 0.66
N ALA A 166 5.51 11.87 1.12
CA ALA A 166 4.75 10.81 0.50
C ALA A 166 3.26 11.03 0.67
N PHE A 167 2.47 10.23 -0.03
CA PHE A 167 1.02 10.27 0.11
C PHE A 167 0.51 8.89 0.51
N CYS A 168 -0.27 8.82 1.58
CA CYS A 168 -0.81 7.56 2.01
C CYS A 168 -2.33 7.63 2.05
N GLU A 169 -2.94 6.47 2.08
CA GLU A 169 -4.37 6.36 2.22
C GLU A 169 -4.68 5.13 3.06
N TYR A 170 -5.20 5.34 4.27
CA TYR A 170 -5.48 4.24 5.19
C TYR A 170 -6.64 3.40 4.69
N VAL A 171 -6.88 2.27 5.33
CA VAL A 171 -8.00 1.43 4.94
C VAL A 171 -9.26 1.86 5.66
N ASP A 172 -9.11 2.12 6.96
CA ASP A 172 -10.22 2.55 7.81
C ASP A 172 -10.38 4.06 7.71
N ILE A 173 -11.63 4.51 7.73
CA ILE A 173 -11.92 5.94 7.76
C ILE A 173 -11.85 6.46 9.19
N ASN A 174 -11.87 5.53 10.14
CA ASN A 174 -11.83 5.87 11.56
C ASN A 174 -10.39 6.02 12.04
N VAL A 175 -9.46 5.38 11.35
CA VAL A 175 -8.07 5.45 11.73
C VAL A 175 -7.44 6.71 11.14
N THR A 176 -8.11 7.28 10.14
CA THR A 176 -7.63 8.46 9.46
C THR A 176 -7.34 9.60 10.45
N ASP A 177 -8.30 9.87 11.33
CA ASP A 177 -8.15 10.95 12.30
C ASP A 177 -7.30 10.52 13.49
N GLN A 178 -7.26 9.22 13.77
CA GLN A 178 -6.47 8.70 14.88
C GLN A 178 -4.98 8.79 14.57
N ALA A 179 -4.64 8.57 13.31
CA ALA A 179 -3.25 8.59 12.88
C ALA A 179 -2.71 10.01 12.84
N ILE A 180 -3.42 10.90 12.16
CA ILE A 180 -2.99 12.30 12.06
C ILE A 180 -2.93 12.96 13.44
N ALA A 181 -3.66 12.37 14.38
CA ALA A 181 -3.70 12.88 15.74
C ALA A 181 -2.36 12.64 16.45
N GLY A 182 -1.76 11.47 16.21
CA GLY A 182 -0.52 11.13 16.89
C GLY A 182 0.71 11.35 16.04
N LEU A 183 0.59 11.10 14.74
CA LEU A 183 1.74 11.14 13.84
C LEU A 183 2.13 12.58 13.50
N ASN A 184 1.15 13.47 13.41
CA ASN A 184 1.43 14.85 13.03
C ASN A 184 2.18 15.57 14.15
N GLY A 185 3.39 16.00 13.84
CA GLY A 185 4.20 16.68 14.83
C GLY A 185 5.17 15.76 15.51
N MET A 186 5.28 14.54 14.99
CA MET A 186 6.21 13.56 15.54
C MET A 186 7.64 14.04 15.39
N GLN A 187 8.30 14.27 16.50
CA GLN A 187 9.68 14.73 16.46
C GLN A 187 10.61 13.53 16.39
N LEU A 188 10.86 13.09 15.17
CA LEU A 188 11.74 11.95 14.95
C LEU A 188 13.04 12.43 14.34
N GLY A 189 14.15 12.15 15.01
CA GLY A 189 15.42 12.69 14.59
C GLY A 189 15.57 14.12 15.05
N ASP A 190 15.69 15.04 14.11
CA ASP A 190 15.83 16.45 14.46
C ASP A 190 14.64 17.25 13.93
N LYS A 191 13.87 16.65 13.03
CA LYS A 191 12.73 17.32 12.43
C LYS A 191 11.43 16.83 13.04
N LYS A 192 10.36 17.58 12.80
CA LYS A 192 9.02 17.16 13.17
C LYS A 192 8.24 16.75 11.93
N LEU A 193 7.71 15.55 11.96
CA LEU A 193 6.99 15.00 10.82
C LEU A 193 5.64 15.66 10.66
N LEU A 194 5.31 16.03 9.43
CA LEU A 194 4.00 16.56 9.13
C LEU A 194 3.11 15.47 8.57
N VAL A 195 2.00 15.24 9.22
CA VAL A 195 1.04 14.25 8.75
C VAL A 195 -0.35 14.86 8.73
N GLN A 196 -0.85 15.11 7.54
CA GLN A 196 -2.11 15.82 7.39
C GLN A 196 -2.94 15.21 6.28
N ARG A 197 -4.23 15.48 6.30
CA ARG A 197 -5.10 15.11 5.20
C ARG A 197 -4.96 16.15 4.10
N ALA A 198 -4.98 15.68 2.87
CA ALA A 198 -4.87 16.57 1.72
C ALA A 198 -6.15 17.37 1.56
N SER A 199 -7.20 16.93 2.23
CA SER A 199 -8.49 17.58 2.18
C SER A 199 -8.66 18.51 3.39
N VAL A 200 -7.63 19.30 3.67
CA VAL A 200 -7.70 20.28 4.74
C VAL A 200 -7.78 21.69 4.15
N GLY A 201 -8.30 21.77 2.94
CA GLY A 201 -8.42 23.04 2.26
C GLY A 201 -8.24 22.90 0.77
N ALA A 202 -8.69 23.92 0.02
CA ALA A 202 -8.57 23.97 -1.45
C ALA A 202 -9.53 22.99 -2.13
N LYS A 203 -9.53 21.75 -1.69
CA LYS A 203 -10.37 20.72 -2.27
C LYS A 203 -11.80 20.85 -1.72
N ASN A 204 -12.54 21.81 -2.25
CA ASN A 204 -13.91 22.06 -1.81
C ASN A 204 -14.89 21.34 -2.71
N ALA A 205 -15.04 20.04 -2.50
CA ALA A 205 -15.95 19.24 -3.30
C ALA A 205 -16.89 18.46 -2.41
N ALA A 1 -4.17 -6.59 -18.28
CA ALA A 1 -5.44 -6.30 -17.57
C ALA A 1 -5.17 -5.82 -16.15
N MET A 2 -4.48 -4.69 -16.04
CA MET A 2 -4.13 -4.12 -14.75
C MET A 2 -3.93 -2.62 -14.87
N VAL A 3 -5.00 -1.87 -14.67
CA VAL A 3 -4.93 -0.42 -14.66
C VAL A 3 -4.66 0.08 -13.25
N GLY A 4 -5.37 -0.50 -12.30
CA GLY A 4 -5.17 -0.19 -10.90
C GLY A 4 -5.81 1.12 -10.48
N SER A 5 -5.30 2.22 -11.03
CA SER A 5 -5.78 3.55 -10.68
C SER A 5 -5.58 4.50 -11.85
N GLN A 6 -5.93 5.76 -11.65
CA GLN A 6 -5.85 6.78 -12.70
C GLN A 6 -4.41 7.23 -12.97
N MET A 7 -3.53 6.26 -13.22
CA MET A 7 -2.17 6.55 -13.58
C MET A 7 -2.03 6.72 -15.10
N THR A 8 -2.61 5.78 -15.83
CA THR A 8 -2.46 5.72 -17.28
C THR A 8 -3.25 6.84 -17.97
N ARG A 9 -4.06 7.58 -17.23
CA ARG A 9 -4.81 8.69 -17.80
C ARG A 9 -3.86 9.77 -18.32
N GLN A 10 -2.62 9.74 -17.83
CA GLN A 10 -1.59 10.64 -18.30
C GLN A 10 -0.96 10.11 -19.59
N ALA A 11 -0.88 8.80 -19.70
CA ALA A 11 -0.28 8.15 -20.87
C ALA A 11 -1.29 8.09 -22.01
N ARG A 12 -2.56 8.09 -21.66
CA ARG A 12 -3.64 8.15 -22.64
C ARG A 12 -3.68 9.51 -23.34
N ARG A 13 -2.87 10.44 -22.87
CA ARG A 13 -2.85 11.78 -23.43
C ARG A 13 -1.58 12.05 -24.19
N LEU A 14 -1.65 13.02 -25.08
CA LEU A 14 -0.51 13.43 -25.87
C LEU A 14 -0.53 14.93 -26.10
N TYR A 15 0.65 15.50 -26.29
CA TYR A 15 0.81 16.93 -26.49
C TYR A 15 0.48 17.31 -27.93
N VAL A 16 -0.52 18.17 -28.09
CA VAL A 16 -0.91 18.66 -29.40
C VAL A 16 -0.47 20.11 -29.57
N GLY A 17 0.34 20.35 -30.59
CA GLY A 17 0.82 21.69 -30.86
C GLY A 17 0.47 22.15 -32.26
N ASN A 18 0.81 23.40 -32.55
CA ASN A 18 0.52 24.04 -33.84
C ASN A 18 -0.98 24.25 -33.99
N ILE A 19 -1.60 24.72 -32.92
CA ILE A 19 -3.03 24.98 -32.90
C ILE A 19 -3.30 26.47 -32.70
N PRO A 20 -4.46 26.95 -33.16
CA PRO A 20 -4.87 28.34 -32.95
C PRO A 20 -5.33 28.56 -31.51
N PHE A 21 -4.81 29.62 -30.89
CA PHE A 21 -5.12 29.91 -29.50
C PHE A 21 -6.59 30.28 -29.34
N GLY A 22 -7.30 29.48 -28.58
CA GLY A 22 -8.72 29.67 -28.41
C GLY A 22 -9.52 28.60 -29.11
N ILE A 23 -8.81 27.60 -29.64
CA ILE A 23 -9.45 26.48 -30.31
C ILE A 23 -10.32 25.70 -29.34
N THR A 24 -11.40 25.14 -29.84
CA THR A 24 -12.31 24.39 -29.00
C THR A 24 -11.96 22.91 -29.01
N GLU A 25 -12.15 22.25 -27.89
CA GLU A 25 -11.83 20.83 -27.74
C GLU A 25 -12.43 20.01 -28.88
N GLU A 26 -13.74 20.17 -29.07
CA GLU A 26 -14.48 19.42 -30.08
C GLU A 26 -13.93 19.66 -31.50
N ALA A 27 -13.27 20.80 -31.70
CA ALA A 27 -12.72 21.14 -33.01
C ALA A 27 -11.61 20.18 -33.39
N MET A 28 -10.58 20.12 -32.55
CA MET A 28 -9.44 19.23 -32.79
C MET A 28 -9.84 17.78 -32.56
N MET A 29 -10.76 17.58 -31.63
CA MET A 29 -11.26 16.24 -31.30
C MET A 29 -11.87 15.60 -32.54
N ASP A 30 -12.83 16.29 -33.14
CA ASP A 30 -13.51 15.78 -34.32
C ASP A 30 -12.54 15.65 -35.50
N PHE A 31 -11.60 16.58 -35.59
CA PHE A 31 -10.57 16.54 -36.62
C PHE A 31 -9.80 15.23 -36.56
N PHE A 32 -9.14 14.99 -35.43
CA PHE A 32 -8.32 13.79 -35.26
C PHE A 32 -9.16 12.53 -35.45
N ASN A 33 -10.36 12.51 -34.89
CA ASN A 33 -11.25 11.36 -35.01
C ASN A 33 -11.58 11.08 -36.48
N ALA A 34 -11.82 12.14 -37.24
CA ALA A 34 -12.12 12.00 -38.65
C ALA A 34 -10.89 11.52 -39.42
N GLN A 35 -9.73 12.11 -39.12
CA GLN A 35 -8.50 11.77 -39.83
C GLN A 35 -8.13 10.30 -39.57
N MET A 36 -8.47 9.81 -38.38
CA MET A 36 -8.28 8.41 -38.04
C MET A 36 -9.00 7.50 -39.03
N ARG A 37 -10.25 7.84 -39.34
CA ARG A 37 -11.04 7.06 -40.27
C ARG A 37 -10.59 7.28 -41.70
N LEU A 38 -10.06 8.47 -41.98
CA LEU A 38 -9.50 8.75 -43.30
C LEU A 38 -8.24 7.92 -43.53
N GLY A 39 -7.35 7.91 -42.56
CA GLY A 39 -6.14 7.14 -42.67
C GLY A 39 -6.37 5.65 -42.46
N GLY A 40 -7.46 5.33 -41.77
CA GLY A 40 -7.79 3.93 -41.52
C GLY A 40 -7.10 3.39 -40.29
N LEU A 41 -6.97 4.23 -39.28
CA LEU A 41 -6.29 3.84 -38.04
C LEU A 41 -7.29 3.26 -37.05
N THR A 42 -8.54 3.71 -37.17
CA THR A 42 -9.59 3.29 -36.27
C THR A 42 -9.81 1.77 -36.31
N GLN A 43 -9.39 1.11 -35.25
CA GLN A 43 -9.62 -0.32 -35.09
C GLN A 43 -10.79 -0.57 -34.15
N ALA A 44 -11.06 0.42 -33.31
CA ALA A 44 -12.22 0.38 -32.43
C ALA A 44 -13.28 1.35 -32.94
N PRO A 45 -14.51 0.88 -33.11
CA PRO A 45 -15.61 1.68 -33.64
C PRO A 45 -15.90 2.92 -32.80
N GLY A 46 -16.22 4.02 -33.47
CA GLY A 46 -16.56 5.24 -32.78
C GLY A 46 -15.47 6.28 -32.87
N ASN A 47 -15.28 7.03 -31.79
CA ASN A 47 -14.27 8.07 -31.74
C ASN A 47 -13.11 7.66 -30.84
N PRO A 48 -11.91 7.50 -31.42
CA PRO A 48 -10.71 7.13 -30.67
C PRO A 48 -10.32 8.18 -29.64
N VAL A 49 -10.50 9.46 -29.99
CA VAL A 49 -10.29 10.53 -29.05
C VAL A 49 -11.46 10.59 -28.10
N LEU A 50 -11.17 10.40 -26.82
CA LEU A 50 -12.20 10.21 -25.82
C LEU A 50 -12.49 11.53 -25.10
N ALA A 51 -11.46 12.35 -24.91
CA ALA A 51 -11.62 13.64 -24.28
C ALA A 51 -10.51 14.58 -24.70
N VAL A 52 -10.74 15.87 -24.59
CA VAL A 52 -9.72 16.86 -24.94
C VAL A 52 -9.70 17.99 -23.92
N GLN A 53 -8.51 18.28 -23.41
CA GLN A 53 -8.32 19.39 -22.48
C GLN A 53 -7.36 20.42 -23.06
N ILE A 54 -7.80 21.66 -23.13
CA ILE A 54 -6.99 22.72 -23.69
C ILE A 54 -6.17 23.39 -22.59
N ASN A 55 -4.87 23.54 -22.83
CA ASN A 55 -4.01 24.22 -21.86
C ASN A 55 -4.34 25.69 -21.84
N GLN A 56 -4.59 26.23 -20.65
CA GLN A 56 -4.98 27.62 -20.52
C GLN A 56 -3.75 28.52 -20.43
N ASP A 57 -2.59 27.92 -20.25
CA ASP A 57 -1.35 28.66 -20.08
C ASP A 57 -0.75 29.02 -21.43
N LYS A 58 -0.40 27.99 -22.20
CA LYS A 58 0.17 28.18 -23.52
C LYS A 58 -0.82 27.73 -24.59
N ASN A 59 -0.51 28.01 -25.85
CA ASN A 59 -1.40 27.71 -26.95
C ASN A 59 -1.27 26.25 -27.40
N PHE A 60 -1.38 25.33 -26.45
CA PHE A 60 -1.30 23.91 -26.74
C PHE A 60 -2.47 23.19 -26.09
N ALA A 61 -2.69 21.94 -26.47
CA ALA A 61 -3.79 21.16 -25.90
C ALA A 61 -3.36 19.72 -25.65
N PHE A 62 -4.12 19.03 -24.81
CA PHE A 62 -3.85 17.63 -24.51
C PHE A 62 -5.00 16.76 -25.02
N LEU A 63 -4.66 15.83 -25.89
CA LEU A 63 -5.66 14.93 -26.46
C LEU A 63 -5.70 13.64 -25.64
N GLU A 64 -6.85 13.36 -25.06
CA GLU A 64 -7.02 12.19 -24.22
C GLU A 64 -7.76 11.10 -24.97
N PHE A 65 -7.17 9.92 -25.00
CA PHE A 65 -7.76 8.79 -25.67
C PHE A 65 -8.30 7.79 -24.66
N ARG A 66 -9.24 6.98 -25.11
CA ARG A 66 -9.89 5.98 -24.27
C ARG A 66 -9.00 4.76 -24.10
N SER A 67 -8.06 4.60 -25.03
CA SER A 67 -7.10 3.51 -24.97
C SER A 67 -5.73 4.02 -25.45
N VAL A 68 -4.66 3.51 -24.83
CA VAL A 68 -3.31 4.00 -25.12
C VAL A 68 -2.87 3.59 -26.52
N ASP A 69 -3.42 2.50 -27.02
CA ASP A 69 -3.11 2.04 -28.36
C ASP A 69 -3.81 2.90 -29.41
N GLU A 70 -4.83 3.62 -28.98
CA GLU A 70 -5.47 4.61 -29.83
C GLU A 70 -4.71 5.93 -29.73
N THR A 71 -4.05 6.13 -28.61
CA THR A 71 -3.19 7.29 -28.39
C THR A 71 -1.95 7.22 -29.28
N THR A 72 -1.34 6.04 -29.33
CA THR A 72 -0.08 5.85 -30.05
C THR A 72 -0.20 6.15 -31.54
N GLN A 73 -1.34 5.79 -32.13
CA GLN A 73 -1.55 5.97 -33.56
C GLN A 73 -1.80 7.43 -33.93
N ALA A 74 -2.15 8.25 -32.94
CA ALA A 74 -2.35 9.67 -33.17
C ALA A 74 -1.00 10.36 -33.30
N MET A 75 0.00 9.77 -32.66
CA MET A 75 1.36 10.29 -32.69
C MET A 75 1.97 10.14 -34.08
N ALA A 76 1.35 9.30 -34.90
CA ALA A 76 1.81 9.11 -36.27
C ALA A 76 1.56 10.35 -37.11
N PHE A 77 0.58 11.15 -36.70
CA PHE A 77 0.29 12.41 -37.39
C PHE A 77 1.32 13.49 -37.06
N ASP A 78 2.29 13.17 -36.23
CA ASP A 78 3.32 14.13 -35.88
C ASP A 78 4.17 14.44 -37.11
N GLY A 79 3.97 15.64 -37.66
CA GLY A 79 4.72 16.04 -38.83
C GLY A 79 3.95 15.84 -40.11
N ILE A 80 2.65 15.62 -40.00
CA ILE A 80 1.82 15.43 -41.18
C ILE A 80 0.94 16.66 -41.44
N ILE A 81 0.57 16.84 -42.70
CA ILE A 81 -0.27 17.96 -43.10
C ILE A 81 -1.66 17.45 -43.49
N PHE A 82 -2.61 17.57 -42.58
CA PHE A 82 -3.99 17.18 -42.88
C PHE A 82 -4.84 18.41 -43.13
N GLN A 83 -5.40 18.49 -44.33
CA GLN A 83 -6.29 19.60 -44.69
C GLN A 83 -5.60 20.95 -44.53
N GLY A 84 -4.28 20.97 -44.76
CA GLY A 84 -3.54 22.20 -44.69
C GLY A 84 -2.98 22.49 -43.31
N GLN A 85 -3.45 21.78 -42.29
CA GLN A 85 -3.00 22.03 -40.93
C GLN A 85 -1.85 21.11 -40.57
N SER A 86 -0.83 21.66 -39.93
CA SER A 86 0.30 20.87 -39.47
C SER A 86 0.04 20.37 -38.06
N LEU A 87 0.14 19.07 -37.88
CA LEU A 87 -0.11 18.47 -36.57
C LEU A 87 1.20 18.14 -35.88
N LYS A 88 1.40 18.71 -34.69
CA LYS A 88 2.61 18.45 -33.92
C LYS A 88 2.25 17.68 -32.66
N ILE A 89 2.79 16.49 -32.51
CA ILE A 89 2.52 15.68 -31.33
C ILE A 89 3.83 15.36 -30.61
N ARG A 90 3.87 15.58 -29.31
CA ARG A 90 5.04 15.24 -28.52
C ARG A 90 4.70 14.14 -27.53
N ARG A 91 5.69 13.32 -27.21
CA ARG A 91 5.50 12.17 -26.35
C ARG A 91 5.72 12.55 -24.89
N PRO A 92 4.66 12.51 -24.07
CA PRO A 92 4.74 12.87 -22.66
C PRO A 92 5.44 11.80 -21.84
N HIS A 93 6.42 12.20 -21.05
CA HIS A 93 7.17 11.27 -20.23
C HIS A 93 7.27 11.77 -18.79
N ASP A 94 6.20 12.40 -18.33
CA ASP A 94 6.12 12.80 -16.92
C ASP A 94 5.96 11.58 -16.04
N TYR A 95 5.25 10.59 -16.57
CA TYR A 95 5.11 9.32 -15.90
C TYR A 95 6.32 8.46 -16.20
N GLN A 96 6.56 7.46 -15.39
CA GLN A 96 7.70 6.60 -15.60
C GLN A 96 7.28 5.14 -15.58
N PRO A 97 7.37 4.45 -16.72
CA PRO A 97 7.08 3.02 -16.82
C PRO A 97 8.06 2.18 -16.02
N LEU A 98 7.59 1.03 -15.54
CA LEU A 98 8.40 0.11 -14.74
C LEU A 98 8.65 0.68 -13.34
N PRO A 99 8.44 -0.14 -12.30
CA PRO A 99 8.61 0.28 -10.91
C PRO A 99 10.08 0.43 -10.52
N GLY A 100 10.34 1.32 -9.58
CA GLY A 100 11.70 1.56 -9.14
C GLY A 100 12.20 0.48 -8.20
N MET A 101 12.56 -0.67 -8.77
CA MET A 101 13.06 -1.78 -7.99
C MET A 101 14.52 -1.57 -7.65
N SER A 102 15.06 -2.46 -6.81
CA SER A 102 16.45 -2.39 -6.36
C SER A 102 16.66 -1.25 -5.36
N GLU A 103 15.66 -0.38 -5.25
CA GLU A 103 15.68 0.67 -4.25
C GLU A 103 15.12 0.13 -2.95
N ASN A 104 13.98 -0.52 -3.07
CA ASN A 104 13.39 -1.24 -1.96
C ASN A 104 13.72 -2.71 -2.08
N PRO A 105 14.09 -3.36 -0.97
CA PRO A 105 14.44 -4.78 -0.96
C PRO A 105 13.25 -5.63 -1.39
N SER A 106 13.52 -6.71 -2.12
CA SER A 106 12.47 -7.61 -2.57
C SER A 106 11.94 -8.40 -1.38
N VAL A 107 11.05 -7.78 -0.64
CA VAL A 107 10.49 -8.33 0.57
C VAL A 107 8.99 -8.53 0.42
N TYR A 108 8.39 -9.14 1.42
CA TYR A 108 6.95 -9.31 1.47
C TYR A 108 6.31 -8.07 2.08
N VAL A 109 5.27 -7.56 1.44
CA VAL A 109 4.56 -6.40 1.96
C VAL A 109 3.19 -6.82 2.50
N PRO A 110 3.06 -6.90 3.83
CA PRO A 110 1.81 -7.31 4.47
C PRO A 110 0.70 -6.31 4.23
N GLY A 111 -0.37 -6.77 3.59
CA GLY A 111 -1.48 -5.90 3.27
C GLY A 111 -1.41 -5.37 1.86
N VAL A 112 -0.32 -5.71 1.17
CA VAL A 112 -0.07 -5.27 -0.20
C VAL A 112 -0.43 -3.79 -0.41
N VAL A 113 0.50 -2.93 -0.04
CA VAL A 113 0.28 -1.50 -0.14
C VAL A 113 0.54 -1.01 -1.56
N SER A 114 -0.48 -0.42 -2.17
CA SER A 114 -0.37 0.07 -3.53
C SER A 114 0.55 1.28 -3.58
N THR A 115 1.39 1.35 -4.62
CA THR A 115 2.32 2.46 -4.76
C THR A 115 1.67 3.62 -5.52
N VAL A 116 0.40 3.44 -5.86
CA VAL A 116 -0.36 4.48 -6.52
C VAL A 116 -1.57 4.85 -5.66
N VAL A 117 -1.50 6.03 -5.08
CA VAL A 117 -2.56 6.50 -4.20
C VAL A 117 -3.40 7.57 -4.91
N PRO A 118 -4.62 7.21 -5.29
CA PRO A 118 -5.56 8.14 -5.92
C PRO A 118 -6.06 9.18 -4.95
N ASP A 119 -6.59 10.28 -5.47
CA ASP A 119 -7.06 11.36 -4.62
C ASP A 119 -8.35 10.96 -3.96
N SER A 120 -8.51 11.36 -2.72
CA SER A 120 -9.68 11.01 -1.96
C SER A 120 -9.90 12.02 -0.84
N ALA A 121 -10.91 11.77 -0.02
CA ALA A 121 -11.19 12.62 1.13
C ALA A 121 -10.40 12.14 2.34
N HIS A 122 -9.62 11.08 2.14
CA HIS A 122 -8.84 10.51 3.22
C HIS A 122 -7.40 10.27 2.78
N LYS A 123 -7.02 10.90 1.67
CA LYS A 123 -5.64 10.84 1.20
C LYS A 123 -4.78 11.74 2.08
N LEU A 124 -3.73 11.19 2.63
CA LEU A 124 -2.94 11.91 3.62
C LEU A 124 -1.59 12.31 3.07
N PHE A 125 -1.16 13.51 3.41
CA PHE A 125 0.14 14.01 3.02
C PHE A 125 1.11 13.90 4.19
N ILE A 126 2.24 13.28 3.93
CA ILE A 126 3.28 13.17 4.94
C ILE A 126 4.52 13.94 4.49
N GLY A 127 4.86 14.95 5.26
CA GLY A 127 6.03 15.77 4.95
C GLY A 127 7.01 15.77 6.10
N GLY A 128 8.16 16.41 5.91
CA GLY A 128 9.16 16.46 6.96
C GLY A 128 10.03 15.21 6.99
N LEU A 129 9.82 14.34 6.01
CA LEU A 129 10.49 13.05 5.97
C LEU A 129 11.98 13.19 5.71
N PRO A 130 12.80 12.54 6.55
CA PRO A 130 14.26 12.46 6.33
C PRO A 130 14.58 11.80 5.00
N ASN A 131 15.58 12.33 4.31
CA ASN A 131 15.89 11.93 2.94
C ASN A 131 16.30 10.46 2.83
N TYR A 132 16.69 9.86 3.95
CA TYR A 132 17.16 8.49 3.94
C TYR A 132 16.07 7.49 4.34
N LEU A 133 14.84 7.95 4.47
CA LEU A 133 13.71 7.06 4.75
C LEU A 133 12.76 7.02 3.56
N ASN A 134 12.53 5.83 3.04
CA ASN A 134 11.66 5.66 1.88
C ASN A 134 10.31 5.13 2.30
N ASP A 135 9.50 4.77 1.31
CA ASP A 135 8.15 4.27 1.55
C ASP A 135 8.13 3.17 2.62
N ASP A 136 9.06 2.23 2.53
CA ASP A 136 9.11 1.13 3.48
C ASP A 136 9.41 1.63 4.89
N GLN A 137 10.43 2.47 5.01
CA GLN A 137 10.87 2.96 6.31
C GLN A 137 9.83 3.85 6.96
N VAL A 138 9.20 4.71 6.17
CA VAL A 138 8.23 5.66 6.68
C VAL A 138 6.91 4.96 6.99
N LYS A 139 6.64 3.93 6.20
CA LYS A 139 5.44 3.13 6.35
C LYS A 139 5.30 2.58 7.76
N GLU A 140 6.43 2.22 8.35
CA GLU A 140 6.45 1.64 9.70
C GLU A 140 5.93 2.61 10.74
N LEU A 141 6.05 3.90 10.49
CA LEU A 141 5.50 4.91 11.40
C LEU A 141 4.01 5.03 11.18
N LEU A 142 3.60 4.96 9.92
CA LEU A 142 2.20 5.11 9.54
C LEU A 142 1.38 3.90 9.95
N THR A 143 1.94 2.72 9.72
CA THR A 143 1.26 1.46 10.02
C THR A 143 1.06 1.26 11.51
N SER A 144 1.71 2.09 12.32
CA SER A 144 1.62 1.99 13.77
C SER A 144 0.18 2.14 14.25
N PHE A 145 -0.62 2.90 13.50
CA PHE A 145 -2.01 3.09 13.84
C PHE A 145 -2.91 2.25 12.95
N GLY A 146 -2.58 2.16 11.67
CA GLY A 146 -3.36 1.37 10.75
C GLY A 146 -2.61 1.08 9.47
N PRO A 147 -3.04 0.05 8.72
CA PRO A 147 -2.43 -0.31 7.44
C PRO A 147 -2.76 0.71 6.35
N LEU A 148 -2.07 0.59 5.23
CA LEU A 148 -2.23 1.54 4.13
C LEU A 148 -2.75 0.87 2.88
N LYS A 149 -3.74 1.50 2.27
CA LYS A 149 -4.29 1.09 0.99
C LYS A 149 -3.27 1.37 -0.09
N ALA A 150 -2.72 2.57 -0.02
CA ALA A 150 -1.80 3.06 -1.02
C ALA A 150 -0.84 4.04 -0.37
N PHE A 151 0.44 3.89 -0.67
CA PHE A 151 1.46 4.76 -0.12
C PHE A 151 2.47 5.11 -1.20
N ASN A 152 2.41 6.33 -1.68
CA ASN A 152 3.31 6.80 -2.70
C ASN A 152 4.38 7.70 -2.10
N LEU A 153 5.60 7.15 -1.99
CA LEU A 153 6.75 7.91 -1.55
C LEU A 153 7.40 8.54 -2.76
N VAL A 154 7.70 9.81 -2.66
CA VAL A 154 8.36 10.49 -3.75
C VAL A 154 9.85 10.58 -3.53
N LYS A 155 10.62 10.00 -4.42
CA LYS A 155 12.07 9.98 -4.31
C LYS A 155 12.69 10.77 -5.44
N ASP A 156 13.98 11.05 -5.30
CA ASP A 156 14.74 11.70 -6.36
C ASP A 156 15.45 10.63 -7.16
N SER A 157 15.14 10.52 -8.43
CA SER A 157 15.70 9.47 -9.27
C SER A 157 17.18 9.75 -9.55
N ALA A 158 17.64 10.94 -9.20
CA ALA A 158 19.03 11.31 -9.42
C ALA A 158 19.89 10.98 -8.22
N THR A 159 19.45 11.40 -7.03
CA THR A 159 20.21 11.13 -5.82
C THR A 159 19.91 9.74 -5.29
N GLY A 160 18.73 9.24 -5.60
CA GLY A 160 18.32 7.94 -5.10
C GLY A 160 17.74 8.02 -3.71
N LEU A 161 17.53 9.24 -3.25
CA LEU A 161 17.04 9.49 -1.90
C LEU A 161 15.60 9.96 -1.94
N SER A 162 14.98 10.04 -0.79
CA SER A 162 13.60 10.48 -0.70
C SER A 162 13.52 12.00 -0.69
N LYS A 163 12.54 12.53 -1.42
CA LYS A 163 12.30 13.97 -1.46
C LYS A 163 11.91 14.47 -0.08
N GLY A 164 11.24 13.60 0.67
CA GLY A 164 10.81 13.95 2.00
C GLY A 164 9.32 14.22 2.07
N TYR A 165 8.55 13.60 1.17
CA TYR A 165 7.12 13.80 1.17
C TYR A 165 6.44 12.63 0.49
N ALA A 166 5.29 12.22 1.03
CA ALA A 166 4.58 11.07 0.52
C ALA A 166 3.08 11.22 0.73
N PHE A 167 2.32 10.33 0.11
CA PHE A 167 0.87 10.31 0.25
C PHE A 167 0.38 8.90 0.59
N CYS A 168 -0.44 8.77 1.62
CA CYS A 168 -0.95 7.46 2.01
C CYS A 168 -2.47 7.48 2.18
N GLU A 169 -3.03 6.31 2.44
CA GLU A 169 -4.46 6.16 2.70
C GLU A 169 -4.64 4.94 3.61
N TYR A 170 -5.39 5.10 4.71
CA TYR A 170 -5.47 4.07 5.74
C TYR A 170 -6.59 3.06 5.50
N VAL A 171 -7.31 3.26 4.41
CA VAL A 171 -8.45 2.40 4.06
C VAL A 171 -9.64 2.73 4.96
N ASP A 172 -9.45 2.49 6.25
CA ASP A 172 -10.46 2.75 7.26
C ASP A 172 -10.55 4.25 7.54
N ILE A 173 -11.77 4.75 7.62
CA ILE A 173 -11.99 6.20 7.77
C ILE A 173 -11.87 6.67 9.21
N ASN A 174 -12.00 5.74 10.15
CA ASN A 174 -11.97 6.08 11.57
C ASN A 174 -10.53 6.25 12.03
N VAL A 175 -9.70 5.32 11.63
CA VAL A 175 -8.29 5.34 12.01
C VAL A 175 -7.56 6.54 11.41
N THR A 176 -8.16 7.13 10.38
CA THR A 176 -7.58 8.30 9.73
C THR A 176 -7.27 9.41 10.72
N ASP A 177 -8.24 9.75 11.56
CA ASP A 177 -8.07 10.82 12.54
C ASP A 177 -7.20 10.35 13.70
N GLN A 178 -7.36 9.08 14.05
CA GLN A 178 -6.62 8.51 15.17
C GLN A 178 -5.13 8.42 14.87
N ALA A 179 -4.80 8.24 13.60
CA ALA A 179 -3.42 8.15 13.16
C ALA A 179 -2.76 9.51 13.15
N ILE A 180 -3.37 10.47 12.44
CA ILE A 180 -2.81 11.81 12.32
C ILE A 180 -2.71 12.47 13.69
N ALA A 181 -3.50 11.98 14.63
CA ALA A 181 -3.46 12.46 16.00
C ALA A 181 -2.06 12.29 16.60
N GLY A 182 -1.43 11.16 16.28
CA GLY A 182 -0.10 10.89 16.79
C GLY A 182 0.99 11.19 15.78
N LEU A 183 0.67 11.04 14.50
CA LEU A 183 1.65 11.20 13.43
C LEU A 183 1.98 12.67 13.19
N ASN A 184 0.98 13.54 13.28
CA ASN A 184 1.18 14.96 13.02
C ASN A 184 2.10 15.58 14.06
N GLY A 185 3.30 15.93 13.63
CA GLY A 185 4.26 16.54 14.54
C GLY A 185 5.21 15.52 15.13
N MET A 186 5.19 14.32 14.57
CA MET A 186 6.10 13.26 15.02
C MET A 186 7.54 13.67 14.82
N GLN A 187 8.28 13.77 15.91
CA GLN A 187 9.67 14.15 15.88
C GLN A 187 10.51 12.93 15.53
N LEU A 188 10.81 12.77 14.26
CA LEU A 188 11.60 11.64 13.80
C LEU A 188 12.95 12.15 13.28
N GLY A 189 14.02 11.69 13.89
CA GLY A 189 15.34 12.18 13.56
C GLY A 189 15.56 13.56 14.15
N ASP A 190 15.72 14.56 13.30
CA ASP A 190 15.90 15.93 13.76
C ASP A 190 14.73 16.80 13.32
N LYS A 191 13.82 16.21 12.55
CA LYS A 191 12.70 16.94 11.99
C LYS A 191 11.38 16.47 12.62
N LYS A 192 10.38 17.32 12.59
CA LYS A 192 9.03 16.93 12.95
C LYS A 192 8.21 16.76 11.68
N LEU A 193 7.61 15.60 11.53
CA LEU A 193 6.89 15.27 10.31
C LEU A 193 5.55 15.97 10.26
N LEU A 194 5.19 16.41 9.06
CA LEU A 194 3.88 17.00 8.83
C LEU A 194 2.93 15.94 8.31
N VAL A 195 1.85 15.72 9.02
CA VAL A 195 0.87 14.73 8.61
C VAL A 195 -0.52 15.32 8.63
N GLN A 196 -1.08 15.49 7.45
CA GLN A 196 -2.37 16.10 7.30
C GLN A 196 -3.05 15.56 6.05
N ARG A 197 -4.38 15.49 6.06
CA ARG A 197 -5.10 15.04 4.87
C ARG A 197 -4.89 16.01 3.73
N ALA A 198 -4.50 15.47 2.58
CA ALA A 198 -4.24 16.29 1.39
C ALA A 198 -5.54 16.87 0.85
N SER A 199 -6.64 16.42 1.41
CA SER A 199 -7.97 16.86 1.02
C SER A 199 -8.19 18.33 1.40
N VAL A 200 -7.31 18.86 2.25
CA VAL A 200 -7.40 20.25 2.68
C VAL A 200 -6.83 21.20 1.63
N GLY A 201 -6.24 20.63 0.58
CA GLY A 201 -5.64 21.43 -0.46
C GLY A 201 -6.62 21.79 -1.54
N ALA A 202 -6.14 22.51 -2.54
CA ALA A 202 -6.98 22.95 -3.64
C ALA A 202 -7.06 21.88 -4.71
N LYS A 203 -8.00 22.06 -5.64
CA LYS A 203 -8.23 21.12 -6.75
C LYS A 203 -8.87 19.81 -6.27
N ASN A 204 -8.48 19.36 -5.08
CA ASN A 204 -9.09 18.20 -4.46
C ASN A 204 -10.53 18.49 -4.08
N ALA A 205 -10.71 19.51 -3.24
CA ALA A 205 -12.03 19.88 -2.76
C ALA A 205 -12.25 21.37 -2.94
N ALA A 1 1.11 -35.18 9.14
CA ALA A 1 0.94 -34.06 10.10
C ALA A 1 0.61 -32.78 9.35
N MET A 2 0.46 -31.68 10.10
CA MET A 2 0.14 -30.37 9.56
C MET A 2 -1.29 -30.33 9.01
N VAL A 3 -2.07 -29.36 9.50
CA VAL A 3 -3.46 -29.17 9.11
C VAL A 3 -4.35 -30.30 9.62
N GLY A 4 -4.25 -31.46 8.99
CA GLY A 4 -5.06 -32.60 9.39
C GLY A 4 -4.41 -33.43 10.47
N SER A 5 -4.23 -32.82 11.64
CA SER A 5 -3.63 -33.51 12.77
C SER A 5 -4.08 -32.88 14.08
N GLN A 6 -4.89 -33.62 14.83
CA GLN A 6 -5.44 -33.12 16.09
C GLN A 6 -4.42 -33.11 17.23
N MET A 7 -3.18 -33.45 16.91
CA MET A 7 -2.09 -33.44 17.90
C MET A 7 -1.87 -32.03 18.43
N THR A 8 -2.13 -31.04 17.60
CA THR A 8 -1.79 -29.67 17.93
C THR A 8 -3.03 -28.76 17.95
N ARG A 9 -4.21 -29.35 18.13
CA ARG A 9 -5.44 -28.56 18.09
C ARG A 9 -5.56 -27.68 19.33
N GLN A 10 -4.91 -28.07 20.42
CA GLN A 10 -4.87 -27.26 21.62
C GLN A 10 -3.83 -26.15 21.46
N ALA A 11 -2.77 -26.44 20.73
CA ALA A 11 -1.71 -25.47 20.49
C ALA A 11 -2.19 -24.39 19.53
N ARG A 12 -3.07 -24.77 18.62
CA ARG A 12 -3.66 -23.80 17.69
C ARG A 12 -4.69 -22.93 18.40
N ARG A 13 -5.08 -23.33 19.59
CA ARG A 13 -6.15 -22.66 20.31
C ARG A 13 -5.60 -21.92 21.52
N LEU A 14 -6.08 -20.71 21.73
CA LEU A 14 -5.63 -19.89 22.84
C LEU A 14 -6.80 -19.50 23.73
N TYR A 15 -6.49 -19.25 24.99
CA TYR A 15 -7.49 -18.94 26.01
C TYR A 15 -7.82 -17.45 25.98
N VAL A 16 -9.07 -17.11 25.76
CA VAL A 16 -9.48 -15.72 25.66
C VAL A 16 -10.29 -15.29 26.87
N GLY A 17 -9.87 -14.21 27.48
CA GLY A 17 -10.59 -13.64 28.59
C GLY A 17 -10.86 -12.17 28.38
N ASN A 18 -11.48 -11.54 29.37
CA ASN A 18 -11.86 -10.12 29.32
C ASN A 18 -12.94 -9.91 28.26
N ILE A 19 -13.73 -10.95 28.04
CA ILE A 19 -14.77 -10.93 27.04
C ILE A 19 -16.13 -10.73 27.70
N PRO A 20 -17.06 -10.10 26.99
CA PRO A 20 -18.43 -9.93 27.45
C PRO A 20 -19.24 -11.21 27.30
N PHE A 21 -19.94 -11.60 28.36
CA PHE A 21 -20.73 -12.81 28.34
C PHE A 21 -21.87 -12.68 27.34
N GLY A 22 -21.93 -13.60 26.39
CA GLY A 22 -22.93 -13.52 25.34
C GLY A 22 -22.32 -13.18 24.00
N ILE A 23 -21.01 -12.91 24.00
CA ILE A 23 -20.28 -12.59 22.78
C ILE A 23 -20.41 -13.71 21.75
N THR A 24 -20.46 -13.34 20.49
CA THR A 24 -20.70 -14.30 19.43
C THR A 24 -19.39 -14.68 18.73
N GLU A 25 -19.32 -15.91 18.24
CA GLU A 25 -18.14 -16.39 17.52
C GLU A 25 -17.71 -15.39 16.46
N GLU A 26 -18.64 -15.02 15.57
CA GLU A 26 -18.36 -14.11 14.47
C GLU A 26 -17.76 -12.79 14.94
N ALA A 27 -18.24 -12.29 16.07
CA ALA A 27 -17.77 -11.02 16.62
C ALA A 27 -16.29 -11.09 16.93
N MET A 28 -15.94 -12.05 17.77
CA MET A 28 -14.57 -12.25 18.21
C MET A 28 -13.70 -12.64 17.02
N MET A 29 -14.27 -13.43 16.12
CA MET A 29 -13.58 -13.89 14.93
C MET A 29 -13.19 -12.72 14.05
N ASP A 30 -14.18 -11.91 13.67
CA ASP A 30 -13.98 -10.78 12.79
C ASP A 30 -13.01 -9.76 13.40
N PHE A 31 -13.11 -9.59 14.71
CA PHE A 31 -12.23 -8.66 15.40
C PHE A 31 -10.77 -9.09 15.29
N PHE A 32 -10.48 -10.32 15.69
CA PHE A 32 -9.11 -10.84 15.61
C PHE A 32 -8.62 -10.85 14.16
N ASN A 33 -9.54 -11.11 13.24
CA ASN A 33 -9.23 -11.05 11.81
C ASN A 33 -8.75 -9.66 11.43
N ALA A 34 -9.47 -8.65 11.89
CA ALA A 34 -9.10 -7.27 11.65
C ALA A 34 -7.80 -6.94 12.35
N GLN A 35 -7.66 -7.39 13.60
CA GLN A 35 -6.46 -7.14 14.39
C GLN A 35 -5.20 -7.64 13.66
N MET A 36 -5.26 -8.86 13.14
CA MET A 36 -4.13 -9.41 12.37
C MET A 36 -3.76 -8.49 11.22
N ARG A 37 -4.76 -8.00 10.51
CA ARG A 37 -4.53 -7.13 9.37
C ARG A 37 -4.01 -5.77 9.82
N LEU A 38 -4.46 -5.32 10.99
CA LEU A 38 -4.04 -4.04 11.54
C LEU A 38 -2.54 -4.04 11.81
N GLY A 39 -2.01 -5.17 12.22
CA GLY A 39 -0.60 -5.27 12.50
C GLY A 39 0.19 -5.87 11.36
N GLY A 40 -0.52 -6.37 10.35
CA GLY A 40 0.13 -7.05 9.25
C GLY A 40 0.69 -8.39 9.66
N LEU A 41 -0.08 -9.11 10.48
CA LEU A 41 0.37 -10.38 11.03
C LEU A 41 -0.10 -11.55 10.19
N THR A 42 -1.16 -11.34 9.40
CA THR A 42 -1.71 -12.40 8.56
C THR A 42 -0.66 -12.91 7.58
N GLN A 43 -0.17 -14.11 7.83
CA GLN A 43 0.83 -14.70 6.96
C GLN A 43 0.17 -15.51 5.85
N ALA A 44 -1.02 -16.02 6.14
CA ALA A 44 -1.78 -16.77 5.15
C ALA A 44 -2.97 -15.95 4.68
N PRO A 45 -3.41 -16.13 3.42
CA PRO A 45 -4.59 -15.46 2.90
C PRO A 45 -5.87 -16.04 3.48
N GLY A 46 -6.83 -15.17 3.79
CA GLY A 46 -8.06 -15.61 4.40
C GLY A 46 -8.12 -15.28 5.87
N ASN A 47 -8.97 -15.98 6.60
CA ASN A 47 -9.13 -15.73 8.04
C ASN A 47 -8.10 -16.52 8.84
N PRO A 48 -7.19 -15.80 9.54
CA PRO A 48 -6.16 -16.42 10.39
C PRO A 48 -6.74 -17.40 11.38
N VAL A 49 -7.82 -16.97 12.03
CA VAL A 49 -8.50 -17.78 13.00
C VAL A 49 -9.41 -18.78 12.30
N LEU A 50 -9.40 -20.01 12.78
CA LEU A 50 -10.09 -21.11 12.13
C LEU A 50 -11.50 -21.29 12.71
N ALA A 51 -11.57 -21.38 14.04
CA ALA A 51 -12.85 -21.60 14.71
C ALA A 51 -12.85 -20.94 16.08
N VAL A 52 -13.99 -20.37 16.45
CA VAL A 52 -14.14 -19.73 17.75
C VAL A 52 -15.06 -20.54 18.64
N GLN A 53 -14.64 -20.80 19.86
CA GLN A 53 -15.44 -21.56 20.80
C GLN A 53 -15.79 -20.72 22.03
N ILE A 54 -17.07 -20.64 22.34
CA ILE A 54 -17.51 -19.88 23.51
C ILE A 54 -18.15 -20.81 24.53
N ASN A 55 -17.56 -20.84 25.72
CA ASN A 55 -18.07 -21.67 26.79
C ASN A 55 -19.16 -20.97 27.57
N GLN A 56 -20.15 -21.74 27.99
CA GLN A 56 -21.16 -21.26 28.92
C GLN A 56 -20.91 -21.89 30.28
N ASP A 57 -19.83 -22.66 30.36
CA ASP A 57 -19.35 -23.25 31.60
C ASP A 57 -18.62 -22.19 32.40
N LYS A 58 -17.76 -21.48 31.68
CA LYS A 58 -16.97 -20.40 32.25
C LYS A 58 -17.16 -19.16 31.39
N ASN A 59 -16.96 -17.99 31.98
CA ASN A 59 -17.16 -16.73 31.27
C ASN A 59 -15.95 -16.39 30.42
N PHE A 60 -15.53 -17.34 29.59
CA PHE A 60 -14.34 -17.21 28.78
C PHE A 60 -14.54 -17.90 27.43
N ALA A 61 -13.60 -17.71 26.52
CA ALA A 61 -13.71 -18.30 25.19
C ALA A 61 -12.38 -18.87 24.73
N PHE A 62 -12.43 -19.65 23.66
CA PHE A 62 -11.23 -20.24 23.07
C PHE A 62 -11.18 -19.95 21.58
N LEU A 63 -10.04 -19.45 21.12
CA LEU A 63 -9.86 -19.14 19.71
C LEU A 63 -8.89 -20.10 19.07
N GLU A 64 -9.37 -20.85 18.10
CA GLU A 64 -8.53 -21.84 17.42
C GLU A 64 -8.13 -21.32 16.05
N PHE A 65 -6.84 -21.38 15.77
CA PHE A 65 -6.30 -20.87 14.53
C PHE A 65 -5.93 -22.02 13.58
N ARG A 66 -5.84 -21.68 12.31
CA ARG A 66 -5.52 -22.66 11.26
C ARG A 66 -4.02 -22.97 11.28
N SER A 67 -3.25 -22.07 11.86
CA SER A 67 -1.81 -22.21 11.94
C SER A 67 -1.34 -21.83 13.32
N VAL A 68 -0.43 -22.61 13.89
CA VAL A 68 0.08 -22.35 15.23
C VAL A 68 0.88 -21.05 15.24
N ASP A 69 1.48 -20.72 14.10
CA ASP A 69 2.21 -19.48 13.94
C ASP A 69 1.27 -18.28 13.98
N GLU A 70 0.07 -18.46 13.46
CA GLU A 70 -0.94 -17.41 13.51
C GLU A 70 -1.57 -17.36 14.90
N THR A 71 -1.46 -18.46 15.63
CA THR A 71 -1.92 -18.52 17.01
C THR A 71 -1.00 -17.73 17.94
N THR A 72 0.31 -17.95 17.80
CA THR A 72 1.29 -17.34 18.70
C THR A 72 1.27 -15.81 18.60
N GLN A 73 1.04 -15.29 17.41
CA GLN A 73 1.02 -13.85 17.18
C GLN A 73 -0.24 -13.23 17.74
N ALA A 74 -1.30 -14.02 17.86
CA ALA A 74 -2.55 -13.55 18.44
C ALA A 74 -2.36 -13.30 19.92
N MET A 75 -1.53 -14.13 20.54
CA MET A 75 -1.27 -14.04 21.97
C MET A 75 -0.49 -12.77 22.30
N ALA A 76 0.08 -12.15 21.27
CA ALA A 76 0.82 -10.90 21.46
C ALA A 76 -0.12 -9.79 21.91
N PHE A 77 -1.40 -9.94 21.59
CA PHE A 77 -2.42 -8.95 21.97
C PHE A 77 -2.84 -9.09 23.44
N ASP A 78 -2.17 -9.96 24.20
CA ASP A 78 -2.53 -10.14 25.60
C ASP A 78 -2.29 -8.87 26.40
N GLY A 79 -3.37 -8.20 26.76
CA GLY A 79 -3.29 -7.01 27.59
C GLY A 79 -3.38 -5.72 26.78
N ILE A 80 -3.78 -5.82 25.53
CA ILE A 80 -3.85 -4.65 24.65
C ILE A 80 -5.30 -4.18 24.49
N ILE A 81 -5.45 -2.89 24.18
CA ILE A 81 -6.76 -2.30 23.92
C ILE A 81 -6.93 -2.05 22.43
N PHE A 82 -7.69 -2.90 21.78
CA PHE A 82 -7.99 -2.72 20.37
C PHE A 82 -9.42 -2.27 20.18
N GLN A 83 -9.60 -1.08 19.63
CA GLN A 83 -10.91 -0.57 19.25
C GLN A 83 -11.88 -0.56 20.45
N GLY A 84 -11.31 -0.33 21.63
CA GLY A 84 -12.12 -0.17 22.82
C GLY A 84 -12.24 -1.44 23.65
N GLN A 85 -11.84 -2.57 23.09
CA GLN A 85 -11.92 -3.83 23.82
C GLN A 85 -10.54 -4.27 24.26
N SER A 86 -10.47 -4.90 25.42
CA SER A 86 -9.19 -5.39 25.93
C SER A 86 -9.13 -6.89 25.72
N LEU A 87 -8.04 -7.35 25.13
CA LEU A 87 -7.87 -8.76 24.85
C LEU A 87 -6.94 -9.39 25.88
N LYS A 88 -7.44 -10.39 26.60
CA LYS A 88 -6.63 -11.14 27.53
C LYS A 88 -6.48 -12.56 27.05
N ILE A 89 -5.26 -12.99 26.87
CA ILE A 89 -5.00 -14.27 26.23
C ILE A 89 -4.01 -15.09 27.05
N ARG A 90 -4.47 -16.26 27.50
CA ARG A 90 -3.64 -17.14 28.29
C ARG A 90 -3.20 -18.34 27.45
N ARG A 91 -2.06 -18.94 27.82
CA ARG A 91 -1.51 -20.06 27.08
C ARG A 91 -1.79 -21.38 27.80
N PRO A 92 -2.84 -22.12 27.37
CA PRO A 92 -3.11 -23.46 27.89
C PRO A 92 -2.00 -24.43 27.49
N HIS A 93 -1.38 -25.05 28.47
CA HIS A 93 -0.27 -25.95 28.21
C HIS A 93 -0.65 -27.38 28.59
N ASP A 94 -1.70 -27.88 27.97
CA ASP A 94 -2.13 -29.27 28.18
C ASP A 94 -1.51 -30.15 27.10
N TYR A 95 -0.30 -29.77 26.69
CA TYR A 95 0.42 -30.45 25.63
C TYR A 95 1.90 -30.10 25.74
N GLN A 96 2.72 -30.78 24.96
CA GLN A 96 4.14 -30.46 24.94
C GLN A 96 4.55 -30.01 23.54
N PRO A 97 4.86 -28.71 23.39
CA PRO A 97 5.26 -28.13 22.10
C PRO A 97 6.58 -28.70 21.60
N LEU A 98 6.74 -28.75 20.29
CA LEU A 98 7.96 -29.26 19.68
C LEU A 98 8.89 -28.10 19.35
N PRO A 99 10.16 -28.21 19.74
CA PRO A 99 11.16 -27.18 19.45
C PRO A 99 11.58 -27.19 17.98
N GLY A 100 10.67 -26.74 17.13
CA GLY A 100 10.94 -26.71 15.71
C GLY A 100 11.80 -25.52 15.31
N MET A 101 11.86 -24.53 16.21
CA MET A 101 12.64 -23.31 16.00
C MET A 101 12.00 -22.44 14.90
N SER A 102 12.18 -22.86 13.65
CA SER A 102 11.63 -22.12 12.53
C SER A 102 10.83 -23.07 11.62
N GLU A 103 9.51 -22.94 11.69
CA GLU A 103 8.64 -23.75 10.86
C GLU A 103 8.19 -22.98 9.64
N ASN A 104 8.51 -21.69 9.61
CA ASN A 104 8.19 -20.84 8.48
C ASN A 104 9.28 -19.79 8.28
N PRO A 105 10.05 -19.95 7.20
CA PRO A 105 11.16 -19.07 6.87
C PRO A 105 10.70 -17.68 6.41
N SER A 106 9.79 -17.67 5.44
CA SER A 106 9.27 -16.42 4.90
C SER A 106 8.12 -16.72 3.94
N VAL A 107 7.04 -15.98 4.08
CA VAL A 107 5.90 -16.09 3.18
C VAL A 107 5.46 -14.71 2.72
N TYR A 108 4.71 -14.67 1.63
CA TYR A 108 4.17 -13.42 1.13
C TYR A 108 2.99 -13.01 1.98
N VAL A 109 3.22 -12.04 2.84
CA VAL A 109 2.21 -11.58 3.78
C VAL A 109 1.17 -10.70 3.06
N PRO A 110 -0.10 -11.13 3.08
CA PRO A 110 -1.21 -10.33 2.54
C PRO A 110 -1.45 -9.08 3.37
N GLY A 111 -1.78 -7.99 2.70
CA GLY A 111 -1.89 -6.71 3.37
C GLY A 111 -0.82 -5.76 2.91
N VAL A 112 -0.12 -6.16 1.84
CA VAL A 112 0.94 -5.34 1.25
C VAL A 112 0.38 -3.98 0.81
N VAL A 113 1.13 -2.94 1.10
CA VAL A 113 0.72 -1.59 0.77
C VAL A 113 1.07 -1.26 -0.67
N SER A 114 0.05 -0.91 -1.45
CA SER A 114 0.24 -0.52 -2.85
C SER A 114 0.96 0.82 -2.94
N THR A 115 1.78 1.00 -3.96
CA THR A 115 2.52 2.24 -4.13
C THR A 115 1.79 3.18 -5.08
N VAL A 116 0.51 2.94 -5.27
CA VAL A 116 -0.32 3.80 -6.12
C VAL A 116 -1.49 4.33 -5.32
N VAL A 117 -1.41 5.60 -4.94
CA VAL A 117 -2.45 6.22 -4.12
C VAL A 117 -3.48 6.92 -4.99
N PRO A 118 -4.71 6.38 -5.04
CA PRO A 118 -5.83 7.02 -5.72
C PRO A 118 -6.18 8.35 -5.05
N ASP A 119 -6.77 9.26 -5.81
CA ASP A 119 -7.09 10.57 -5.28
C ASP A 119 -8.36 10.52 -4.46
N SER A 120 -8.19 10.01 -3.26
CA SER A 120 -9.23 9.96 -2.27
C SER A 120 -9.19 11.21 -1.41
N ALA A 121 -10.30 11.54 -0.79
CA ALA A 121 -10.36 12.71 0.08
C ALA A 121 -9.77 12.40 1.45
N HIS A 122 -9.67 11.11 1.75
CA HIS A 122 -9.06 10.64 2.98
C HIS A 122 -7.57 10.40 2.82
N LYS A 123 -7.05 10.65 1.62
CA LYS A 123 -5.63 10.43 1.37
C LYS A 123 -4.84 11.51 2.09
N LEU A 124 -3.74 11.11 2.69
CA LEU A 124 -3.00 11.96 3.58
C LEU A 124 -1.65 12.32 2.98
N PHE A 125 -1.18 13.49 3.33
CA PHE A 125 0.13 13.95 2.91
C PHE A 125 1.08 13.92 4.10
N ILE A 126 2.23 13.32 3.91
CA ILE A 126 3.26 13.29 4.94
C ILE A 126 4.50 14.03 4.46
N GLY A 127 4.82 15.14 5.12
CA GLY A 127 6.02 15.88 4.79
C GLY A 127 7.00 15.90 5.95
N GLY A 128 8.16 16.47 5.74
CA GLY A 128 9.15 16.57 6.80
C GLY A 128 10.06 15.36 6.86
N LEU A 129 9.80 14.40 5.97
CA LEU A 129 10.50 13.12 6.00
C LEU A 129 11.99 13.26 5.72
N PRO A 130 12.82 12.70 6.60
CA PRO A 130 14.28 12.66 6.41
C PRO A 130 14.66 11.84 5.18
N ASN A 131 15.76 12.23 4.55
CA ASN A 131 16.22 11.63 3.30
C ASN A 131 16.60 10.16 3.48
N TYR A 132 16.83 9.76 4.72
CA TYR A 132 17.21 8.38 5.00
C TYR A 132 16.01 7.50 5.31
N LEU A 133 14.81 8.06 5.27
CA LEU A 133 13.60 7.27 5.43
C LEU A 133 12.83 7.24 4.11
N ASN A 134 12.64 6.06 3.58
CA ASN A 134 11.93 5.89 2.32
C ASN A 134 10.55 5.35 2.59
N ASP A 135 9.79 5.12 1.52
CA ASP A 135 8.47 4.52 1.59
C ASP A 135 8.39 3.38 2.63
N ASP A 136 9.34 2.45 2.58
CA ASP A 136 9.30 1.29 3.49
C ASP A 136 9.47 1.71 4.95
N GLN A 137 10.44 2.58 5.21
CA GLN A 137 10.70 3.04 6.57
C GLN A 137 9.51 3.82 7.11
N VAL A 138 9.04 4.76 6.31
CA VAL A 138 7.95 5.64 6.71
C VAL A 138 6.65 4.84 6.91
N LYS A 139 6.46 3.78 6.13
CA LYS A 139 5.29 2.92 6.30
C LYS A 139 5.18 2.43 7.73
N GLU A 140 6.31 1.97 8.28
CA GLU A 140 6.34 1.40 9.62
C GLU A 140 5.78 2.39 10.64
N LEU A 141 6.18 3.65 10.53
CA LEU A 141 5.72 4.69 11.45
C LEU A 141 4.22 4.90 11.30
N LEU A 142 3.75 4.96 10.06
CA LEU A 142 2.35 5.20 9.77
C LEU A 142 1.48 4.01 10.19
N THR A 143 1.95 2.80 9.87
CA THR A 143 1.19 1.57 10.11
C THR A 143 0.93 1.33 11.61
N SER A 144 1.61 2.08 12.45
CA SER A 144 1.46 1.95 13.90
C SER A 144 0.01 2.12 14.34
N PHE A 145 -0.73 3.00 13.65
CA PHE A 145 -2.13 3.20 13.98
C PHE A 145 -3.02 2.25 13.16
N GLY A 146 -2.68 2.11 11.89
CA GLY A 146 -3.41 1.20 11.04
C GLY A 146 -2.66 0.95 9.76
N PRO A 147 -3.07 -0.05 8.98
CA PRO A 147 -2.44 -0.38 7.72
C PRO A 147 -2.85 0.57 6.60
N LEU A 148 -2.00 0.67 5.60
CA LEU A 148 -2.25 1.53 4.47
C LEU A 148 -2.62 0.69 3.26
N LYS A 149 -3.67 1.10 2.56
CA LYS A 149 -4.05 0.44 1.34
C LYS A 149 -3.11 0.88 0.21
N ALA A 150 -2.65 2.10 0.32
CA ALA A 150 -1.76 2.69 -0.67
C ALA A 150 -0.86 3.73 -0.04
N PHE A 151 0.44 3.57 -0.25
CA PHE A 151 1.43 4.51 0.21
C PHE A 151 2.47 4.73 -0.87
N ASN A 152 2.53 5.92 -1.39
CA ASN A 152 3.50 6.26 -2.40
C ASN A 152 4.37 7.41 -1.94
N LEU A 153 5.63 7.11 -1.60
CA LEU A 153 6.57 8.14 -1.27
C LEU A 153 7.24 8.63 -2.55
N VAL A 154 7.14 9.93 -2.78
CA VAL A 154 7.67 10.52 -4.00
C VAL A 154 9.18 10.65 -3.91
N LYS A 155 9.87 9.86 -4.72
CA LYS A 155 11.32 9.89 -4.77
C LYS A 155 11.78 10.70 -5.97
N ASP A 156 13.05 11.07 -5.98
CA ASP A 156 13.60 11.83 -7.09
C ASP A 156 14.33 10.89 -8.04
N SER A 157 14.08 11.05 -9.33
CA SER A 157 14.68 10.18 -10.33
C SER A 157 16.13 10.56 -10.61
N ALA A 158 16.52 11.76 -10.18
CA ALA A 158 17.88 12.23 -10.41
C ALA A 158 18.80 11.82 -9.28
N THR A 159 18.33 11.99 -8.06
CA THR A 159 19.13 11.66 -6.89
C THR A 159 18.93 10.20 -6.48
N GLY A 160 17.77 9.66 -6.83
CA GLY A 160 17.44 8.30 -6.43
C GLY A 160 17.04 8.23 -4.97
N LEU A 161 16.79 9.41 -4.40
CA LEU A 161 16.55 9.52 -2.98
C LEU A 161 15.12 9.97 -2.69
N SER A 162 14.70 9.77 -1.45
CA SER A 162 13.40 10.21 -0.99
C SER A 162 13.39 11.73 -0.85
N LYS A 163 12.45 12.38 -1.53
CA LYS A 163 12.33 13.84 -1.48
C LYS A 163 11.97 14.30 -0.07
N GLY A 164 11.26 13.45 0.65
CA GLY A 164 10.88 13.76 2.00
C GLY A 164 9.39 14.06 2.15
N TYR A 165 8.59 13.52 1.23
CA TYR A 165 7.15 13.69 1.30
C TYR A 165 6.45 12.55 0.58
N ALA A 166 5.30 12.15 1.12
CA ALA A 166 4.59 11.00 0.59
C ALA A 166 3.08 11.16 0.77
N PHE A 167 2.33 10.26 0.15
CA PHE A 167 0.88 10.23 0.28
C PHE A 167 0.43 8.84 0.72
N CYS A 168 -0.42 8.77 1.74
CA CYS A 168 -0.90 7.50 2.24
C CYS A 168 -2.43 7.52 2.35
N GLU A 169 -3.03 6.34 2.37
CA GLU A 169 -4.46 6.21 2.58
C GLU A 169 -4.71 4.98 3.42
N TYR A 170 -5.41 5.15 4.54
CA TYR A 170 -5.64 4.05 5.46
C TYR A 170 -6.78 3.17 5.01
N VAL A 171 -6.79 1.93 5.45
CA VAL A 171 -7.86 1.00 5.08
C VAL A 171 -9.20 1.48 5.64
N ASP A 172 -9.24 1.77 6.93
CA ASP A 172 -10.47 2.22 7.57
C ASP A 172 -10.50 3.74 7.66
N ILE A 173 -11.70 4.30 7.69
CA ILE A 173 -11.88 5.74 7.67
C ILE A 173 -11.78 6.36 9.05
N ASN A 174 -12.01 5.56 10.08
CA ASN A 174 -11.98 6.05 11.44
C ASN A 174 -10.55 6.19 11.95
N VAL A 175 -9.66 5.37 11.41
CA VAL A 175 -8.27 5.41 11.82
C VAL A 175 -7.54 6.58 11.17
N THR A 176 -8.15 7.12 10.12
CA THR A 176 -7.57 8.23 9.38
C THR A 176 -7.27 9.42 10.29
N ASP A 177 -8.28 9.84 11.05
CA ASP A 177 -8.14 11.01 11.93
C ASP A 177 -7.41 10.65 13.22
N GLN A 178 -7.37 9.37 13.55
CA GLN A 178 -6.68 8.90 14.75
C GLN A 178 -5.18 8.88 14.52
N ALA A 179 -4.78 8.53 13.30
CA ALA A 179 -3.38 8.44 12.93
C ALA A 179 -2.78 9.83 12.81
N ILE A 180 -3.41 10.70 12.03
CA ILE A 180 -2.92 12.07 11.85
C ILE A 180 -2.89 12.81 13.18
N ALA A 181 -3.67 12.33 14.15
CA ALA A 181 -3.72 12.93 15.47
C ALA A 181 -2.41 12.73 16.22
N GLY A 182 -1.83 11.53 16.09
CA GLY A 182 -0.60 11.22 16.80
C GLY A 182 0.64 11.34 15.93
N LEU A 183 0.50 10.98 14.66
CA LEU A 183 1.64 10.95 13.75
C LEU A 183 2.11 12.36 13.40
N ASN A 184 1.17 13.30 13.32
CA ASN A 184 1.53 14.67 12.97
C ASN A 184 2.33 15.30 14.09
N GLY A 185 3.52 15.77 13.76
CA GLY A 185 4.39 16.34 14.76
C GLY A 185 5.35 15.31 15.32
N MET A 186 5.39 14.14 14.69
CA MET A 186 6.31 13.09 15.08
C MET A 186 7.76 13.57 14.97
N GLN A 187 8.43 13.62 16.10
CA GLN A 187 9.80 14.08 16.14
C GLN A 187 10.74 12.94 15.73
N LEU A 188 10.92 12.80 14.43
CA LEU A 188 11.83 11.82 13.88
C LEU A 188 13.11 12.51 13.42
N GLY A 189 14.25 11.99 13.84
CA GLY A 189 15.51 12.62 13.54
C GLY A 189 15.66 13.91 14.31
N ASP A 190 15.77 15.03 13.59
CA ASP A 190 15.86 16.33 14.23
C ASP A 190 14.68 17.22 13.84
N LYS A 191 13.79 16.67 13.02
CA LYS A 191 12.60 17.39 12.60
C LYS A 191 11.34 16.80 13.22
N LYS A 192 10.23 17.48 13.02
CA LYS A 192 8.92 16.96 13.37
C LYS A 192 8.09 16.81 12.10
N LEU A 193 7.68 15.59 11.82
CA LEU A 193 7.07 15.26 10.54
C LEU A 193 5.68 15.86 10.42
N LEU A 194 5.34 16.26 9.21
CA LEU A 194 4.04 16.78 8.88
C LEU A 194 3.14 15.64 8.44
N VAL A 195 2.06 15.43 9.14
CA VAL A 195 1.08 14.44 8.72
C VAL A 195 -0.30 15.06 8.71
N GLN A 196 -0.82 15.26 7.52
CA GLN A 196 -2.04 16.03 7.33
C GLN A 196 -2.84 15.44 6.18
N ARG A 197 -4.13 15.76 6.11
CA ARG A 197 -4.93 15.36 4.97
C ARG A 197 -4.40 16.04 3.72
N ALA A 198 -4.28 15.29 2.62
CA ALA A 198 -3.82 15.86 1.36
C ALA A 198 -4.87 16.79 0.79
N SER A 199 -6.07 16.68 1.33
CA SER A 199 -7.17 17.55 0.96
C SER A 199 -7.17 18.81 1.82
N VAL A 200 -6.28 18.80 2.84
CA VAL A 200 -6.11 19.88 3.83
C VAL A 200 -7.43 20.54 4.25
N GLY A 201 -8.45 19.71 4.41
CA GLY A 201 -9.75 20.19 4.81
C GLY A 201 -10.70 19.04 5.01
N ALA A 202 -11.87 19.31 5.55
CA ALA A 202 -12.85 18.27 5.80
C ALA A 202 -13.86 18.19 4.66
N LYS A 203 -13.95 19.28 3.89
CA LYS A 203 -14.94 19.41 2.81
C LYS A 203 -16.36 19.56 3.39
N ASN A 204 -16.73 18.60 4.22
CA ASN A 204 -18.01 18.62 4.91
C ASN A 204 -17.88 17.84 6.22
N ALA A 205 -17.39 16.62 6.11
CA ALA A 205 -17.21 15.76 7.27
C ALA A 205 -16.09 14.76 7.00
#